data_1J08
#
_entry.id   1J08
#
_cell.length_a   144.950
_cell.length_b   257.330
_cell.length_c   48.470
_cell.angle_alpha   90.00
_cell.angle_beta   90.00
_cell.angle_gamma   90.00
#
_symmetry.space_group_name_H-M   'P 21 21 2'
#
loop_
_entity.id
_entity.type
_entity.pdbx_description
1 polymer 'glutaredoxin-like protein'
2 water water
#
_entity_poly.entity_id   1
_entity_poly.type   'polypeptide(L)'
_entity_poly.pdbx_seq_one_letter_code
;MGLISEEDKRIIKEEFFSKMVNPVKLIVFIGKEHCQYCDQLKQLVQELSELTDKLSYEIVDFDTPEGKELAEKYRIDRAP
ATTITQDGKDFGVRYFGIPAGHEFAAFLEDIVDVSKGDTDLMQDSKEEVSKIDKDVRILIFVTPTCPYCPLAVRMAHKFA
IENTKAGKGKILGDMVEAIEYPEWADQYNVMAVPKIVIQVNGEDKVQFEGAYPEKMFLEKLLSALS
;
_entity_poly.pdbx_strand_id   A,B,C,D,E,F,G,H
#
# COMPACT_ATOMS: atom_id res chain seq x y z
N GLY A 2 -0.12 39.88 16.51
CA GLY A 2 0.07 38.72 17.41
C GLY A 2 0.90 37.65 16.76
N LEU A 3 2.11 37.99 16.32
CA LEU A 3 3.00 37.03 15.68
C LEU A 3 3.51 36.03 16.73
N ILE A 4 3.55 36.50 17.98
CA ILE A 4 4.01 35.69 19.10
C ILE A 4 2.89 35.70 20.13
N SER A 5 2.44 34.51 20.53
CA SER A 5 1.37 34.39 21.52
C SER A 5 1.81 34.89 22.90
N GLU A 6 0.83 35.31 23.70
CA GLU A 6 1.09 35.80 25.05
C GLU A 6 1.86 34.80 25.91
N GLU A 7 1.56 33.52 25.75
CA GLU A 7 2.26 32.50 26.53
C GLU A 7 3.74 32.47 26.15
N ASP A 8 4.02 32.49 24.84
CA ASP A 8 5.39 32.46 24.39
C ASP A 8 6.15 33.69 24.86
N LYS A 9 5.49 34.84 24.85
CA LYS A 9 6.13 36.08 25.32
C LYS A 9 6.62 35.86 26.74
N ARG A 10 5.76 35.30 27.58
CA ARG A 10 6.09 35.01 28.97
C ARG A 10 7.32 34.11 29.04
N ILE A 11 7.31 33.04 28.24
CA ILE A 11 8.41 32.09 28.22
C ILE A 11 9.70 32.74 27.72
N ILE A 12 9.60 33.58 26.70
CA ILE A 12 10.77 34.24 26.18
C ILE A 12 11.36 35.16 27.24
N LYS A 13 10.49 35.85 27.97
CA LYS A 13 10.94 36.76 29.01
C LYS A 13 11.62 36.06 30.18
N GLU A 14 10.99 35.01 30.70
CA GLU A 14 11.57 34.31 31.84
C GLU A 14 12.71 33.36 31.49
N GLU A 15 12.64 32.73 30.32
CA GLU A 15 13.70 31.79 29.91
C GLU A 15 14.87 32.43 29.18
N PHE A 16 14.64 33.58 28.56
CA PHE A 16 15.73 34.22 27.83
C PHE A 16 16.11 35.62 28.29
N PHE A 17 15.25 36.59 28.01
CA PHE A 17 15.54 37.97 28.34
C PHE A 17 15.76 38.33 29.81
N SER A 18 15.46 37.40 30.71
CA SER A 18 15.68 37.66 32.13
C SER A 18 17.16 37.52 32.47
N LYS A 19 17.94 36.97 31.53
CA LYS A 19 19.38 36.78 31.72
C LYS A 19 20.20 37.89 31.07
N MET A 20 19.54 38.78 30.35
CA MET A 20 20.26 39.86 29.68
C MET A 20 20.98 40.78 30.66
N VAL A 21 22.10 41.34 30.24
CA VAL A 21 22.87 42.24 31.07
C VAL A 21 22.97 43.60 30.40
N ASN A 22 23.66 43.65 29.27
CA ASN A 22 23.81 44.91 28.54
C ASN A 22 22.68 45.07 27.52
N PRO A 23 22.26 46.30 27.25
CA PRO A 23 21.17 46.43 26.27
C PRO A 23 21.57 45.96 24.87
N VAL A 24 20.62 45.38 24.16
CA VAL A 24 20.85 44.89 22.82
C VAL A 24 19.96 45.66 21.85
N LYS A 25 20.54 46.01 20.70
CA LYS A 25 19.82 46.73 19.69
C LYS A 25 19.85 45.94 18.40
N LEU A 26 18.68 45.61 17.88
CA LEU A 26 18.56 44.87 16.64
C LEU A 26 18.45 45.87 15.51
N ILE A 27 19.49 45.91 14.67
CA ILE A 27 19.50 46.82 13.54
C ILE A 27 19.15 46.03 12.29
N VAL A 28 17.93 46.24 11.81
CA VAL A 28 17.39 45.53 10.65
C VAL A 28 17.42 46.35 9.38
N PHE A 29 18.11 45.83 8.37
CA PHE A 29 18.19 46.50 7.09
C PHE A 29 17.14 45.90 6.16
N ILE A 30 16.35 46.78 5.55
CA ILE A 30 15.30 46.35 4.65
C ILE A 30 15.34 47.16 3.36
N GLY A 31 15.24 46.46 2.24
CA GLY A 31 15.24 47.11 0.94
C GLY A 31 14.01 46.66 0.19
N LYS A 32 13.98 46.86 -1.12
CA LYS A 32 12.83 46.46 -1.91
C LYS A 32 13.04 45.12 -2.61
N GLU A 33 14.17 44.48 -2.33
CA GLU A 33 14.49 43.19 -2.94
C GLU A 33 14.51 42.07 -1.90
N HIS A 34 14.32 40.84 -2.36
CA HIS A 34 14.33 39.66 -1.50
C HIS A 34 13.56 39.76 -0.19
N CYS A 35 12.58 40.66 -0.09
CA CYS A 35 11.89 40.72 1.19
C CYS A 35 10.40 40.42 1.21
N GLN A 36 10.06 39.20 0.77
CA GLN A 36 8.69 38.72 0.75
C GLN A 36 8.19 38.68 2.20
N TYR A 37 9.09 38.40 3.13
CA TYR A 37 8.73 38.28 4.54
C TYR A 37 9.23 39.44 5.40
N CYS A 38 9.26 40.62 4.81
CA CYS A 38 9.72 41.82 5.51
C CYS A 38 8.77 42.25 6.62
N ASP A 39 7.48 42.19 6.34
CA ASP A 39 6.51 42.59 7.34
C ASP A 39 6.59 41.71 8.58
N GLN A 40 6.84 40.42 8.39
CA GLN A 40 6.96 39.55 9.56
C GLN A 40 8.25 39.89 10.29
N LEU A 41 9.34 40.07 9.56
CA LEU A 41 10.62 40.41 10.18
C LEU A 41 10.46 41.69 11.01
N LYS A 42 9.91 42.73 10.40
CA LYS A 42 9.71 43.98 11.11
C LYS A 42 8.78 43.80 12.32
N GLN A 43 7.71 43.04 12.16
CA GLN A 43 6.80 42.84 13.28
C GLN A 43 7.51 42.02 14.36
N LEU A 44 8.35 41.08 13.94
CA LEU A 44 9.07 40.22 14.87
C LEU A 44 10.02 40.97 15.83
N VAL A 45 10.92 41.78 15.27
CA VAL A 45 11.86 42.51 16.10
C VAL A 45 11.14 43.49 17.01
N GLN A 46 9.97 43.97 16.57
CA GLN A 46 9.19 44.89 17.38
C GLN A 46 8.57 44.16 18.57
N GLU A 47 7.96 43.01 18.31
CA GLU A 47 7.33 42.25 19.38
C GLU A 47 8.32 41.80 20.44
N LEU A 48 9.52 41.43 20.00
CA LEU A 48 10.56 41.00 20.92
C LEU A 48 11.05 42.20 21.74
N SER A 49 11.28 43.33 21.07
CA SER A 49 11.75 44.53 21.78
C SER A 49 10.78 45.00 22.87
N GLU A 50 9.49 44.84 22.67
CA GLU A 50 8.51 45.27 23.68
C GLU A 50 8.56 44.40 24.94
N LEU A 51 9.31 43.30 24.91
CA LEU A 51 9.38 42.41 26.06
C LEU A 51 10.29 42.86 27.19
N THR A 52 11.31 43.65 26.86
CA THR A 52 12.25 44.13 27.88
C THR A 52 12.85 45.48 27.53
N ASP A 53 13.21 46.26 28.55
CA ASP A 53 13.80 47.57 28.30
C ASP A 53 15.28 47.45 27.96
N LYS A 54 15.76 46.23 27.84
CA LYS A 54 17.15 45.98 27.48
C LYS A 54 17.26 45.59 25.99
N LEU A 55 16.13 45.61 25.29
CA LEU A 55 16.11 45.25 23.89
C LEU A 55 15.36 46.29 23.07
N SER A 56 15.96 46.71 21.97
CA SER A 56 15.35 47.68 21.09
C SER A 56 15.74 47.33 19.66
N TYR A 57 15.13 48.00 18.69
CA TYR A 57 15.44 47.74 17.29
C TYR A 57 15.32 49.05 16.54
N GLU A 58 15.80 49.02 15.30
CA GLU A 58 15.73 50.17 14.41
C GLU A 58 15.67 49.61 13.00
N ILE A 59 14.63 49.98 12.27
CA ILE A 59 14.50 49.54 10.89
C ILE A 59 15.25 50.54 10.03
N VAL A 60 16.21 50.05 9.25
CA VAL A 60 17.00 50.90 8.38
C VAL A 60 16.63 50.66 6.92
N ASP A 61 16.46 51.76 6.17
CA ASP A 61 16.14 51.67 4.75
C ASP A 61 17.43 51.54 3.97
N PHE A 62 17.73 50.30 3.60
CA PHE A 62 18.94 49.96 2.83
C PHE A 62 18.99 50.67 1.46
N ASP A 63 17.83 51.06 0.94
CA ASP A 63 17.76 51.71 -0.36
C ASP A 63 18.04 53.21 -0.38
N THR A 64 18.54 53.76 0.72
CA THR A 64 18.85 55.18 0.76
C THR A 64 20.33 55.37 1.05
N PRO A 65 20.88 56.53 0.67
CA PRO A 65 22.30 56.75 0.95
C PRO A 65 22.70 56.64 2.44
N GLU A 66 21.89 57.15 3.35
CA GLU A 66 22.21 57.04 4.77
C GLU A 66 22.15 55.58 5.16
N GLY A 67 21.15 54.87 4.63
CA GLY A 67 21.00 53.46 4.92
C GLY A 67 22.22 52.67 4.46
N LYS A 68 22.67 52.95 3.24
CA LYS A 68 23.84 52.28 2.66
C LYS A 68 25.07 52.50 3.52
N GLU A 69 25.25 53.72 3.97
CA GLU A 69 26.40 54.07 4.80
C GLU A 69 26.35 53.30 6.12
N LEU A 70 25.17 53.20 6.72
CA LEU A 70 25.03 52.45 7.97
C LEU A 70 25.36 50.99 7.68
N ALA A 71 24.91 50.51 6.52
CA ALA A 71 25.15 49.13 6.11
C ALA A 71 26.65 48.86 6.05
N GLU A 72 27.38 49.80 5.48
CA GLU A 72 28.83 49.67 5.36
C GLU A 72 29.49 49.58 6.74
N LYS A 73 29.11 50.49 7.63
CA LYS A 73 29.67 50.49 8.98
C LYS A 73 29.50 49.15 9.67
N TYR A 74 28.35 48.50 9.45
CA TYR A 74 28.08 47.21 10.07
C TYR A 74 28.41 46.03 9.16
N ARG A 75 29.12 46.30 8.07
CA ARG A 75 29.54 45.27 7.14
C ARG A 75 28.41 44.42 6.57
N ILE A 76 27.29 45.06 6.24
CA ILE A 76 26.15 44.36 5.64
C ILE A 76 26.16 44.71 4.16
N ASP A 77 26.14 43.70 3.30
CA ASP A 77 26.18 43.94 1.86
C ASP A 77 24.88 43.76 1.10
N ARG A 78 23.82 43.36 1.81
CA ARG A 78 22.52 43.15 1.18
C ARG A 78 21.40 43.07 2.22
N ALA A 79 20.15 43.21 1.78
CA ALA A 79 19.00 43.16 2.68
C ALA A 79 17.95 42.17 2.15
N PRO A 80 17.09 41.62 3.02
CA PRO A 80 17.01 41.86 4.47
C PRO A 80 18.15 41.23 5.28
N ALA A 81 18.55 41.93 6.32
CA ALA A 81 19.63 41.46 7.19
C ALA A 81 19.46 42.09 8.56
N THR A 82 19.83 41.34 9.58
CA THR A 82 19.74 41.83 10.94
C THR A 82 21.04 41.58 11.67
N THR A 83 21.59 42.64 12.27
CA THR A 83 22.81 42.49 13.03
C THR A 83 22.42 42.74 14.49
N ILE A 84 22.74 41.77 15.34
CA ILE A 84 22.43 41.84 16.76
C ILE A 84 23.61 42.51 17.47
N THR A 85 23.41 43.77 17.85
CA THR A 85 24.46 44.56 18.47
C THR A 85 24.31 44.75 19.98
N GLN A 86 25.42 45.01 20.64
CA GLN A 86 25.38 45.26 22.07
C GLN A 86 25.37 46.78 22.23
N ASP A 87 24.17 47.36 22.25
CA ASP A 87 24.03 48.79 22.40
C ASP A 87 24.74 49.51 21.23
N GLY A 88 24.61 48.95 20.04
CA GLY A 88 25.22 49.54 18.86
C GLY A 88 26.56 48.95 18.48
N LYS A 89 27.23 48.28 19.41
CA LYS A 89 28.53 47.69 19.12
C LYS A 89 28.37 46.43 18.29
N ASP A 90 29.11 46.40 17.17
CA ASP A 90 29.07 45.28 16.24
C ASP A 90 29.78 44.03 16.78
N PHE A 91 29.06 42.92 16.91
CA PHE A 91 29.68 41.69 17.39
C PHE A 91 29.77 40.65 16.27
N GLY A 92 29.43 41.05 15.05
CA GLY A 92 29.50 40.13 13.92
C GLY A 92 28.47 39.01 13.93
N VAL A 93 27.36 39.24 14.61
CA VAL A 93 26.28 38.26 14.71
C VAL A 93 25.13 38.71 13.84
N ARG A 94 25.01 38.11 12.66
CA ARG A 94 23.98 38.51 11.72
C ARG A 94 23.07 37.40 11.20
N TYR A 95 21.88 37.80 10.78
CA TYR A 95 20.89 36.90 10.22
C TYR A 95 20.38 37.52 8.93
N PHE A 96 20.56 36.82 7.81
CA PHE A 96 20.05 37.32 6.54
C PHE A 96 18.76 36.55 6.26
N GLY A 97 17.64 37.22 6.47
CA GLY A 97 16.33 36.61 6.28
C GLY A 97 15.63 36.50 7.63
N ILE A 98 14.38 36.04 7.60
CA ILE A 98 13.59 35.89 8.81
C ILE A 98 14.04 34.68 9.64
N PRO A 99 14.25 34.86 10.95
CA PRO A 99 14.68 33.74 11.79
C PRO A 99 13.47 32.91 12.24
N ALA A 100 12.86 32.21 11.30
CA ALA A 100 11.68 31.40 11.58
C ALA A 100 12.01 29.94 11.81
N GLY A 101 11.02 29.19 12.30
CA GLY A 101 11.22 27.77 12.56
C GLY A 101 12.26 27.54 13.64
N HIS A 102 13.14 26.58 13.41
CA HIS A 102 14.20 26.24 14.36
C HIS A 102 15.23 27.33 14.57
N GLU A 103 15.21 28.35 13.71
CA GLU A 103 16.17 29.44 13.81
C GLU A 103 15.69 30.50 14.82
N PHE A 104 14.44 30.40 15.25
CA PHE A 104 13.88 31.35 16.19
C PHE A 104 14.56 31.28 17.56
N ALA A 105 14.66 30.08 18.11
CA ALA A 105 15.32 29.90 19.40
C ALA A 105 16.77 30.38 19.33
N ALA A 106 17.46 30.02 18.24
CA ALA A 106 18.85 30.42 18.05
C ALA A 106 18.98 31.94 18.04
N PHE A 107 17.97 32.60 17.50
CA PHE A 107 17.95 34.06 17.43
C PHE A 107 17.85 34.62 18.85
N LEU A 108 16.97 34.04 19.65
CA LEU A 108 16.77 34.47 21.03
C LEU A 108 18.05 34.32 21.85
N GLU A 109 18.71 33.17 21.72
CA GLU A 109 19.96 32.89 22.43
C GLU A 109 21.04 33.89 22.04
N ASP A 110 21.11 34.24 20.75
CA ASP A 110 22.13 35.16 20.28
C ASP A 110 21.97 36.52 20.93
N ILE A 111 20.72 36.93 21.13
CA ILE A 111 20.41 38.20 21.76
C ILE A 111 20.99 38.19 23.18
N VAL A 112 20.80 37.08 23.89
CA VAL A 112 21.30 36.94 25.25
C VAL A 112 22.83 36.92 25.29
N ASP A 113 23.43 36.10 24.43
CA ASP A 113 24.88 36.00 24.36
C ASP A 113 25.51 37.33 23.99
N VAL A 114 24.85 38.10 23.12
CA VAL A 114 25.40 39.40 22.75
C VAL A 114 25.19 40.37 23.91
N SER A 115 24.08 40.20 24.63
CA SER A 115 23.80 41.06 25.78
C SER A 115 24.90 40.83 26.82
N LYS A 116 25.20 39.57 27.11
CA LYS A 116 26.23 39.22 28.07
C LYS A 116 27.63 39.40 27.53
N GLY A 117 27.76 39.41 26.20
CA GLY A 117 29.07 39.57 25.57
C GLY A 117 29.92 38.38 25.95
N ASP A 118 29.28 37.22 26.03
CA ASP A 118 29.99 36.01 26.43
C ASP A 118 29.38 34.77 25.77
N THR A 119 30.15 33.69 25.72
CA THR A 119 29.69 32.42 25.12
C THR A 119 30.13 31.26 26.01
N ASP A 120 29.70 30.04 25.65
CA ASP A 120 30.04 28.86 26.43
C ASP A 120 31.08 27.98 25.72
N LEU A 121 31.85 28.58 24.83
CA LEU A 121 32.88 27.83 24.09
C LEU A 121 33.97 27.35 25.03
N MET A 122 34.67 26.29 24.63
CA MET A 122 35.75 25.76 25.43
C MET A 122 36.85 26.81 25.46
N GLN A 123 37.61 26.83 26.55
CA GLN A 123 38.71 27.77 26.71
C GLN A 123 39.70 27.69 25.56
N ASP A 124 40.02 26.46 25.17
CA ASP A 124 40.94 26.22 24.08
C ASP A 124 40.44 26.90 22.80
N SER A 125 39.12 26.83 22.59
CA SER A 125 38.51 27.44 21.40
C SER A 125 38.52 28.98 21.45
N LYS A 126 38.35 29.55 22.64
CA LYS A 126 38.35 31.00 22.80
C LYS A 126 39.74 31.55 22.56
N GLU A 127 40.75 30.82 23.04
CA GLU A 127 42.13 31.25 22.88
C GLU A 127 42.55 31.25 21.42
N GLU A 128 42.12 30.25 20.67
CA GLU A 128 42.44 30.18 19.24
C GLU A 128 41.73 31.28 18.48
N VAL A 129 40.41 31.38 18.70
CA VAL A 129 39.60 32.40 18.04
C VAL A 129 40.10 33.82 18.36
N SER A 130 40.70 33.99 19.53
CA SER A 130 41.22 35.31 19.92
C SER A 130 42.43 35.73 19.11
N LYS A 131 43.08 34.77 18.47
CA LYS A 131 44.27 35.09 17.68
C LYS A 131 43.95 35.44 16.23
N ILE A 132 42.77 35.05 15.76
CA ILE A 132 42.39 35.34 14.38
C ILE A 132 42.37 36.83 14.10
N ASP A 133 43.19 37.27 13.15
CA ASP A 133 43.28 38.69 12.82
C ASP A 133 43.01 39.01 11.34
N LYS A 134 42.32 38.11 10.65
CA LYS A 134 41.99 38.34 9.25
C LYS A 134 40.49 38.40 9.08
N ASP A 135 40.03 39.22 8.13
CA ASP A 135 38.60 39.35 7.86
C ASP A 135 38.04 37.98 7.48
N VAL A 136 37.17 37.45 8.34
CA VAL A 136 36.56 36.15 8.11
C VAL A 136 35.05 36.28 8.04
N ARG A 137 34.47 35.75 6.97
CA ARG A 137 33.02 35.76 6.81
C ARG A 137 32.54 34.31 6.74
N ILE A 138 31.67 33.94 7.67
CA ILE A 138 31.13 32.59 7.70
C ILE A 138 29.66 32.59 7.34
N LEU A 139 29.33 31.94 6.23
CA LEU A 139 27.96 31.84 5.77
C LEU A 139 27.38 30.50 6.20
N ILE A 140 26.19 30.52 6.78
CA ILE A 140 25.55 29.28 7.18
C ILE A 140 24.18 29.25 6.50
N PHE A 141 24.07 28.48 5.42
CA PHE A 141 22.82 28.35 4.69
C PHE A 141 21.89 27.38 5.43
N VAL A 142 20.65 27.82 5.65
CA VAL A 142 19.69 27.01 6.38
C VAL A 142 18.27 27.17 5.86
N THR A 143 17.36 26.44 6.50
CA THR A 143 15.93 26.50 6.20
C THR A 143 15.27 26.46 7.58
N PRO A 144 14.06 27.04 7.72
CA PRO A 144 13.35 27.06 9.00
C PRO A 144 13.03 25.66 9.54
N THR A 145 12.93 24.70 8.63
CA THR A 145 12.58 23.32 8.97
C THR A 145 13.72 22.41 9.42
N CYS A 146 14.94 22.84 9.19
CA CYS A 146 16.14 22.07 9.54
C CYS A 146 16.54 22.21 11.02
N PRO A 147 16.35 21.13 11.81
CA PRO A 147 16.67 21.08 13.24
C PRO A 147 18.14 21.20 13.63
N TYR A 148 19.05 20.84 12.73
CA TYR A 148 20.47 20.91 13.01
C TYR A 148 21.07 22.26 12.61
N CYS A 149 20.44 22.94 11.67
CA CYS A 149 20.92 24.22 11.20
C CYS A 149 21.24 25.22 12.33
N PRO A 150 20.36 25.31 13.34
CA PRO A 150 20.63 26.26 14.44
C PRO A 150 22.00 26.04 15.08
N LEU A 151 22.39 24.78 15.23
CA LEU A 151 23.67 24.47 15.83
C LEU A 151 24.83 25.10 15.09
N ALA A 152 24.79 25.06 13.76
CA ALA A 152 25.86 25.64 12.95
C ALA A 152 25.86 27.16 13.04
N VAL A 153 24.66 27.76 13.01
CA VAL A 153 24.51 29.21 13.09
C VAL A 153 25.07 29.71 14.42
N ARG A 154 24.64 29.07 15.50
CA ARG A 154 25.09 29.44 16.85
C ARG A 154 26.58 29.26 17.07
N MET A 155 27.18 28.27 16.41
CA MET A 155 28.61 28.02 16.56
C MET A 155 29.41 29.16 15.92
N ALA A 156 29.04 29.53 14.70
CA ALA A 156 29.72 30.62 13.98
C ALA A 156 29.55 31.93 14.73
N HIS A 157 28.36 32.13 15.29
CA HIS A 157 28.07 33.34 16.03
C HIS A 157 28.90 33.45 17.31
N LYS A 158 29.11 32.31 17.97
CA LYS A 158 29.92 32.33 19.19
C LYS A 158 31.36 32.65 18.80
N PHE A 159 31.78 32.19 17.62
CA PHE A 159 33.13 32.48 17.14
C PHE A 159 33.25 34.00 16.92
N ALA A 160 32.21 34.59 16.35
CA ALA A 160 32.20 36.03 16.10
C ALA A 160 32.22 36.84 17.39
N ILE A 161 31.44 36.38 18.38
CA ILE A 161 31.38 37.06 19.66
C ILE A 161 32.72 37.04 20.40
N GLU A 162 33.36 35.88 20.48
CA GLU A 162 34.64 35.77 21.17
C GLU A 162 35.72 36.59 20.46
N ASN A 163 35.68 36.62 19.13
CA ASN A 163 36.68 37.38 18.39
C ASN A 163 36.47 38.87 18.61
N THR A 164 35.22 39.27 18.89
CA THR A 164 34.90 40.67 19.18
C THR A 164 35.43 40.93 20.60
N LYS A 165 35.14 40.01 21.51
CA LYS A 165 35.58 40.15 22.90
C LYS A 165 37.11 40.27 22.98
N ALA A 166 37.81 39.59 22.08
CA ALA A 166 39.27 39.61 22.04
C ALA A 166 39.82 40.94 21.47
N GLY A 167 38.93 41.81 21.02
CA GLY A 167 39.36 43.09 20.48
C GLY A 167 39.72 43.08 19.01
N LYS A 168 39.38 42.00 18.31
CA LYS A 168 39.66 41.90 16.88
C LYS A 168 38.43 42.29 16.08
N GLY A 169 37.32 41.63 16.35
CA GLY A 169 36.08 41.93 15.64
C GLY A 169 36.18 41.76 14.14
N LYS A 170 36.84 40.70 13.70
CA LYS A 170 37.01 40.45 12.28
C LYS A 170 36.26 39.23 11.74
N ILE A 171 35.55 38.53 12.61
CA ILE A 171 34.79 37.38 12.17
C ILE A 171 33.31 37.73 12.07
N LEU A 172 32.73 37.49 10.89
CA LEU A 172 31.32 37.74 10.65
C LEU A 172 30.62 36.38 10.53
N GLY A 173 29.58 36.15 11.33
CA GLY A 173 28.85 34.89 11.29
C GLY A 173 27.48 35.20 10.71
N ASP A 174 27.25 34.75 9.48
CA ASP A 174 26.00 35.06 8.80
C ASP A 174 25.07 33.90 8.50
N MET A 175 23.97 33.84 9.23
CA MET A 175 22.96 32.84 8.98
C MET A 175 22.28 33.33 7.70
N VAL A 176 22.09 32.44 6.72
CA VAL A 176 21.44 32.82 5.47
C VAL A 176 20.23 31.94 5.24
N GLU A 177 19.04 32.53 5.35
CA GLU A 177 17.80 31.80 5.14
C GLU A 177 17.70 31.56 3.63
N ALA A 178 17.97 30.33 3.21
CA ALA A 178 17.98 29.95 1.80
C ALA A 178 16.68 30.20 1.02
N ILE A 179 15.54 30.00 1.66
CA ILE A 179 14.28 30.22 0.97
C ILE A 179 14.14 31.66 0.48
N GLU A 180 14.68 32.62 1.22
CA GLU A 180 14.60 34.03 0.83
C GLU A 180 15.77 34.46 -0.06
N TYR A 181 16.87 33.73 0.03
CA TYR A 181 18.06 34.01 -0.76
C TYR A 181 18.44 32.81 -1.65
N PRO A 182 17.52 32.40 -2.55
CA PRO A 182 17.77 31.26 -3.44
C PRO A 182 18.96 31.43 -4.38
N GLU A 183 19.04 32.59 -5.01
CA GLU A 183 20.14 32.89 -5.92
C GLU A 183 21.49 32.76 -5.21
N TRP A 184 21.54 33.27 -3.97
CA TRP A 184 22.77 33.23 -3.17
C TRP A 184 23.07 31.77 -2.81
N ALA A 185 22.03 31.01 -2.50
CA ALA A 185 22.19 29.60 -2.15
C ALA A 185 22.60 28.77 -3.37
N ASP A 186 22.04 29.09 -4.53
CA ASP A 186 22.38 28.38 -5.76
C ASP A 186 23.86 28.59 -6.09
N GLN A 187 24.38 29.72 -5.66
CA GLN A 187 25.77 30.10 -5.86
C GLN A 187 26.74 29.11 -5.22
N TYR A 188 26.28 28.43 -4.18
CA TYR A 188 27.11 27.45 -3.47
C TYR A 188 26.52 26.05 -3.54
N ASN A 189 25.73 25.81 -4.58
CA ASN A 189 25.11 24.51 -4.80
C ASN A 189 24.47 23.95 -3.53
N VAL A 190 23.83 24.82 -2.77
CA VAL A 190 23.19 24.39 -1.54
C VAL A 190 22.12 23.34 -1.81
N MET A 191 22.32 22.16 -1.23
CA MET A 191 21.38 21.07 -1.37
C MET A 191 20.99 20.76 0.07
N ALA A 192 21.79 19.93 0.72
CA ALA A 192 21.55 19.58 2.11
C ALA A 192 21.94 20.77 2.98
N VAL A 193 21.26 20.93 4.11
CA VAL A 193 21.55 22.02 5.02
C VAL A 193 21.86 21.47 6.40
N PRO A 194 22.66 22.20 7.21
CA PRO A 194 23.27 23.48 6.83
C PRO A 194 24.48 23.34 5.93
N LYS A 195 24.74 24.38 5.14
CA LYS A 195 25.89 24.44 4.24
C LYS A 195 26.74 25.61 4.71
N ILE A 196 27.96 25.32 5.15
CA ILE A 196 28.87 26.34 5.65
C ILE A 196 29.94 26.74 4.63
N VAL A 197 30.15 28.05 4.50
CA VAL A 197 31.14 28.59 3.61
C VAL A 197 32.00 29.54 4.43
N ILE A 198 33.29 29.25 4.52
CA ILE A 198 34.20 30.09 5.27
C ILE A 198 35.04 30.89 4.28
N GLN A 199 34.92 32.21 4.34
CA GLN A 199 35.69 33.07 3.45
C GLN A 199 36.72 33.85 4.25
N VAL A 200 37.88 34.05 3.66
CA VAL A 200 38.93 34.83 4.30
C VAL A 200 39.26 35.98 3.36
N ASN A 201 39.27 37.18 3.89
CA ASN A 201 39.55 38.37 3.10
C ASN A 201 38.76 38.44 1.80
N GLY A 202 37.50 38.00 1.85
CA GLY A 202 36.66 38.05 0.67
C GLY A 202 36.64 36.85 -0.26
N GLU A 203 37.56 35.90 -0.08
CA GLU A 203 37.58 34.74 -0.96
C GLU A 203 37.26 33.42 -0.25
N ASP A 204 36.44 32.60 -0.92
CA ASP A 204 36.06 31.31 -0.37
C ASP A 204 37.29 30.46 -0.16
N LYS A 205 37.34 29.77 0.98
CA LYS A 205 38.47 28.92 1.31
C LYS A 205 38.02 27.52 1.73
N VAL A 206 36.91 27.45 2.46
CA VAL A 206 36.40 26.17 2.94
C VAL A 206 34.88 26.05 2.82
N GLN A 207 34.42 24.83 2.57
CA GLN A 207 32.99 24.53 2.44
C GLN A 207 32.69 23.12 2.90
N PHE A 208 31.65 22.99 3.73
CA PHE A 208 31.21 21.68 4.22
C PHE A 208 29.73 21.71 4.56
N GLU A 209 29.16 20.52 4.77
CA GLU A 209 27.75 20.37 5.11
C GLU A 209 27.61 19.70 6.47
N GLY A 210 26.56 20.05 7.21
CA GLY A 210 26.34 19.45 8.51
C GLY A 210 26.79 20.34 9.66
N ALA A 211 26.17 20.15 10.82
CA ALA A 211 26.51 20.94 11.98
C ALA A 211 27.72 20.35 12.70
N TYR A 212 28.91 20.72 12.24
CA TYR A 212 30.16 20.23 12.82
C TYR A 212 30.30 20.63 14.29
N PRO A 213 30.74 19.68 15.15
CA PRO A 213 30.92 19.96 16.57
C PRO A 213 31.95 21.09 16.75
N GLU A 214 31.96 21.69 17.93
CA GLU A 214 32.86 22.81 18.23
C GLU A 214 34.30 22.62 17.74
N LYS A 215 34.95 21.56 18.21
CA LYS A 215 36.34 21.29 17.84
C LYS A 215 36.59 21.12 16.34
N MET A 216 35.65 20.50 15.65
CA MET A 216 35.82 20.28 14.22
C MET A 216 35.47 21.50 13.37
N PHE A 217 34.49 22.28 13.84
CA PHE A 217 34.09 23.47 13.12
C PHE A 217 35.30 24.41 13.17
N LEU A 218 35.88 24.55 14.36
CA LEU A 218 37.04 25.40 14.59
C LEU A 218 38.24 24.94 13.76
N GLU A 219 38.38 23.62 13.64
CA GLU A 219 39.49 23.04 12.88
C GLU A 219 39.36 23.49 11.42
N LYS A 220 38.12 23.55 10.94
CA LYS A 220 37.85 23.98 9.58
C LYS A 220 38.11 25.48 9.42
N LEU A 221 37.81 26.25 10.47
CA LEU A 221 38.03 27.68 10.41
C LEU A 221 39.53 27.95 10.33
N LEU A 222 40.29 27.26 11.18
CA LEU A 222 41.73 27.41 11.23
C LEU A 222 42.44 27.03 9.93
N SER A 223 42.02 25.93 9.32
CA SER A 223 42.63 25.49 8.07
C SER A 223 42.34 26.51 6.97
N ALA A 224 41.21 27.19 7.08
CA ALA A 224 40.83 28.17 6.07
C ALA A 224 41.73 29.40 6.15
N LEU A 225 42.31 29.63 7.33
CA LEU A 225 43.18 30.77 7.54
C LEU A 225 44.60 30.56 7.03
N SER A 226 44.84 29.41 6.42
CA SER A 226 46.16 29.12 5.88
C SER A 226 46.21 29.41 4.37
N GLY B 2 -47.53 -96.60 3.49
CA GLY B 2 -46.28 -96.65 2.67
C GLY B 2 -45.82 -98.07 2.43
N LEU B 3 -44.62 -98.23 1.89
CA LEU B 3 -44.07 -99.55 1.63
C LEU B 3 -43.97 -100.36 2.91
N ILE B 4 -43.27 -99.81 3.89
CA ILE B 4 -43.08 -100.46 5.17
C ILE B 4 -44.27 -100.22 6.11
N SER B 5 -44.67 -101.23 6.84
CA SER B 5 -45.80 -101.10 7.77
C SER B 5 -45.33 -100.52 9.11
N GLU B 6 -46.29 -100.10 9.94
CA GLU B 6 -45.99 -99.54 11.24
C GLU B 6 -45.16 -100.48 12.12
N GLU B 7 -45.53 -101.76 12.16
CA GLU B 7 -44.82 -102.74 12.97
C GLU B 7 -43.36 -102.88 12.56
N ASP B 8 -43.11 -103.00 11.25
CA ASP B 8 -41.76 -103.16 10.74
C ASP B 8 -40.89 -101.94 11.00
N LYS B 9 -41.50 -100.76 10.93
CA LYS B 9 -40.75 -99.53 11.18
C LYS B 9 -40.26 -99.56 12.63
N ARG B 10 -41.11 -100.05 13.53
CA ARG B 10 -40.75 -100.14 14.95
C ARG B 10 -39.60 -101.13 15.10
N ILE B 11 -39.67 -102.23 14.35
CA ILE B 11 -38.65 -103.25 14.40
C ILE B 11 -37.34 -102.72 13.82
N ILE B 12 -37.43 -102.00 12.71
CA ILE B 12 -36.25 -101.44 12.07
C ILE B 12 -35.53 -100.50 13.03
N LYS B 13 -36.29 -99.68 13.73
CA LYS B 13 -35.73 -98.72 14.68
C LYS B 13 -35.08 -99.40 15.88
N GLU B 14 -35.78 -100.39 16.45
CA GLU B 14 -35.27 -101.09 17.61
C GLU B 14 -34.07 -101.98 17.31
N GLU B 15 -34.21 -102.82 16.29
CA GLU B 15 -33.16 -103.76 15.92
C GLU B 15 -32.03 -103.23 15.04
N PHE B 16 -32.25 -102.12 14.33
CA PHE B 16 -31.19 -101.61 13.48
C PHE B 16 -30.70 -100.19 13.78
N PHE B 17 -31.49 -99.19 13.43
CA PHE B 17 -31.09 -97.80 13.60
C PHE B 17 -30.76 -97.35 15.02
N SER B 18 -31.22 -98.10 16.01
CA SER B 18 -30.91 -97.74 17.39
C SER B 18 -29.42 -97.98 17.63
N LYS B 19 -28.78 -98.73 16.74
CA LYS B 19 -27.35 -99.00 16.87
C LYS B 19 -26.51 -97.98 16.12
N MET B 20 -27.15 -96.98 15.54
CA MET B 20 -26.40 -96.00 14.77
C MET B 20 -25.57 -95.05 15.63
N VAL B 21 -24.41 -94.66 15.11
CA VAL B 21 -23.51 -93.75 15.81
C VAL B 21 -23.39 -92.48 14.98
N ASN B 22 -22.65 -92.56 13.89
CA ASN B 22 -22.48 -91.40 13.02
C ASN B 22 -23.64 -91.30 12.04
N PRO B 23 -23.97 -90.07 11.62
CA PRO B 23 -25.09 -89.92 10.69
C PRO B 23 -24.78 -90.53 9.31
N VAL B 24 -25.81 -91.04 8.67
CA VAL B 24 -25.66 -91.65 7.36
C VAL B 24 -26.53 -90.92 6.35
N LYS B 25 -25.97 -90.67 5.17
CA LYS B 25 -26.71 -90.01 4.12
C LYS B 25 -26.79 -90.92 2.89
N LEU B 26 -28.01 -91.20 2.47
CA LEU B 26 -28.25 -92.03 1.31
C LEU B 26 -28.32 -91.12 0.09
N ILE B 27 -27.29 -91.17 -0.75
CA ILE B 27 -27.27 -90.35 -1.94
C ILE B 27 -27.76 -91.25 -3.08
N VAL B 28 -28.98 -90.96 -3.53
CA VAL B 28 -29.64 -91.74 -4.57
C VAL B 28 -29.67 -91.02 -5.91
N PHE B 29 -29.07 -91.65 -6.92
CA PHE B 29 -29.05 -91.08 -8.25
C PHE B 29 -30.15 -91.69 -9.09
N ILE B 30 -31.04 -90.84 -9.60
CA ILE B 30 -32.15 -91.31 -10.42
C ILE B 30 -32.28 -90.55 -11.72
N GLY B 31 -32.37 -91.31 -12.82
CA GLY B 31 -32.54 -90.72 -14.13
C GLY B 31 -33.89 -91.17 -14.65
N LYS B 32 -34.28 -90.69 -15.83
CA LYS B 32 -35.57 -91.06 -16.42
C LYS B 32 -35.48 -92.27 -17.33
N GLU B 33 -34.28 -92.58 -17.81
CA GLU B 33 -34.11 -93.69 -18.74
C GLU B 33 -33.94 -95.09 -18.17
N HIS B 34 -34.68 -96.00 -18.75
CA HIS B 34 -34.66 -97.42 -18.42
C HIS B 34 -34.83 -97.82 -16.97
N CYS B 35 -35.44 -96.95 -16.16
CA CYS B 35 -35.64 -97.29 -14.77
C CYS B 35 -37.09 -97.70 -14.47
N GLN B 36 -37.26 -98.91 -13.93
CA GLN B 36 -38.58 -99.44 -13.61
C GLN B 36 -39.10 -99.20 -12.20
N TYR B 37 -38.21 -99.22 -11.20
CA TYR B 37 -38.63 -99.04 -9.80
C TYR B 37 -38.07 -97.81 -9.08
N CYS B 38 -37.92 -96.73 -9.83
CA CYS B 38 -37.38 -95.46 -9.36
C CYS B 38 -38.27 -94.79 -8.31
N ASP B 39 -39.57 -94.70 -8.57
CA ASP B 39 -40.48 -94.08 -7.61
C ASP B 39 -40.49 -94.88 -6.31
N GLN B 40 -40.43 -96.21 -6.43
CA GLN B 40 -40.45 -97.06 -5.25
C GLN B 40 -39.17 -96.86 -4.45
N LEU B 41 -38.03 -96.84 -5.14
CA LEU B 41 -36.74 -96.64 -4.49
C LEU B 41 -36.79 -95.32 -3.71
N LYS B 42 -37.28 -94.29 -4.40
CA LYS B 42 -37.42 -92.96 -3.83
C LYS B 42 -38.23 -93.00 -2.53
N GLN B 43 -39.39 -93.64 -2.61
CA GLN B 43 -40.28 -93.78 -1.48
C GLN B 43 -39.65 -94.57 -0.33
N LEU B 44 -38.89 -95.60 -0.68
CA LEU B 44 -38.25 -96.43 0.34
C LEU B 44 -37.23 -95.66 1.17
N VAL B 45 -36.31 -94.94 0.53
CA VAL B 45 -35.31 -94.21 1.30
C VAL B 45 -35.91 -93.11 2.16
N GLN B 46 -36.99 -92.49 1.68
CA GLN B 46 -37.65 -91.44 2.46
C GLN B 46 -38.27 -92.06 3.71
N GLU B 47 -38.96 -93.19 3.54
CA GLU B 47 -39.59 -93.86 4.67
C GLU B 47 -38.57 -94.29 5.72
N LEU B 48 -37.41 -94.78 5.29
CA LEU B 48 -36.37 -95.20 6.23
C LEU B 48 -35.74 -93.97 6.89
N SER B 49 -35.50 -92.92 6.11
CA SER B 49 -34.90 -91.71 6.64
C SER B 49 -35.74 -91.06 7.75
N GLU B 50 -37.06 -91.18 7.65
CA GLU B 50 -37.96 -90.60 8.65
C GLU B 50 -37.90 -91.36 9.99
N LEU B 51 -37.17 -92.46 10.05
CA LEU B 51 -37.13 -93.24 11.28
C LEU B 51 -36.13 -92.80 12.35
N THR B 52 -35.16 -91.98 11.96
CA THR B 52 -34.15 -91.51 12.91
C THR B 52 -33.44 -90.28 12.38
N ASP B 53 -33.04 -89.39 13.29
CA ASP B 53 -32.35 -88.17 12.90
C ASP B 53 -30.89 -88.45 12.54
N LYS B 54 -30.53 -89.72 12.46
CA LYS B 54 -29.18 -90.11 12.09
C LYS B 54 -29.15 -90.56 10.63
N LEU B 55 -30.33 -90.62 10.00
CA LEU B 55 -30.42 -91.03 8.61
C LEU B 55 -31.14 -90.00 7.76
N SER B 56 -30.53 -89.65 6.64
CA SER B 56 -31.15 -88.69 5.73
C SER B 56 -30.91 -89.18 4.32
N TYR B 57 -31.55 -88.54 3.36
CA TYR B 57 -31.37 -88.90 1.98
C TYR B 57 -31.46 -87.69 1.07
N GLU B 58 -30.91 -87.83 -0.14
CA GLU B 58 -30.97 -86.79 -1.14
C GLU B 58 -31.19 -87.47 -2.48
N ILE B 59 -32.20 -87.03 -3.21
CA ILE B 59 -32.47 -87.59 -4.52
C ILE B 59 -31.74 -86.69 -5.51
N VAL B 60 -30.81 -87.26 -6.26
CA VAL B 60 -30.03 -86.52 -7.23
C VAL B 60 -30.51 -86.81 -8.65
N ASP B 61 -30.71 -85.74 -9.43
CA ASP B 61 -31.15 -85.87 -10.82
C ASP B 61 -29.98 -86.23 -11.71
N PHE B 62 -29.85 -87.51 -12.02
CA PHE B 62 -28.76 -88.00 -12.85
C PHE B 62 -28.76 -87.43 -14.28
N ASP B 63 -29.89 -86.90 -14.72
CA ASP B 63 -29.98 -86.35 -16.06
C ASP B 63 -29.56 -84.88 -16.22
N THR B 64 -28.83 -84.35 -15.24
CA THR B 64 -28.37 -82.97 -15.31
C THR B 64 -26.85 -82.96 -15.11
N PRO B 65 -26.17 -81.90 -15.60
CA PRO B 65 -24.72 -81.84 -15.44
C PRO B 65 -24.25 -81.75 -13.97
N GLU B 66 -25.06 -81.19 -13.08
CA GLU B 66 -24.67 -81.12 -11.67
C GLU B 66 -24.80 -82.53 -11.09
N GLY B 67 -25.82 -83.26 -11.52
CA GLY B 67 -26.01 -84.60 -11.03
C GLY B 67 -24.91 -85.54 -11.47
N LYS B 68 -24.51 -85.42 -12.74
CA LYS B 68 -23.45 -86.25 -13.28
C LYS B 68 -22.15 -85.96 -12.56
N GLU B 69 -21.91 -84.68 -12.30
CA GLU B 69 -20.69 -84.26 -11.61
C GLU B 69 -20.66 -84.83 -10.19
N LEU B 70 -21.79 -84.80 -9.50
CA LEU B 70 -21.87 -85.35 -8.16
C LEU B 70 -21.72 -86.87 -8.28
N ALA B 71 -22.28 -87.42 -9.36
CA ALA B 71 -22.21 -88.87 -9.59
C ALA B 71 -20.75 -89.28 -9.73
N GLU B 72 -20.00 -88.46 -10.46
CA GLU B 72 -18.59 -88.72 -10.69
C GLU B 72 -17.77 -88.65 -9.39
N LYS B 73 -18.06 -87.68 -8.54
CA LYS B 73 -17.33 -87.56 -7.28
C LYS B 73 -17.52 -88.81 -6.43
N TYR B 74 -18.70 -89.42 -6.52
CA TYR B 74 -18.98 -90.63 -5.76
C TYR B 74 -18.76 -91.90 -6.57
N ARG B 75 -18.08 -91.74 -7.71
CA ARG B 75 -17.75 -92.86 -8.60
C ARG B 75 -18.94 -93.71 -9.03
N ILE B 76 -20.03 -93.06 -9.43
CA ILE B 76 -21.25 -93.72 -9.88
C ILE B 76 -21.35 -93.49 -11.39
N ASP B 77 -21.40 -94.56 -12.17
CA ASP B 77 -21.47 -94.45 -13.63
C ASP B 77 -22.84 -94.65 -14.28
N ARG B 78 -23.85 -94.98 -13.49
CA ARG B 78 -25.20 -95.19 -14.02
C ARG B 78 -26.28 -95.11 -12.92
N ALA B 79 -27.51 -94.90 -13.34
CA ALA B 79 -28.65 -94.81 -12.42
C ALA B 79 -29.70 -95.83 -12.82
N PRO B 80 -30.52 -96.30 -11.87
CA PRO B 80 -30.56 -95.94 -10.44
C PRO B 80 -29.42 -96.50 -9.62
N ALA B 81 -28.93 -95.70 -8.68
CA ALA B 81 -27.82 -96.13 -7.83
C ALA B 81 -27.87 -95.42 -6.49
N THR B 82 -27.57 -96.16 -5.44
CA THR B 82 -27.56 -95.61 -4.10
C THR B 82 -26.22 -95.89 -3.43
N THR B 83 -25.59 -94.83 -2.93
CA THR B 83 -24.33 -94.99 -2.22
C THR B 83 -24.64 -94.64 -0.76
N ILE B 84 -24.25 -95.52 0.16
CA ILE B 84 -24.49 -95.32 1.58
C ILE B 84 -23.28 -94.63 2.21
N THR B 85 -23.41 -93.34 2.47
CA THR B 85 -22.31 -92.55 3.02
C THR B 85 -22.39 -92.24 4.51
N GLN B 86 -21.22 -92.02 5.10
CA GLN B 86 -21.17 -91.67 6.51
C GLN B 86 -21.06 -90.15 6.49
N ASP B 87 -22.20 -89.49 6.70
CA ASP B 87 -22.25 -88.04 6.74
C ASP B 87 -21.65 -87.43 5.46
N GLY B 88 -21.92 -88.06 4.33
CA GLY B 88 -21.40 -87.58 3.07
C GLY B 88 -20.13 -88.27 2.61
N LYS B 89 -19.40 -88.89 3.53
CA LYS B 89 -18.17 -89.57 3.17
C LYS B 89 -18.43 -90.89 2.45
N ASP B 90 -17.75 -91.09 1.33
CA ASP B 90 -17.88 -92.27 0.49
C ASP B 90 -17.18 -93.50 1.09
N PHE B 91 -17.94 -94.55 1.37
CA PHE B 91 -17.36 -95.77 1.93
C PHE B 91 -17.34 -96.91 0.91
N GLY B 92 -17.75 -96.59 -0.31
CA GLY B 92 -17.76 -97.57 -1.38
C GLY B 92 -18.87 -98.59 -1.25
N VAL B 93 -19.91 -98.25 -0.50
CA VAL B 93 -21.03 -99.16 -0.31
C VAL B 93 -22.18 -98.72 -1.21
N ARG B 94 -22.38 -99.45 -2.31
CA ARG B 94 -23.43 -99.09 -3.24
C ARG B 94 -24.40 -100.18 -3.69
N TYR B 95 -25.61 -99.74 -4.02
CA TYR B 95 -26.68 -100.61 -4.50
C TYR B 95 -27.17 -100.05 -5.85
N PHE B 96 -27.12 -100.86 -6.90
CA PHE B 96 -27.64 -100.39 -8.19
C PHE B 96 -28.96 -101.11 -8.38
N GLY B 97 -30.04 -100.37 -8.12
CA GLY B 97 -31.38 -100.92 -8.22
C GLY B 97 -31.98 -100.83 -6.83
N ILE B 98 -33.25 -101.20 -6.68
CA ILE B 98 -33.91 -101.14 -5.38
C ILE B 98 -33.54 -102.40 -4.57
N PRO B 99 -33.39 -102.27 -3.25
CA PRO B 99 -33.05 -103.41 -2.38
C PRO B 99 -34.28 -104.19 -1.94
N ALA B 100 -34.92 -104.89 -2.88
CA ALA B 100 -36.12 -105.64 -2.56
C ALA B 100 -35.84 -107.05 -2.03
N GLY B 101 -36.88 -107.67 -1.50
CA GLY B 101 -36.73 -109.02 -0.98
C GLY B 101 -35.66 -109.17 0.08
N HIS B 102 -34.83 -110.19 -0.08
CA HIS B 102 -33.76 -110.49 0.87
C HIS B 102 -32.66 -109.44 0.91
N GLU B 103 -32.64 -108.56 -0.09
CA GLU B 103 -31.64 -107.50 -0.15
C GLU B 103 -31.99 -106.36 0.80
N PHE B 104 -33.24 -106.30 1.23
CA PHE B 104 -33.69 -105.24 2.14
C PHE B 104 -32.93 -105.26 3.47
N ALA B 105 -32.80 -106.45 4.06
CA ALA B 105 -32.09 -106.60 5.33
C ALA B 105 -30.62 -106.24 5.15
N ALA B 106 -30.06 -106.59 4.00
CA ALA B 106 -28.66 -106.29 3.70
C ALA B 106 -28.49 -104.77 3.64
N PHE B 107 -29.47 -104.07 3.06
CA PHE B 107 -29.45 -102.62 2.92
C PHE B 107 -29.42 -101.97 4.32
N LEU B 108 -30.26 -102.47 5.22
CA LEU B 108 -30.36 -101.98 6.59
C LEU B 108 -29.07 -102.22 7.38
N GLU B 109 -28.47 -103.39 7.19
CA GLU B 109 -27.23 -103.71 7.90
C GLU B 109 -26.10 -102.83 7.42
N ASP B 110 -26.10 -102.50 6.12
CA ASP B 110 -25.06 -101.64 5.57
C ASP B 110 -25.15 -100.22 6.16
N ILE B 111 -26.36 -99.72 6.37
CA ILE B 111 -26.55 -98.39 6.95
C ILE B 111 -25.94 -98.37 8.36
N VAL B 112 -26.13 -99.47 9.09
CA VAL B 112 -25.61 -99.55 10.44
C VAL B 112 -24.09 -99.64 10.43
N ASP B 113 -23.53 -100.50 9.58
CA ASP B 113 -22.08 -100.64 9.52
C ASP B 113 -21.40 -99.37 9.05
N VAL B 114 -22.00 -98.68 8.08
CA VAL B 114 -21.40 -97.43 7.60
C VAL B 114 -21.47 -96.40 8.73
N SER B 115 -22.58 -96.41 9.47
CA SER B 115 -22.76 -95.48 10.58
C SER B 115 -21.68 -95.67 11.64
N LYS B 116 -21.42 -96.92 12.00
CA LYS B 116 -20.41 -97.26 13.00
C LYS B 116 -19.03 -97.21 12.39
N GLY B 117 -18.96 -97.33 11.07
CA GLY B 117 -17.68 -97.34 10.40
C GLY B 117 -16.92 -98.59 10.83
N ASP B 118 -17.63 -99.70 10.97
CA ASP B 118 -16.99 -100.93 11.39
C ASP B 118 -17.70 -102.17 10.84
N THR B 119 -16.99 -103.29 10.83
CA THR B 119 -17.55 -104.56 10.34
C THR B 119 -17.17 -105.68 11.31
N ASP B 120 -17.61 -106.89 10.99
CA ASP B 120 -17.33 -108.05 11.83
C ASP B 120 -16.35 -108.99 11.14
N LEU B 121 -15.64 -108.49 10.13
CA LEU B 121 -14.66 -109.30 9.42
C LEU B 121 -13.53 -109.70 10.37
N MET B 122 -12.89 -110.82 10.08
CA MET B 122 -11.78 -111.31 10.88
C MET B 122 -10.62 -110.30 10.85
N GLN B 123 -9.82 -110.33 11.91
CA GLN B 123 -8.67 -109.45 12.03
C GLN B 123 -7.75 -109.64 10.83
N ASP B 124 -7.57 -110.90 10.44
CA ASP B 124 -6.71 -111.23 9.30
C ASP B 124 -7.26 -110.69 7.98
N SER B 125 -8.58 -110.65 7.84
CA SER B 125 -9.21 -110.14 6.63
C SER B 125 -9.04 -108.63 6.55
N LYS B 126 -9.27 -107.95 7.67
CA LYS B 126 -9.14 -106.50 7.73
C LYS B 126 -7.72 -106.05 7.40
N GLU B 127 -6.73 -106.80 7.89
CA GLU B 127 -5.34 -106.44 7.66
C GLU B 127 -4.96 -106.61 6.20
N GLU B 128 -5.46 -107.68 5.58
CA GLU B 128 -5.20 -107.92 4.17
C GLU B 128 -5.87 -106.83 3.33
N VAL B 129 -7.15 -106.61 3.59
CA VAL B 129 -7.92 -105.60 2.85
C VAL B 129 -7.35 -104.20 3.00
N SER B 130 -6.88 -103.87 4.19
CA SER B 130 -6.35 -102.54 4.45
C SER B 130 -5.09 -102.22 3.65
N LYS B 131 -4.46 -103.23 3.04
CA LYS B 131 -3.25 -103.00 2.25
C LYS B 131 -3.54 -102.82 0.75
N ILE B 132 -4.79 -103.07 0.36
CA ILE B 132 -5.18 -102.94 -1.05
C ILE B 132 -5.12 -101.49 -1.50
N ASP B 133 -4.20 -101.22 -2.43
CA ASP B 133 -4.01 -99.86 -2.93
C ASP B 133 -4.28 -99.69 -4.42
N LYS B 134 -5.07 -100.60 -4.99
CA LYS B 134 -5.45 -100.51 -6.40
C LYS B 134 -6.96 -100.31 -6.53
N ASP B 135 -7.38 -99.69 -7.63
CA ASP B 135 -8.82 -99.49 -7.83
C ASP B 135 -9.50 -100.83 -8.07
N VAL B 136 -10.38 -101.20 -7.17
CA VAL B 136 -11.11 -102.45 -7.26
C VAL B 136 -12.61 -102.21 -7.28
N ARG B 137 -13.30 -102.91 -8.17
CA ARG B 137 -14.75 -102.80 -8.26
C ARG B 137 -15.31 -104.21 -8.18
N ILE B 138 -16.14 -104.48 -7.18
CA ILE B 138 -16.74 -105.79 -7.04
C ILE B 138 -18.21 -105.72 -7.40
N LEU B 139 -18.58 -106.43 -8.46
CA LEU B 139 -19.97 -106.44 -8.87
C LEU B 139 -20.60 -107.69 -8.30
N ILE B 140 -21.80 -107.55 -7.74
CA ILE B 140 -22.51 -108.68 -7.17
C ILE B 140 -23.91 -108.65 -7.79
N PHE B 141 -24.12 -109.46 -8.83
CA PHE B 141 -25.42 -109.52 -9.50
C PHE B 141 -26.38 -110.37 -8.68
N VAL B 142 -27.53 -109.80 -8.33
CA VAL B 142 -28.49 -110.51 -7.50
C VAL B 142 -29.93 -110.36 -7.95
N THR B 143 -30.82 -111.10 -7.27
CA THR B 143 -32.25 -111.05 -7.51
C THR B 143 -32.86 -110.93 -6.12
N PRO B 144 -34.13 -110.51 -6.02
CA PRO B 144 -34.79 -110.35 -4.71
C PRO B 144 -35.16 -111.63 -3.96
N THR B 145 -35.37 -112.71 -4.71
CA THR B 145 -35.77 -114.00 -4.18
C THR B 145 -34.62 -114.87 -3.66
N CYS B 146 -33.41 -114.55 -4.07
CA CYS B 146 -32.21 -115.28 -3.68
C CYS B 146 -31.76 -114.94 -2.24
N PRO B 147 -31.95 -115.89 -1.30
CA PRO B 147 -31.57 -115.69 0.11
C PRO B 147 -30.07 -115.67 0.44
N TYR B 148 -29.24 -116.18 -0.47
CA TYR B 148 -27.81 -116.19 -0.25
C TYR B 148 -27.13 -114.97 -0.87
N CYS B 149 -27.81 -114.35 -1.83
CA CYS B 149 -27.29 -113.15 -2.49
C CYS B 149 -26.89 -112.04 -1.51
N PRO B 150 -27.73 -111.78 -0.50
CA PRO B 150 -27.42 -110.73 0.49
C PRO B 150 -26.07 -110.96 1.18
N LEU B 151 -25.72 -112.22 1.39
CA LEU B 151 -24.46 -112.58 2.05
C LEU B 151 -23.26 -112.17 1.19
N ALA B 152 -23.38 -112.30 -0.12
CA ALA B 152 -22.28 -111.91 -1.02
C ALA B 152 -22.18 -110.39 -1.11
N VAL B 153 -23.33 -109.73 -1.15
CA VAL B 153 -23.36 -108.27 -1.22
C VAL B 153 -22.71 -107.67 0.02
N ARG B 154 -23.09 -108.21 1.19
CA ARG B 154 -22.56 -107.72 2.46
C ARG B 154 -21.07 -107.94 2.60
N MET B 155 -20.58 -109.10 2.18
CA MET B 155 -19.15 -109.40 2.27
C MET B 155 -18.38 -108.35 1.47
N ALA B 156 -18.83 -108.07 0.25
CA ALA B 156 -18.19 -107.07 -0.59
C ALA B 156 -18.26 -105.68 0.04
N HIS B 157 -19.37 -105.37 0.69
CA HIS B 157 -19.49 -104.06 1.32
C HIS B 157 -18.62 -103.91 2.56
N LYS B 158 -18.36 -105.02 3.24
CA LYS B 158 -17.49 -105.00 4.42
C LYS B 158 -16.06 -104.76 3.97
N PHE B 159 -15.69 -105.34 2.83
CA PHE B 159 -14.34 -105.13 2.28
C PHE B 159 -14.18 -103.65 1.95
N ALA B 160 -15.21 -103.06 1.35
CA ALA B 160 -15.16 -101.65 0.99
C ALA B 160 -15.07 -100.80 2.25
N ILE B 161 -15.84 -101.14 3.27
CA ILE B 161 -15.82 -100.38 4.51
C ILE B 161 -14.46 -100.41 5.19
N GLU B 162 -13.86 -101.58 5.32
CA GLU B 162 -12.56 -101.69 5.97
C GLU B 162 -11.48 -101.01 5.12
N ASN B 163 -11.57 -101.13 3.81
CA ASN B 163 -10.58 -100.51 2.94
C ASN B 163 -10.65 -98.99 3.06
N THR B 164 -11.84 -98.48 3.35
CA THR B 164 -12.03 -97.03 3.53
C THR B 164 -11.44 -96.66 4.88
N LYS B 165 -11.72 -97.47 5.89
CA LYS B 165 -11.22 -97.26 7.23
C LYS B 165 -9.69 -97.23 7.21
N ALA B 166 -9.11 -98.08 6.36
CA ALA B 166 -7.65 -98.14 6.24
C ALA B 166 -7.09 -96.90 5.55
N GLY B 167 -7.98 -95.99 5.14
CA GLY B 167 -7.53 -94.77 4.49
C GLY B 167 -7.18 -94.93 3.02
N LYS B 168 -7.56 -96.05 2.41
CA LYS B 168 -7.29 -96.28 0.99
C LYS B 168 -8.51 -95.85 0.21
N GLY B 169 -9.67 -96.41 0.55
CA GLY B 169 -10.91 -96.05 -0.12
C GLY B 169 -10.91 -96.41 -1.60
N LYS B 170 -10.22 -97.49 -1.95
CA LYS B 170 -10.14 -97.90 -3.35
C LYS B 170 -11.03 -99.07 -3.73
N ILE B 171 -11.72 -99.68 -2.77
CA ILE B 171 -12.61 -100.79 -3.07
C ILE B 171 -14.07 -100.36 -3.20
N LEU B 172 -14.69 -100.74 -4.32
CA LEU B 172 -16.09 -100.44 -4.56
C LEU B 172 -16.91 -101.73 -4.52
N GLY B 173 -17.90 -101.79 -3.65
CA GLY B 173 -18.74 -102.97 -3.55
C GLY B 173 -20.06 -102.58 -4.16
N ASP B 174 -20.37 -103.16 -5.32
CA ASP B 174 -21.59 -102.82 -6.01
C ASP B 174 -22.62 -103.91 -6.19
N MET B 175 -23.71 -103.79 -5.43
CA MET B 175 -24.78 -104.75 -5.56
C MET B 175 -25.48 -104.33 -6.84
N VAL B 176 -25.82 -105.30 -7.68
CA VAL B 176 -26.48 -105.01 -8.94
C VAL B 176 -27.75 -105.84 -9.06
N GLU B 177 -28.89 -105.17 -9.00
CA GLU B 177 -30.18 -105.84 -9.10
C GLU B 177 -30.32 -106.26 -10.57
N ALA B 178 -30.11 -107.55 -10.82
CA ALA B 178 -30.17 -108.12 -12.18
C ALA B 178 -31.43 -107.85 -12.99
N ILE B 179 -32.59 -107.82 -12.33
CA ILE B 179 -33.83 -107.57 -13.04
C ILE B 179 -33.87 -106.14 -13.58
N GLU B 180 -33.31 -105.21 -12.82
CA GLU B 180 -33.28 -103.80 -13.19
C GLU B 180 -32.15 -103.50 -14.18
N TYR B 181 -31.10 -104.33 -14.17
CA TYR B 181 -29.97 -104.13 -15.07
C TYR B 181 -29.69 -105.36 -15.94
N PRO B 182 -30.64 -105.71 -16.82
CA PRO B 182 -30.51 -106.87 -17.71
C PRO B 182 -29.32 -106.84 -18.65
N GLU B 183 -29.06 -105.66 -19.23
CA GLU B 183 -27.95 -105.51 -20.16
C GLU B 183 -26.63 -105.79 -19.44
N TRP B 184 -26.46 -105.12 -18.30
CA TRP B 184 -25.25 -105.28 -17.52
C TRP B 184 -25.09 -106.75 -17.14
N ALA B 185 -26.19 -107.37 -16.72
CA ALA B 185 -26.15 -108.78 -16.34
C ALA B 185 -25.85 -109.66 -17.56
N ASP B 186 -26.41 -109.34 -18.73
CA ASP B 186 -26.13 -110.14 -19.92
C ASP B 186 -24.64 -110.03 -20.29
N GLN B 187 -24.04 -108.87 -20.02
CA GLN B 187 -22.64 -108.66 -20.32
C GLN B 187 -21.76 -109.65 -19.57
N TYR B 188 -22.22 -110.09 -18.41
CA TYR B 188 -21.45 -111.02 -17.61
C TYR B 188 -22.13 -112.40 -17.56
N ASN B 189 -22.94 -112.67 -18.57
CA ASN B 189 -23.62 -113.96 -18.69
C ASN B 189 -24.19 -114.43 -17.37
N VAL B 190 -24.92 -113.56 -16.67
CA VAL B 190 -25.50 -113.93 -15.40
C VAL B 190 -26.75 -114.81 -15.57
N MET B 191 -26.73 -115.95 -14.92
CA MET B 191 -27.85 -116.88 -14.93
C MET B 191 -28.13 -117.18 -13.47
N ALA B 192 -27.26 -117.99 -12.86
CA ALA B 192 -27.43 -118.31 -11.46
C ALA B 192 -26.93 -117.11 -10.65
N VAL B 193 -27.50 -116.93 -9.46
CA VAL B 193 -27.10 -115.83 -8.60
C VAL B 193 -26.82 -116.34 -7.20
N PRO B 194 -25.98 -115.63 -6.43
CA PRO B 194 -25.34 -114.39 -6.87
C PRO B 194 -24.14 -114.66 -7.77
N LYS B 195 -23.80 -113.68 -8.61
CA LYS B 195 -22.63 -113.81 -9.46
C LYS B 195 -21.72 -112.65 -9.16
N ILE B 196 -20.45 -112.94 -8.91
CA ILE B 196 -19.49 -111.92 -8.59
C ILE B 196 -18.41 -111.68 -9.65
N VAL B 197 -18.16 -110.41 -9.92
CA VAL B 197 -17.16 -110.00 -10.87
C VAL B 197 -16.23 -109.02 -10.16
N ILE B 198 -14.96 -109.38 -10.09
CA ILE B 198 -13.99 -108.51 -9.43
C ILE B 198 -13.13 -107.85 -10.51
N GLN B 199 -13.21 -106.52 -10.59
CA GLN B 199 -12.42 -105.78 -11.55
C GLN B 199 -11.31 -105.04 -10.84
N VAL B 200 -10.14 -105.00 -11.47
CA VAL B 200 -9.01 -104.28 -10.91
C VAL B 200 -8.63 -103.28 -11.99
N ASN B 201 -8.66 -102.00 -11.63
CA ASN B 201 -8.36 -100.93 -12.56
C ASN B 201 -9.24 -100.95 -13.81
N GLY B 202 -10.50 -101.34 -13.64
CA GLY B 202 -11.42 -101.37 -14.77
C GLY B 202 -11.51 -102.64 -15.59
N GLU B 203 -10.58 -103.58 -15.42
CA GLU B 203 -10.62 -104.81 -16.19
C GLU B 203 -11.02 -106.03 -15.34
N ASP B 204 -11.83 -106.90 -15.93
CA ASP B 204 -12.31 -108.10 -15.25
C ASP B 204 -11.15 -109.05 -14.99
N LYS B 205 -11.00 -109.45 -13.73
CA LYS B 205 -9.92 -110.34 -13.34
C LYS B 205 -10.44 -111.67 -12.83
N VAL B 206 -11.46 -111.62 -11.99
CA VAL B 206 -12.03 -112.84 -11.43
C VAL B 206 -13.55 -112.84 -11.44
N GLN B 207 -14.12 -114.01 -11.69
CA GLN B 207 -15.57 -114.21 -11.72
C GLN B 207 -15.93 -115.53 -11.07
N PHE B 208 -17.00 -115.55 -10.29
CA PHE B 208 -17.46 -116.77 -9.65
C PHE B 208 -18.94 -116.65 -9.26
N GLU B 209 -19.56 -117.78 -8.94
CA GLU B 209 -20.97 -117.81 -8.54
C GLU B 209 -21.12 -118.36 -7.12
N GLY B 210 -22.13 -117.87 -6.41
CA GLY B 210 -22.34 -118.34 -5.05
C GLY B 210 -21.81 -117.39 -4.01
N ALA B 211 -22.41 -117.41 -2.82
CA ALA B 211 -22.01 -116.55 -1.72
C ALA B 211 -20.85 -117.15 -0.93
N TYR B 212 -19.65 -117.03 -1.48
CA TYR B 212 -18.44 -117.54 -0.84
C TYR B 212 -18.25 -116.98 0.58
N PRO B 213 -17.85 -117.85 1.53
CA PRO B 213 -17.61 -117.44 2.91
C PRO B 213 -16.40 -116.49 2.92
N GLU B 214 -16.26 -115.71 3.99
CA GLU B 214 -15.19 -114.72 4.13
C GLU B 214 -13.80 -115.09 3.61
N LYS B 215 -13.20 -116.13 4.16
CA LYS B 215 -11.87 -116.54 3.74
C LYS B 215 -11.78 -116.76 2.22
N MET B 216 -12.72 -117.52 1.68
CA MET B 216 -12.72 -117.82 0.25
C MET B 216 -12.96 -116.60 -0.64
N PHE B 217 -13.89 -115.75 -0.25
CA PHE B 217 -14.20 -114.55 -1.01
C PHE B 217 -12.92 -113.69 -0.99
N LEU B 218 -12.30 -113.57 0.18
CA LEU B 218 -11.08 -112.80 0.32
C LEU B 218 -9.97 -113.33 -0.58
N GLU B 219 -9.87 -114.66 -0.70
CA GLU B 219 -8.84 -115.26 -1.55
C GLU B 219 -9.06 -114.88 -3.02
N LYS B 220 -10.31 -114.85 -3.45
CA LYS B 220 -10.63 -114.48 -4.83
C LYS B 220 -10.22 -113.04 -5.09
N LEU B 221 -10.53 -112.17 -4.13
CA LEU B 221 -10.18 -110.75 -4.25
C LEU B 221 -8.67 -110.60 -4.33
N LEU B 222 -7.95 -111.26 -3.43
CA LEU B 222 -6.50 -111.18 -3.43
C LEU B 222 -5.94 -111.74 -4.72
N SER B 223 -6.54 -112.83 -5.18
CA SER B 223 -6.13 -113.48 -6.42
C SER B 223 -6.24 -112.52 -7.60
N ALA B 224 -7.31 -111.73 -7.61
CA ALA B 224 -7.56 -110.77 -8.69
C ALA B 224 -6.53 -109.64 -8.73
N LEU B 225 -5.83 -109.42 -7.63
CA LEU B 225 -4.83 -108.37 -7.55
C LEU B 225 -3.45 -108.93 -7.87
N SER B 226 -3.35 -110.26 -7.94
CA SER B 226 -2.09 -110.93 -8.24
C SER B 226 -1.44 -110.30 -9.46
N GLY C 2 -58.35 28.83 -24.19
CA GLY C 2 -56.87 28.82 -24.16
C GLY C 2 -56.30 27.48 -24.58
N LEU C 3 -55.15 27.51 -25.25
CA LEU C 3 -54.50 26.30 -25.72
C LEU C 3 -54.08 25.39 -24.58
N ILE C 4 -53.74 25.96 -23.44
CA ILE C 4 -53.31 25.18 -22.29
C ILE C 4 -54.40 25.16 -21.20
N SER C 5 -54.62 23.99 -20.62
CA SER C 5 -55.63 23.86 -19.57
C SER C 5 -55.09 24.32 -18.23
N GLU C 6 -55.99 24.66 -17.31
CA GLU C 6 -55.62 25.11 -15.99
C GLU C 6 -54.72 24.13 -15.26
N GLU C 7 -55.03 22.84 -15.39
CA GLU C 7 -54.24 21.80 -14.73
C GLU C 7 -52.78 21.83 -15.21
N ASP C 8 -52.60 21.93 -16.52
CA ASP C 8 -51.26 21.95 -17.09
C ASP C 8 -50.50 23.20 -16.68
N LYS C 9 -51.14 24.36 -16.73
CA LYS C 9 -50.48 25.61 -16.34
C LYS C 9 -49.97 25.46 -14.91
N ARG C 10 -50.77 24.80 -14.07
CA ARG C 10 -50.38 24.59 -12.68
C ARG C 10 -49.16 23.68 -12.65
N ILE C 11 -49.22 22.58 -13.40
CA ILE C 11 -48.12 21.62 -13.47
C ILE C 11 -46.86 22.33 -13.95
N ILE C 12 -46.99 23.07 -15.05
CA ILE C 12 -45.88 23.80 -15.65
C ILE C 12 -45.23 24.77 -14.66
N LYS C 13 -46.05 25.49 -13.90
CA LYS C 13 -45.51 26.43 -12.93
C LYS C 13 -44.77 25.72 -11.81
N GLU C 14 -45.34 24.64 -11.31
CA GLU C 14 -44.71 23.91 -10.22
C GLU C 14 -43.48 23.11 -10.61
N GLU C 15 -43.59 22.37 -11.71
CA GLU C 15 -42.49 21.52 -12.17
C GLU C 15 -41.37 22.21 -12.96
N PHE C 16 -41.68 23.29 -13.66
CA PHE C 16 -40.65 23.95 -14.46
C PHE C 16 -40.27 25.37 -14.08
N PHE C 17 -41.17 26.31 -14.35
CA PHE C 17 -40.90 27.72 -14.10
C PHE C 17 -40.53 28.07 -12.68
N SER C 18 -40.98 27.27 -11.71
CA SER C 18 -40.66 27.55 -10.32
C SER C 18 -39.15 27.44 -10.09
N LYS C 19 -38.45 26.82 -11.03
CA LYS C 19 -37.00 26.65 -10.90
C LYS C 19 -36.22 27.72 -11.64
N MET C 20 -36.92 28.63 -12.30
CA MET C 20 -36.24 29.69 -13.04
C MET C 20 -35.47 30.63 -12.13
N VAL C 21 -34.39 31.18 -12.66
CA VAL C 21 -33.57 32.10 -11.89
C VAL C 21 -33.50 33.42 -12.61
N ASN C 22 -32.84 33.44 -13.77
CA ASN C 22 -32.75 34.67 -14.54
C ASN C 22 -33.94 34.75 -15.47
N PRO C 23 -34.39 35.98 -15.79
CA PRO C 23 -35.54 36.14 -16.68
C PRO C 23 -35.23 35.60 -18.08
N VAL C 24 -36.25 35.05 -18.73
CA VAL C 24 -36.08 34.53 -20.07
C VAL C 24 -37.02 35.25 -21.03
N LYS C 25 -36.51 35.61 -22.20
CA LYS C 25 -37.36 36.27 -23.18
C LYS C 25 -37.40 35.42 -24.43
N LEU C 26 -38.61 35.00 -24.79
CA LEU C 26 -38.84 34.18 -25.97
C LEU C 26 -39.02 35.15 -27.14
N ILE C 27 -38.05 35.20 -28.04
CA ILE C 27 -38.13 36.08 -29.20
C ILE C 27 -38.61 35.26 -30.39
N VAL C 28 -39.83 35.54 -30.84
CA VAL C 28 -40.45 34.81 -31.95
C VAL C 28 -40.48 35.61 -33.25
N PHE C 29 -39.90 35.05 -34.30
CA PHE C 29 -39.87 35.71 -35.60
C PHE C 29 -40.92 35.09 -36.54
N ILE C 30 -41.81 35.92 -37.06
CA ILE C 30 -42.85 35.46 -37.97
C ILE C 30 -42.95 36.34 -39.22
N GLY C 31 -42.92 35.70 -40.39
CA GLY C 31 -42.99 36.43 -41.64
C GLY C 31 -44.19 36.11 -42.52
N LYS C 32 -43.98 36.06 -43.83
CA LYS C 32 -45.05 35.79 -44.80
C LYS C 32 -45.14 34.36 -45.30
N GLU C 33 -44.07 33.57 -45.12
CA GLU C 33 -44.11 32.21 -45.62
C GLU C 33 -45.34 31.42 -45.20
N HIS C 34 -45.63 30.35 -45.94
CA HIS C 34 -46.77 29.49 -45.66
C HIS C 34 -46.58 28.89 -44.28
N CYS C 35 -47.41 29.31 -43.33
CA CYS C 35 -47.34 28.82 -41.96
C CYS C 35 -48.77 28.81 -41.42
N GLN C 36 -49.43 27.67 -41.59
CA GLN C 36 -50.81 27.52 -41.17
C GLN C 36 -51.07 27.67 -39.67
N TYR C 37 -50.12 27.30 -38.83
CA TYR C 37 -50.33 27.40 -37.38
C TYR C 37 -49.50 28.44 -36.66
N CYS C 38 -48.99 29.41 -37.41
CA CYS C 38 -48.20 30.48 -36.81
C CYS C 38 -48.90 31.23 -35.70
N ASP C 39 -50.21 31.42 -35.83
CA ASP C 39 -50.95 32.13 -34.80
C ASP C 39 -50.96 31.35 -33.50
N GLN C 40 -50.95 30.01 -33.59
CA GLN C 40 -50.94 29.20 -32.39
C GLN C 40 -49.57 29.27 -31.72
N LEU C 41 -48.53 29.52 -32.50
CA LEU C 41 -47.19 29.66 -31.95
C LEU C 41 -47.16 30.92 -31.08
N LYS C 42 -47.75 31.99 -31.58
CA LYS C 42 -47.78 33.26 -30.86
C LYS C 42 -48.60 33.11 -29.60
N GLN C 43 -49.72 32.43 -29.73
CA GLN C 43 -50.61 32.22 -28.60
C GLN C 43 -49.96 31.33 -27.54
N LEU C 44 -49.17 30.37 -27.98
CA LEU C 44 -48.49 29.47 -27.07
C LEU C 44 -47.46 30.21 -26.20
N VAL C 45 -46.63 31.05 -26.82
CA VAL C 45 -45.62 31.79 -26.07
C VAL C 45 -46.27 32.79 -25.13
N GLN C 46 -47.39 33.37 -25.55
CA GLN C 46 -48.11 34.32 -24.71
C GLN C 46 -48.64 33.62 -23.45
N GLU C 47 -49.29 32.47 -23.65
CA GLU C 47 -49.84 31.72 -22.52
C GLU C 47 -48.76 31.30 -21.52
N LEU C 48 -47.64 30.81 -22.02
CA LEU C 48 -46.54 30.39 -21.13
C LEU C 48 -46.00 31.62 -20.39
N SER C 49 -45.77 32.70 -21.13
CA SER C 49 -45.25 33.93 -20.56
C SER C 49 -46.10 34.50 -19.43
N GLU C 50 -47.41 34.27 -19.49
CA GLU C 50 -48.31 34.78 -18.45
C GLU C 50 -48.18 33.98 -17.14
N LEU C 51 -47.53 32.83 -17.20
CA LEU C 51 -47.39 31.98 -16.03
C LEU C 51 -46.37 32.43 -15.01
N THR C 52 -45.48 33.34 -15.38
CA THR C 52 -44.46 33.81 -14.45
C THR C 52 -43.87 35.14 -14.88
N ASP C 53 -43.54 35.98 -13.90
CA ASP C 53 -42.95 37.27 -14.19
C ASP C 53 -41.50 37.13 -14.58
N LYS C 54 -41.04 35.89 -14.73
CA LYS C 54 -39.66 35.64 -15.13
C LYS C 54 -39.60 35.27 -16.61
N LEU C 55 -40.77 35.13 -17.23
CA LEU C 55 -40.83 34.77 -18.64
C LEU C 55 -41.62 35.79 -19.44
N SER C 56 -41.06 36.22 -20.56
CA SER C 56 -41.75 37.18 -21.42
C SER C 56 -41.47 36.80 -22.88
N TYR C 57 -42.15 37.47 -23.80
CA TYR C 57 -41.95 37.17 -25.22
C TYR C 57 -42.14 38.43 -26.06
N GLU C 58 -41.72 38.33 -27.32
CA GLU C 58 -41.88 39.42 -28.27
C GLU C 58 -42.04 38.83 -29.66
N ILE C 59 -43.14 39.18 -30.33
CA ILE C 59 -43.38 38.71 -31.68
C ILE C 59 -42.74 39.72 -32.62
N VAL C 60 -41.70 39.28 -33.33
CA VAL C 60 -41.00 40.16 -34.27
C VAL C 60 -41.54 39.92 -35.68
N ASP C 61 -41.76 41.00 -36.42
CA ASP C 61 -42.24 40.90 -37.78
C ASP C 61 -41.02 40.68 -38.67
N PHE C 62 -40.82 39.43 -39.08
CA PHE C 62 -39.68 39.06 -39.93
C PHE C 62 -39.75 39.73 -41.31
N ASP C 63 -40.94 40.14 -41.72
CA ASP C 63 -41.10 40.78 -43.03
C ASP C 63 -40.88 42.29 -43.01
N THR C 64 -39.96 42.76 -42.17
CA THR C 64 -39.67 44.19 -42.13
C THR C 64 -38.18 44.39 -41.96
N PRO C 65 -37.67 45.57 -42.33
CA PRO C 65 -36.23 45.78 -42.18
C PRO C 65 -35.77 45.75 -40.71
N GLU C 66 -36.59 46.27 -39.80
CA GLU C 66 -36.23 46.24 -38.37
C GLU C 66 -36.24 44.79 -37.89
N GLY C 67 -37.23 44.04 -38.36
CA GLY C 67 -37.34 42.63 -37.98
C GLY C 67 -36.17 41.80 -38.48
N LYS C 68 -35.72 42.07 -39.70
CA LYS C 68 -34.61 41.31 -40.28
C LYS C 68 -33.30 41.67 -39.60
N GLU C 69 -33.18 42.91 -39.17
CA GLU C 69 -31.97 43.35 -38.49
C GLU C 69 -31.87 42.60 -37.16
N LEU C 70 -33.00 42.52 -36.45
CA LEU C 70 -33.05 41.82 -35.17
C LEU C 70 -32.76 40.35 -35.43
N ALA C 71 -33.35 39.79 -36.47
CA ALA C 71 -33.15 38.38 -36.83
C ALA C 71 -31.67 38.09 -37.06
N GLU C 72 -30.97 39.00 -37.73
CA GLU C 72 -29.55 38.81 -37.99
C GLU C 72 -28.74 38.81 -36.69
N LYS C 73 -29.09 39.70 -35.76
CA LYS C 73 -28.39 39.76 -34.48
C LYS C 73 -28.51 38.45 -33.73
N TYR C 74 -29.66 37.79 -33.87
CA TYR C 74 -29.89 36.52 -33.20
C TYR C 74 -29.60 35.31 -34.07
N ARG C 75 -28.89 35.55 -35.17
CA ARG C 75 -28.50 34.50 -36.09
C ARG C 75 -29.66 33.63 -36.58
N ILE C 76 -30.74 34.29 -36.97
CA ILE C 76 -31.94 33.64 -37.48
C ILE C 76 -32.04 33.93 -38.97
N ASP C 77 -32.04 32.89 -39.80
CA ASP C 77 -32.09 33.07 -41.25
C ASP C 77 -33.44 32.82 -41.92
N ARG C 78 -34.46 32.46 -41.14
CA ARG C 78 -35.78 32.18 -41.71
C ARG C 78 -36.87 32.11 -40.64
N ALA C 79 -38.12 32.22 -41.08
CA ALA C 79 -39.26 32.18 -40.17
C ALA C 79 -40.23 31.06 -40.56
N PRO C 80 -41.03 30.57 -39.60
CA PRO C 80 -41.07 31.01 -38.19
C PRO C 80 -39.93 30.43 -37.37
N ALA C 81 -39.46 31.20 -36.39
CA ALA C 81 -38.37 30.77 -35.52
C ALA C 81 -38.50 31.42 -34.15
N THR C 82 -38.11 30.67 -33.12
CA THR C 82 -38.15 31.15 -31.75
C THR C 82 -36.78 30.92 -31.11
N THR C 83 -36.20 31.96 -30.53
CA THR C 83 -34.91 31.82 -29.86
C THR C 83 -35.15 32.08 -28.37
N ILE C 84 -34.69 31.14 -27.54
CA ILE C 84 -34.88 31.25 -26.10
C ILE C 84 -33.69 31.96 -25.47
N THR C 85 -33.89 33.24 -25.13
CA THR C 85 -32.85 34.05 -24.55
C THR C 85 -32.92 34.24 -23.04
N GLN C 86 -31.77 34.48 -22.44
CA GLN C 86 -31.70 34.74 -21.01
C GLN C 86 -31.72 36.25 -20.90
N ASP C 87 -32.91 36.81 -20.69
CA ASP C 87 -33.07 38.25 -20.59
C ASP C 87 -32.47 38.95 -21.80
N GLY C 88 -32.69 38.37 -22.99
CA GLY C 88 -32.17 38.95 -24.22
C GLY C 88 -30.86 38.39 -24.75
N LYS C 89 -30.11 37.71 -23.90
CA LYS C 89 -28.83 37.13 -24.30
C LYS C 89 -29.03 35.86 -25.14
N ASP C 90 -28.36 35.80 -26.28
CA ASP C 90 -28.45 34.68 -27.21
C ASP C 90 -27.68 33.44 -26.71
N PHE C 91 -28.38 32.33 -26.51
CA PHE C 91 -27.72 31.10 -26.04
C PHE C 91 -27.69 30.00 -27.11
N GLY C 92 -28.07 30.34 -28.34
CA GLY C 92 -28.05 29.35 -29.41
C GLY C 92 -29.14 28.30 -29.26
N VAL C 93 -30.17 28.60 -28.49
CA VAL C 93 -31.28 27.65 -28.29
C VAL C 93 -32.46 28.11 -29.14
N ARG C 94 -32.67 27.47 -30.28
CA ARG C 94 -33.76 27.87 -31.17
C ARG C 94 -34.70 26.76 -31.63
N TYR C 95 -35.93 27.15 -31.92
CA TYR C 95 -36.96 26.23 -32.40
C TYR C 95 -37.51 26.81 -33.70
N PHE C 96 -37.45 26.02 -34.76
CA PHE C 96 -37.98 26.44 -36.04
C PHE C 96 -39.27 25.66 -36.23
N GLY C 97 -40.38 26.34 -35.95
CA GLY C 97 -41.68 25.71 -36.04
C GLY C 97 -42.27 25.70 -34.65
N ILE C 98 -43.50 25.20 -34.51
CA ILE C 98 -44.13 25.18 -33.20
C ILE C 98 -43.73 23.93 -32.41
N PRO C 99 -43.50 24.09 -31.10
CA PRO C 99 -43.10 22.98 -30.22
C PRO C 99 -44.32 22.17 -29.76
N ALA C 100 -45.04 21.56 -30.70
CA ALA C 100 -46.22 20.79 -30.34
C ALA C 100 -45.89 19.35 -29.98
N GLY C 101 -46.88 18.63 -29.46
CA GLY C 101 -46.69 17.24 -29.10
C GLY C 101 -45.55 17.00 -28.12
N HIS C 102 -44.75 15.97 -28.39
CA HIS C 102 -43.63 15.65 -27.51
C HIS C 102 -42.56 16.70 -27.44
N GLU C 103 -42.62 17.68 -28.33
CA GLU C 103 -41.63 18.75 -28.34
C GLU C 103 -41.96 19.85 -27.33
N PHE C 104 -43.17 19.82 -26.79
CA PHE C 104 -43.60 20.84 -25.84
C PHE C 104 -42.80 20.81 -24.54
N ALA C 105 -42.66 19.63 -23.96
CA ALA C 105 -41.91 19.51 -22.71
C ALA C 105 -40.45 19.93 -22.89
N ALA C 106 -39.87 19.60 -24.04
CA ALA C 106 -38.48 19.97 -24.29
C ALA C 106 -38.36 21.49 -24.30
N PHE C 107 -39.38 22.16 -24.84
CA PHE C 107 -39.41 23.62 -24.91
C PHE C 107 -39.38 24.18 -23.49
N LEU C 108 -40.17 23.57 -22.61
CA LEU C 108 -40.26 23.98 -21.22
C LEU C 108 -38.94 23.78 -20.47
N GLU C 109 -38.28 22.66 -20.72
CA GLU C 109 -37.02 22.37 -20.08
C GLU C 109 -35.95 23.37 -20.54
N ASP C 110 -35.96 23.69 -21.83
CA ASP C 110 -34.99 24.63 -22.38
C ASP C 110 -35.15 26.00 -21.74
N ILE C 111 -36.39 26.38 -21.48
CA ILE C 111 -36.65 27.67 -20.85
C ILE C 111 -35.97 27.71 -19.48
N VAL C 112 -36.06 26.60 -18.73
CA VAL C 112 -35.47 26.52 -17.40
C VAL C 112 -33.94 26.52 -17.48
N ASP C 113 -33.40 25.71 -18.39
CA ASP C 113 -31.95 25.63 -18.54
C ASP C 113 -31.33 26.97 -18.95
N VAL C 114 -32.00 27.69 -19.84
CA VAL C 114 -31.49 28.98 -20.28
C VAL C 114 -31.64 30.00 -19.16
N SER C 115 -32.69 29.86 -18.36
CA SER C 115 -32.91 30.78 -17.25
C SER C 115 -31.76 30.68 -16.25
N LYS C 116 -31.34 29.45 -15.98
CA LYS C 116 -30.26 29.19 -15.04
C LYS C 116 -28.90 29.27 -15.75
N GLY C 117 -28.92 29.14 -17.07
CA GLY C 117 -27.68 29.17 -17.82
C GLY C 117 -26.83 27.95 -17.47
N ASP C 118 -27.50 26.82 -17.28
CA ASP C 118 -26.82 25.58 -16.88
C ASP C 118 -27.42 24.35 -17.56
N THR C 119 -26.67 23.24 -17.51
CA THR C 119 -27.14 21.97 -18.09
C THR C 119 -26.69 20.84 -17.17
N ASP C 120 -27.17 19.63 -17.44
CA ASP C 120 -26.81 18.48 -16.62
C ASP C 120 -25.82 17.57 -17.34
N LEU C 121 -25.18 18.11 -18.38
CA LEU C 121 -24.21 17.34 -19.15
C LEU C 121 -23.10 16.84 -18.25
N MET C 122 -22.46 15.74 -18.65
CA MET C 122 -21.36 15.17 -17.89
C MET C 122 -20.16 16.10 -17.99
N GLN C 123 -19.37 16.14 -16.92
CA GLN C 123 -18.18 16.99 -16.87
C GLN C 123 -17.31 16.88 -18.11
N ASP C 124 -17.12 15.65 -18.60
CA ASP C 124 -16.31 15.41 -19.78
C ASP C 124 -16.89 16.10 -21.02
N SER C 125 -18.22 16.07 -21.13
CA SER C 125 -18.89 16.71 -22.25
C SER C 125 -18.67 18.22 -22.16
N LYS C 126 -18.84 18.78 -20.96
CA LYS C 126 -18.65 20.21 -20.74
C LYS C 126 -17.26 20.66 -21.14
N GLU C 127 -16.26 19.88 -20.72
CA GLU C 127 -14.86 20.16 -21.02
C GLU C 127 -14.65 20.25 -22.54
N GLU C 128 -15.08 19.22 -23.26
CA GLU C 128 -14.92 19.21 -24.70
C GLU C 128 -15.70 20.31 -25.41
N VAL C 129 -16.95 20.52 -25.00
CA VAL C 129 -17.78 21.54 -25.64
C VAL C 129 -17.25 22.95 -25.44
N SER C 130 -16.69 23.22 -24.26
CA SER C 130 -16.17 24.55 -23.97
C SER C 130 -15.00 24.91 -24.86
N LYS C 131 -14.39 23.91 -25.47
CA LYS C 131 -13.25 24.14 -26.34
C LYS C 131 -13.64 24.54 -27.76
N ILE C 132 -14.83 24.11 -28.20
CA ILE C 132 -15.32 24.40 -29.55
C ILE C 132 -15.33 25.90 -29.84
N ASP C 133 -14.56 26.31 -30.84
CA ASP C 133 -14.47 27.73 -31.20
C ASP C 133 -14.78 28.03 -32.67
N LYS C 134 -15.35 27.06 -33.37
CA LYS C 134 -15.72 27.24 -34.78
C LYS C 134 -17.24 27.35 -34.85
N ASP C 135 -17.75 27.97 -35.90
CA ASP C 135 -19.20 28.11 -36.08
C ASP C 135 -19.86 26.77 -36.35
N VAL C 136 -20.71 26.34 -35.42
CA VAL C 136 -21.41 25.07 -35.54
C VAL C 136 -22.92 25.26 -35.52
N ARG C 137 -23.61 24.59 -36.45
CA ARG C 137 -25.06 24.66 -36.49
C ARG C 137 -25.58 23.24 -36.50
N ILE C 138 -26.34 22.88 -35.47
CA ILE C 138 -26.89 21.54 -35.37
C ILE C 138 -28.36 21.57 -35.72
N LEU C 139 -28.75 20.84 -36.77
CA LEU C 139 -30.14 20.78 -37.18
C LEU C 139 -30.72 19.46 -36.67
N ILE C 140 -31.88 19.53 -36.01
CA ILE C 140 -32.54 18.33 -35.52
C ILE C 140 -33.94 18.33 -36.09
N PHE C 141 -34.14 17.58 -37.18
CA PHE C 141 -35.45 17.50 -37.81
C PHE C 141 -36.37 16.59 -37.02
N VAL C 142 -37.55 17.09 -36.66
CA VAL C 142 -38.49 16.33 -35.85
C VAL C 142 -39.94 16.49 -36.28
N THR C 143 -40.80 15.65 -35.69
CA THR C 143 -42.24 15.70 -35.93
C THR C 143 -42.85 15.68 -34.55
N PRO C 144 -44.10 16.16 -34.42
CA PRO C 144 -44.83 16.22 -33.15
C PRO C 144 -45.01 14.91 -32.37
N THR C 145 -45.38 13.83 -33.06
CA THR C 145 -45.62 12.56 -32.35
C THR C 145 -44.38 11.70 -32.06
N CYS C 146 -43.21 12.17 -32.46
CA CYS C 146 -41.98 11.43 -32.21
C CYS C 146 -41.50 11.60 -30.76
N PRO C 147 -41.68 10.58 -29.92
CA PRO C 147 -41.28 10.62 -28.51
C PRO C 147 -39.78 10.71 -28.21
N TYR C 148 -38.95 10.26 -29.14
CA TYR C 148 -37.49 10.32 -28.93
C TYR C 148 -36.84 11.58 -29.48
N CYS C 149 -37.50 12.24 -30.42
CA CYS C 149 -36.99 13.47 -31.02
C CYS C 149 -36.59 14.55 -29.99
N PRO C 150 -37.39 14.74 -28.92
CA PRO C 150 -37.06 15.76 -27.91
C PRO C 150 -35.68 15.54 -27.28
N LEU C 151 -35.31 14.28 -27.10
CA LEU C 151 -34.03 13.94 -26.51
C LEU C 151 -32.88 14.45 -27.34
N ALA C 152 -33.04 14.42 -28.66
CA ALA C 152 -31.98 14.89 -29.54
C ALA C 152 -31.98 16.42 -29.54
N VAL C 153 -33.17 17.01 -29.55
CA VAL C 153 -33.31 18.45 -29.52
C VAL C 153 -32.66 18.98 -28.23
N ARG C 154 -32.99 18.37 -27.11
CA ARG C 154 -32.45 18.78 -25.81
C ARG C 154 -30.93 18.64 -25.73
N MET C 155 -30.40 17.56 -26.29
CA MET C 155 -28.96 17.35 -26.25
C MET C 155 -28.23 18.48 -27.00
N ALA C 156 -28.68 18.78 -28.21
CA ALA C 156 -28.07 19.83 -29.00
C ALA C 156 -28.14 21.17 -28.25
N HIS C 157 -29.29 21.45 -27.64
CA HIS C 157 -29.47 22.69 -26.90
C HIS C 157 -28.57 22.78 -25.67
N LYS C 158 -28.31 21.64 -25.01
CA LYS C 158 -27.44 21.65 -23.86
C LYS C 158 -26.04 22.00 -24.34
N PHE C 159 -25.68 21.52 -25.54
CA PHE C 159 -24.38 21.81 -26.11
C PHE C 159 -24.27 23.32 -26.38
N ALA C 160 -25.35 23.91 -26.88
CA ALA C 160 -25.36 25.33 -27.20
C ALA C 160 -25.28 26.15 -25.92
N ILE C 161 -25.94 25.69 -24.87
CA ILE C 161 -25.92 26.41 -23.60
C ILE C 161 -24.54 26.36 -22.95
N GLU C 162 -23.92 25.19 -22.94
CA GLU C 162 -22.60 25.04 -22.35
C GLU C 162 -21.54 25.86 -23.06
N ASN C 163 -21.61 25.90 -24.39
CA ASN C 163 -20.67 26.66 -25.20
C ASN C 163 -20.83 28.17 -24.94
N THR C 164 -22.08 28.61 -24.72
CA THR C 164 -22.34 30.02 -24.42
C THR C 164 -21.69 30.33 -23.07
N LYS C 165 -22.01 29.50 -22.10
CA LYS C 165 -21.51 29.60 -20.74
C LYS C 165 -19.98 29.57 -20.74
N ALA C 166 -19.39 28.88 -21.71
CA ALA C 166 -17.94 28.80 -21.83
C ALA C 166 -17.36 30.11 -22.42
N GLY C 167 -18.24 31.03 -22.79
CA GLY C 167 -17.79 32.29 -23.36
C GLY C 167 -17.47 32.22 -24.84
N LYS C 168 -17.90 31.15 -25.49
CA LYS C 168 -17.66 30.99 -26.93
C LYS C 168 -18.89 31.41 -27.71
N GLY C 169 -20.05 30.88 -27.30
CA GLY C 169 -21.30 31.21 -27.97
C GLY C 169 -21.30 30.94 -29.46
N LYS C 170 -20.67 29.84 -29.89
CA LYS C 170 -20.61 29.52 -31.30
C LYS C 170 -21.41 28.30 -31.75
N ILE C 171 -22.13 27.68 -30.82
CA ILE C 171 -22.93 26.52 -31.18
C ILE C 171 -24.42 26.84 -31.23
N LEU C 172 -25.03 26.59 -32.40
CA LEU C 172 -26.46 26.82 -32.54
C LEU C 172 -27.19 25.49 -32.54
N GLY C 173 -28.21 25.37 -31.70
CA GLY C 173 -29.00 24.15 -31.63
C GLY C 173 -30.34 24.47 -32.24
N ASP C 174 -30.62 23.91 -33.41
CA ASP C 174 -31.87 24.23 -34.09
C ASP C 174 -32.86 23.11 -34.32
N MET C 175 -33.91 23.09 -33.51
CA MET C 175 -34.96 22.11 -33.68
C MET C 175 -35.70 22.56 -34.94
N VAL C 176 -35.92 21.64 -35.87
CA VAL C 176 -36.63 21.97 -37.10
C VAL C 176 -37.85 21.06 -37.24
N GLU C 177 -39.03 21.67 -37.20
CA GLU C 177 -40.26 20.90 -37.34
C GLU C 177 -40.40 20.55 -38.83
N ALA C 178 -40.06 19.32 -39.18
CA ALA C 178 -40.09 18.83 -40.56
C ALA C 178 -41.38 19.06 -41.34
N ILE C 179 -42.53 18.95 -40.67
CA ILE C 179 -43.80 19.15 -41.35
C ILE C 179 -43.95 20.63 -41.73
N GLU C 180 -43.41 21.50 -40.89
CA GLU C 180 -43.47 22.93 -41.12
C GLU C 180 -42.46 23.39 -42.16
N TYR C 181 -41.34 22.68 -42.25
CA TYR C 181 -40.29 23.03 -43.20
C TYR C 181 -40.05 21.88 -44.19
N PRO C 182 -41.03 21.60 -45.07
CA PRO C 182 -40.89 20.52 -46.06
C PRO C 182 -39.67 20.63 -46.97
N GLU C 183 -39.40 21.83 -47.50
CA GLU C 183 -38.25 22.00 -48.37
C GLU C 183 -36.93 21.79 -47.65
N TRP C 184 -36.83 22.30 -46.42
CA TRP C 184 -35.61 22.15 -45.64
C TRP C 184 -35.43 20.67 -45.33
N ALA C 185 -36.52 20.01 -44.96
CA ALA C 185 -36.49 18.58 -44.64
C ALA C 185 -36.12 17.80 -45.90
N ASP C 186 -36.70 18.18 -47.04
CA ASP C 186 -36.41 17.51 -48.30
C ASP C 186 -34.93 17.64 -48.65
N GLN C 187 -34.36 18.80 -48.37
CA GLN C 187 -32.95 19.06 -48.64
C GLN C 187 -32.04 18.03 -47.96
N TYR C 188 -32.42 17.61 -46.76
CA TYR C 188 -31.62 16.66 -46.03
C TYR C 188 -32.21 15.26 -46.01
N ASN C 189 -33.00 14.97 -47.05
CA ASN C 189 -33.64 13.67 -47.22
C ASN C 189 -34.18 13.10 -45.92
N VAL C 190 -34.95 13.91 -45.21
CA VAL C 190 -35.54 13.51 -43.95
C VAL C 190 -36.77 12.63 -44.13
N MET C 191 -36.83 11.55 -43.37
CA MET C 191 -37.98 10.66 -43.41
C MET C 191 -38.16 10.20 -41.97
N ALA C 192 -37.25 9.36 -41.51
CA ALA C 192 -37.29 8.88 -40.13
C ALA C 192 -36.76 10.01 -39.25
N VAL C 193 -37.34 10.18 -38.07
CA VAL C 193 -36.92 11.22 -37.14
C VAL C 193 -36.54 10.61 -35.79
N PRO C 194 -35.66 11.29 -35.03
CA PRO C 194 -35.04 12.57 -35.39
C PRO C 194 -33.84 12.43 -36.33
N LYS C 195 -33.63 13.44 -37.16
CA LYS C 195 -32.49 13.42 -38.07
C LYS C 195 -31.63 14.61 -37.77
N ILE C 196 -30.39 14.33 -37.39
CA ILE C 196 -29.43 15.36 -37.04
C ILE C 196 -28.46 15.67 -38.18
N VAL C 197 -28.21 16.96 -38.36
CA VAL C 197 -27.29 17.44 -39.38
C VAL C 197 -26.35 18.39 -38.64
N ILE C 198 -25.05 18.12 -38.70
CA ILE C 198 -24.09 18.99 -38.03
C ILE C 198 -23.24 19.79 -39.02
N GLN C 199 -23.39 21.11 -38.99
CA GLN C 199 -22.63 21.97 -39.87
C GLN C 199 -21.52 22.69 -39.11
N VAL C 200 -20.45 22.99 -39.82
CA VAL C 200 -19.33 23.71 -39.26
C VAL C 200 -18.98 24.74 -40.32
N ASN C 201 -18.95 26.00 -39.92
CA ASN C 201 -18.63 27.09 -40.85
C ASN C 201 -19.57 27.14 -42.04
N GLY C 202 -20.81 26.71 -41.84
CA GLY C 202 -21.79 26.75 -42.91
C GLY C 202 -21.78 25.56 -43.85
N GLU C 203 -20.96 24.55 -43.57
CA GLU C 203 -20.90 23.38 -44.43
C GLU C 203 -21.37 22.12 -43.72
N ASP C 204 -22.17 21.31 -44.40
CA ASP C 204 -22.67 20.07 -43.82
C ASP C 204 -21.46 19.19 -43.53
N LYS C 205 -21.43 18.60 -42.35
CA LYS C 205 -20.30 17.76 -41.96
C LYS C 205 -20.70 16.35 -41.54
N VAL C 206 -21.69 16.26 -40.67
CA VAL C 206 -22.16 14.97 -40.18
C VAL C 206 -23.67 14.88 -40.19
N GLN C 207 -24.18 13.70 -40.50
CA GLN C 207 -25.62 13.46 -40.51
C GLN C 207 -25.91 12.06 -39.96
N PHE C 208 -26.96 11.93 -39.16
CA PHE C 208 -27.35 10.63 -38.62
C PHE C 208 -28.80 10.65 -38.16
N GLU C 209 -29.31 9.48 -37.82
CA GLU C 209 -30.69 9.37 -37.36
C GLU C 209 -30.78 8.74 -35.97
N GLY C 210 -31.78 9.18 -35.21
CA GLY C 210 -31.98 8.64 -33.88
C GLY C 210 -31.45 9.51 -32.76
N ALA C 211 -32.05 9.39 -31.58
CA ALA C 211 -31.63 10.15 -30.41
C ALA C 211 -30.43 9.50 -29.74
N TYR C 212 -29.24 9.79 -30.25
CA TYR C 212 -28.01 9.25 -29.70
C TYR C 212 -27.77 9.69 -28.25
N PRO C 213 -27.34 8.75 -27.39
CA PRO C 213 -27.06 9.08 -25.99
C PRO C 213 -25.95 10.14 -25.97
N GLU C 214 -25.84 10.87 -24.87
CA GLU C 214 -24.87 11.95 -24.72
C GLU C 214 -23.48 11.69 -25.30
N LYS C 215 -22.80 10.66 -24.80
CA LYS C 215 -21.46 10.34 -25.27
C LYS C 215 -21.35 10.19 -26.78
N MET C 216 -22.29 9.44 -27.37
CA MET C 216 -22.28 9.22 -28.80
C MET C 216 -22.59 10.49 -29.58
N PHE C 217 -23.56 11.25 -29.10
CA PHE C 217 -23.93 12.49 -29.76
C PHE C 217 -22.69 13.40 -29.76
N LEU C 218 -22.04 13.51 -28.60
CA LEU C 218 -20.86 14.35 -28.47
C LEU C 218 -19.74 13.92 -29.43
N GLU C 219 -19.58 12.62 -29.61
CA GLU C 219 -18.55 12.11 -30.52
C GLU C 219 -18.80 12.53 -31.97
N LYS C 220 -20.06 12.49 -32.39
CA LYS C 220 -20.39 12.88 -33.74
C LYS C 220 -20.05 14.35 -33.93
N LEU C 221 -20.35 15.14 -32.91
CA LEU C 221 -20.07 16.57 -32.94
C LEU C 221 -18.55 16.81 -33.07
N LEU C 222 -17.77 16.12 -32.26
CA LEU C 222 -16.32 16.24 -32.30
C LEU C 222 -15.79 15.78 -33.64
N SER C 223 -16.42 14.75 -34.19
CA SER C 223 -16.01 14.21 -35.49
C SER C 223 -16.24 15.25 -36.57
N ALA C 224 -17.34 16.00 -36.45
CA ALA C 224 -17.68 17.03 -37.42
C ALA C 224 -16.61 18.13 -37.48
N LEU C 225 -15.99 18.42 -36.34
CA LEU C 225 -14.96 19.44 -36.27
C LEU C 225 -13.60 18.84 -36.62
N SER C 226 -13.60 17.54 -36.88
CA SER C 226 -12.39 16.77 -37.23
C SER C 226 -11.59 16.49 -35.97
N GLY D 2 11.85 -85.97 40.62
CA GLY D 2 12.50 -86.47 41.86
C GLY D 2 13.26 -87.76 41.60
N LEU D 3 14.48 -87.85 42.11
CA LEU D 3 15.30 -89.03 41.90
C LEU D 3 15.51 -89.87 43.16
N ILE D 4 15.77 -89.19 44.28
CA ILE D 4 16.00 -89.88 45.54
C ILE D 4 14.86 -89.60 46.51
N SER D 5 14.35 -90.65 47.14
CA SER D 5 13.27 -90.50 48.10
C SER D 5 13.79 -89.84 49.36
N GLU D 6 12.87 -89.40 50.21
CA GLU D 6 13.22 -88.75 51.46
C GLU D 6 13.92 -89.68 52.43
N GLU D 7 13.51 -90.95 52.44
CA GLU D 7 14.12 -91.96 53.31
C GLU D 7 15.58 -92.12 52.96
N ASP D 8 15.85 -92.30 51.67
CA ASP D 8 17.21 -92.47 51.21
C ASP D 8 18.05 -91.23 51.42
N LYS D 9 17.43 -90.05 51.34
CA LYS D 9 18.16 -88.81 51.56
C LYS D 9 18.61 -88.76 53.01
N ARG D 10 17.78 -89.29 53.90
CA ARG D 10 18.09 -89.34 55.33
C ARG D 10 19.26 -90.31 55.55
N ILE D 11 19.21 -91.46 54.89
CA ILE D 11 20.26 -92.45 55.01
C ILE D 11 21.60 -91.89 54.53
N ILE D 12 21.57 -91.22 53.37
CA ILE D 12 22.80 -90.66 52.83
C ILE D 12 23.41 -89.63 53.78
N LYS D 13 22.59 -88.81 54.41
CA LYS D 13 23.09 -87.80 55.34
C LYS D 13 23.76 -88.44 56.55
N GLU D 14 23.11 -89.44 57.11
CA GLU D 14 23.61 -90.12 58.30
C GLU D 14 24.76 -91.12 58.08
N GLU D 15 24.66 -91.95 57.06
CA GLU D 15 25.68 -92.96 56.80
C GLU D 15 26.86 -92.43 55.97
N PHE D 16 26.68 -91.31 55.30
CA PHE D 16 27.78 -90.80 54.49
C PHE D 16 28.28 -89.40 54.77
N PHE D 17 27.47 -88.41 54.42
CA PHE D 17 27.87 -87.02 54.58
C PHE D 17 28.15 -86.56 56.01
N SER D 18 27.71 -87.34 56.99
CA SER D 18 27.96 -86.97 58.39
C SER D 18 29.45 -87.11 58.69
N LYS D 19 30.14 -87.92 57.89
CA LYS D 19 31.57 -88.17 58.05
C LYS D 19 32.44 -87.16 57.30
N MET D 20 31.82 -86.19 56.61
CA MET D 20 32.58 -85.23 55.86
C MET D 20 33.37 -84.23 56.70
N VAL D 21 34.55 -83.85 56.22
CA VAL D 21 35.38 -82.91 56.95
C VAL D 21 35.52 -81.64 56.13
N ASN D 22 36.20 -81.73 55.00
CA ASN D 22 36.36 -80.57 54.14
C ASN D 22 35.21 -80.50 53.16
N PRO D 23 34.83 -79.29 52.74
CA PRO D 23 33.72 -79.21 51.79
C PRO D 23 34.15 -79.80 50.45
N VAL D 24 33.18 -80.37 49.74
CA VAL D 24 33.43 -80.98 48.43
C VAL D 24 32.60 -80.27 47.39
N LYS D 25 33.18 -80.01 46.22
CA LYS D 25 32.46 -79.37 45.13
C LYS D 25 32.43 -80.29 43.90
N LEU D 26 31.22 -80.62 43.46
CA LEU D 26 31.04 -81.47 42.30
C LEU D 26 31.00 -80.58 41.07
N ILE D 27 32.04 -80.65 40.24
CA ILE D 27 32.11 -79.84 39.04
C ILE D 27 31.69 -80.74 37.89
N VAL D 28 30.52 -80.45 37.33
CA VAL D 28 29.97 -81.27 36.25
C VAL D 28 30.00 -80.58 34.88
N PHE D 29 30.76 -81.14 33.96
CA PHE D 29 30.87 -80.59 32.62
C PHE D 29 29.84 -81.25 31.70
N ILE D 30 28.96 -80.43 31.13
CA ILE D 30 27.94 -80.95 30.23
C ILE D 30 27.94 -80.19 28.91
N GLY D 31 27.89 -80.92 27.81
CA GLY D 31 27.90 -80.31 26.50
C GLY D 31 26.64 -80.53 25.69
N LYS D 32 26.67 -80.10 24.43
CA LYS D 32 25.54 -80.23 23.52
C LYS D 32 25.40 -81.66 23.00
N GLU D 33 26.52 -82.21 22.52
CA GLU D 33 26.59 -83.57 21.99
C GLU D 33 25.58 -84.51 22.60
N HIS D 34 25.22 -85.55 21.84
CA HIS D 34 24.25 -86.53 22.30
C HIS D 34 24.64 -87.09 23.67
N CYS D 35 23.83 -86.77 24.66
CA CYS D 35 24.06 -87.25 26.02
C CYS D 35 22.77 -87.87 26.53
N GLN D 36 22.76 -89.19 26.62
CA GLN D 36 21.59 -89.92 27.06
C GLN D 36 21.07 -89.54 28.45
N TYR D 37 21.95 -89.46 29.45
CA TYR D 37 21.50 -89.17 30.81
C TYR D 37 22.03 -87.91 31.49
N CYS D 38 22.21 -86.83 30.74
CA CYS D 38 22.73 -85.60 31.32
C CYS D 38 21.81 -84.89 32.29
N ASP D 39 20.51 -84.89 32.01
CA ASP D 39 19.57 -84.23 32.89
C ASP D 39 19.46 -84.90 34.25
N GLN D 40 19.50 -86.24 34.28
CA GLN D 40 19.42 -86.95 35.53
C GLN D 40 20.69 -86.68 36.33
N LEU D 41 21.82 -86.58 35.64
CA LEU D 41 23.09 -86.31 36.29
C LEU D 41 23.01 -84.96 37.00
N LYS D 42 22.47 -83.97 36.29
CA LYS D 42 22.34 -82.64 36.87
C LYS D 42 21.45 -82.61 38.11
N GLN D 43 20.29 -83.27 38.02
CA GLN D 43 19.38 -83.30 39.16
C GLN D 43 19.98 -84.10 40.33
N LEU D 44 20.68 -85.17 39.99
CA LEU D 44 21.32 -86.01 40.99
C LEU D 44 22.32 -85.21 41.85
N VAL D 45 23.22 -84.47 41.20
CA VAL D 45 24.20 -83.71 41.95
C VAL D 45 23.53 -82.62 42.76
N GLN D 46 22.42 -82.10 42.24
CA GLN D 46 21.68 -81.05 42.96
C GLN D 46 21.04 -81.62 44.22
N GLU D 47 20.41 -82.78 44.09
CA GLU D 47 19.74 -83.43 45.23
C GLU D 47 20.71 -83.84 46.32
N LEU D 48 21.92 -84.24 45.93
CA LEU D 48 22.92 -84.64 46.91
C LEU D 48 23.49 -83.41 47.61
N SER D 49 23.80 -82.37 46.83
CA SER D 49 24.36 -81.14 47.39
C SER D 49 23.46 -80.47 48.43
N GLU D 50 22.14 -80.60 48.26
CA GLU D 50 21.18 -80.01 49.19
C GLU D 50 21.16 -80.71 50.56
N LEU D 51 21.81 -81.87 50.65
CA LEU D 51 21.82 -82.63 51.89
C LEU D 51 22.81 -82.15 52.95
N THR D 52 23.78 -81.33 52.56
CA THR D 52 24.77 -80.83 53.51
C THR D 52 25.45 -79.56 53.05
N ASP D 53 25.74 -78.65 53.99
CA ASP D 53 26.43 -77.41 53.62
C ASP D 53 27.88 -77.70 53.30
N LYS D 54 28.27 -78.97 53.36
CA LYS D 54 29.63 -79.36 53.04
C LYS D 54 29.74 -79.86 51.60
N LEU D 55 28.61 -79.88 50.89
CA LEU D 55 28.62 -80.34 49.50
C LEU D 55 27.95 -79.35 48.56
N SER D 56 28.62 -79.03 47.46
CA SER D 56 28.07 -78.11 46.48
C SER D 56 28.42 -78.57 45.06
N TYR D 57 27.70 -78.03 44.08
CA TYR D 57 27.96 -78.38 42.69
C TYR D 57 27.88 -77.14 41.81
N GLU D 58 28.34 -77.32 40.58
CA GLU D 58 28.30 -76.28 39.57
C GLU D 58 28.25 -76.99 38.22
N ILE D 59 27.25 -76.63 37.42
CA ILE D 59 27.13 -77.21 36.08
C ILE D 59 27.93 -76.31 35.15
N VAL D 60 28.83 -76.91 34.39
CA VAL D 60 29.68 -76.17 33.47
C VAL D 60 29.28 -76.46 32.03
N ASP D 61 29.05 -75.40 31.25
CA ASP D 61 28.68 -75.57 29.84
C ASP D 61 29.97 -75.90 29.09
N PHE D 62 30.20 -77.18 28.89
CA PHE D 62 31.40 -77.68 28.23
C PHE D 62 31.64 -77.10 26.82
N ASP D 63 30.57 -76.86 26.08
CA ASP D 63 30.73 -76.34 24.71
C ASP D 63 30.84 -74.83 24.57
N THR D 64 31.47 -74.18 25.54
CA THR D 64 31.67 -72.74 25.49
C THR D 64 33.15 -72.52 25.79
N PRO D 65 33.73 -71.42 25.29
CA PRO D 65 35.15 -71.17 25.56
C PRO D 65 35.56 -71.12 27.03
N GLU D 66 34.74 -70.53 27.89
CA GLU D 66 35.07 -70.49 29.32
C GLU D 66 34.96 -71.91 29.89
N GLY D 67 33.95 -72.65 29.44
CA GLY D 67 33.76 -74.01 29.92
C GLY D 67 34.91 -74.93 29.56
N LYS D 68 35.39 -74.84 28.33
CA LYS D 68 36.50 -75.68 27.87
C LYS D 68 37.79 -75.32 28.59
N GLU D 69 37.95 -74.05 28.91
CA GLU D 69 39.14 -73.60 29.62
C GLU D 69 39.12 -74.18 31.03
N LEU D 70 37.94 -74.21 31.65
CA LEU D 70 37.82 -74.78 32.98
C LEU D 70 38.06 -76.29 32.89
N ALA D 71 37.51 -76.91 31.85
CA ALA D 71 37.68 -78.33 31.64
C ALA D 71 39.18 -78.65 31.54
N GLU D 72 39.92 -77.81 30.82
CA GLU D 72 41.35 -78.03 30.67
C GLU D 72 42.04 -77.96 32.03
N LYS D 73 41.66 -76.98 32.85
CA LYS D 73 42.27 -76.87 34.16
C LYS D 73 42.03 -78.14 34.97
N TYR D 74 40.85 -78.75 34.78
CA TYR D 74 40.54 -79.96 35.51
C TYR D 74 40.83 -81.25 34.75
N ARG D 75 41.59 -81.12 33.67
CA ARG D 75 42.01 -82.26 32.86
C ARG D 75 40.85 -83.11 32.35
N ILE D 76 39.80 -82.45 31.89
CA ILE D 76 38.61 -83.11 31.36
C ILE D 76 38.62 -82.90 29.85
N ASP D 77 38.66 -84.00 29.10
CA ASP D 77 38.72 -83.94 27.64
C ASP D 77 37.40 -84.17 26.92
N ARG D 78 36.35 -84.51 27.67
CA ARG D 78 35.04 -84.77 27.07
C ARG D 78 33.94 -84.66 28.13
N ALA D 79 32.70 -84.60 27.67
CA ALA D 79 31.55 -84.49 28.57
C ALA D 79 30.48 -85.47 28.10
N PRO D 80 29.55 -85.87 28.98
CA PRO D 80 29.44 -85.45 30.38
C PRO D 80 30.57 -85.99 31.26
N ALA D 81 30.99 -85.19 32.22
CA ALA D 81 32.06 -85.58 33.13
C ALA D 81 31.93 -84.83 34.45
N THR D 82 32.10 -85.56 35.55
CA THR D 82 32.01 -84.97 36.87
C THR D 82 33.31 -85.22 37.63
N THR D 83 33.90 -84.15 38.15
CA THR D 83 35.13 -84.30 38.91
C THR D 83 34.79 -83.95 40.36
N ILE D 84 35.22 -84.80 41.28
CA ILE D 84 34.95 -84.59 42.70
C ILE D 84 36.14 -83.90 43.35
N THR D 85 35.99 -82.62 43.64
CA THR D 85 37.09 -81.85 44.21
C THR D 85 36.94 -81.53 45.67
N GLN D 86 38.07 -81.29 46.32
CA GLN D 86 38.05 -80.94 47.73
C GLN D 86 38.06 -79.42 47.74
N ASP D 87 36.89 -78.83 47.87
CA ASP D 87 36.77 -77.38 47.92
C ASP D 87 37.40 -76.72 46.68
N GLY D 88 37.30 -77.39 45.53
CA GLY D 88 37.85 -76.86 44.30
C GLY D 88 39.15 -77.50 43.85
N LYS D 89 39.87 -78.14 44.77
CA LYS D 89 41.15 -78.78 44.44
C LYS D 89 40.95 -80.12 43.73
N ASP D 90 41.60 -80.25 42.57
CA ASP D 90 41.53 -81.46 41.75
C ASP D 90 42.20 -82.67 42.43
N PHE D 91 41.46 -83.75 42.60
CA PHE D 91 42.00 -84.96 43.23
C PHE D 91 42.07 -86.14 42.26
N GLY D 92 41.84 -85.87 40.98
CA GLY D 92 41.90 -86.92 39.98
C GLY D 92 40.80 -87.97 40.13
N VAL D 93 39.71 -87.60 40.77
CA VAL D 93 38.58 -88.51 40.99
C VAL D 93 37.44 -88.07 40.08
N ARG D 94 37.27 -88.77 38.94
CA ARG D 94 36.23 -88.39 38.00
C ARG D 94 35.30 -89.51 37.54
N TYR D 95 34.10 -89.09 37.13
CA TYR D 95 33.07 -89.99 36.61
C TYR D 95 32.62 -89.43 35.27
N PHE D 96 32.82 -90.20 34.21
CA PHE D 96 32.37 -89.79 32.88
C PHE D 96 31.08 -90.55 32.64
N GLY D 97 29.95 -89.86 32.84
CA GLY D 97 28.66 -90.47 32.68
C GLY D 97 27.97 -90.48 34.04
N ILE D 98 26.66 -90.73 34.05
CA ILE D 98 25.93 -90.74 35.32
C ILE D 98 26.28 -91.94 36.21
N PRO D 99 26.40 -91.71 37.53
CA PRO D 99 26.72 -92.75 38.52
C PRO D 99 25.44 -93.49 38.89
N ALA D 100 24.98 -94.40 38.04
CA ALA D 100 23.74 -95.11 38.36
C ALA D 100 23.96 -96.54 38.86
N GLY D 101 22.89 -97.16 39.33
CA GLY D 101 22.99 -98.52 39.83
C GLY D 101 24.03 -98.66 40.92
N HIS D 102 24.88 -99.67 40.78
CA HIS D 102 25.94 -99.95 41.75
C HIS D 102 27.02 -98.86 41.79
N GLU D 103 27.02 -97.98 40.81
CA GLU D 103 28.01 -96.91 40.77
C GLU D 103 27.63 -95.76 41.70
N PHE D 104 26.35 -95.69 42.04
CA PHE D 104 25.84 -94.62 42.92
C PHE D 104 26.49 -94.63 44.30
N ALA D 105 26.54 -95.78 44.96
CA ALA D 105 27.15 -95.86 46.28
C ALA D 105 28.65 -95.53 46.25
N ALA D 106 29.32 -95.87 45.14
CA ALA D 106 30.75 -95.59 45.02
C ALA D 106 30.94 -94.07 44.92
N PHE D 107 29.98 -93.41 44.28
CA PHE D 107 30.01 -91.96 44.11
C PHE D 107 30.00 -91.32 45.50
N LEU D 108 29.05 -91.75 46.34
CA LEU D 108 28.94 -91.23 47.68
C LEU D 108 30.22 -91.46 48.49
N GLU D 109 30.76 -92.67 48.39
CA GLU D 109 31.99 -93.01 49.10
C GLU D 109 33.15 -92.11 48.66
N ASP D 110 33.22 -91.82 47.35
CA ASP D 110 34.29 -90.96 46.84
C ASP D 110 34.15 -89.54 47.38
N ILE D 111 32.91 -89.08 47.56
CA ILE D 111 32.67 -87.74 48.08
C ILE D 111 33.23 -87.61 49.51
N VAL D 112 33.07 -88.68 50.30
CA VAL D 112 33.54 -88.69 51.67
C VAL D 112 35.07 -88.75 51.65
N ASP D 113 35.61 -89.73 50.94
CA ASP D 113 37.05 -89.89 50.82
C ASP D 113 37.72 -88.60 50.35
N VAL D 114 37.13 -87.92 49.38
CA VAL D 114 37.73 -86.68 48.93
C VAL D 114 37.53 -85.58 49.99
N SER D 115 36.44 -85.66 50.75
CA SER D 115 36.20 -84.69 51.80
C SER D 115 37.24 -84.81 52.90
N LYS D 116 37.63 -86.05 53.19
CA LYS D 116 38.63 -86.32 54.23
C LYS D 116 40.03 -86.27 53.66
N GLY D 117 40.15 -86.44 52.35
CA GLY D 117 41.45 -86.44 51.73
C GLY D 117 42.22 -87.65 52.23
N ASP D 118 41.51 -88.76 52.40
CA ASP D 118 42.16 -89.98 52.89
C ASP D 118 41.54 -91.26 52.32
N THR D 119 42.28 -92.37 52.40
CA THR D 119 41.82 -93.67 51.92
C THR D 119 42.18 -94.75 52.93
N ASP D 120 41.68 -95.96 52.70
CA ASP D 120 41.95 -97.08 53.59
C ASP D 120 42.99 -98.02 52.99
N LEU D 121 43.75 -97.51 52.02
CA LEU D 121 44.78 -98.29 51.37
C LEU D 121 45.86 -98.68 52.38
N MET D 122 46.49 -99.83 52.16
CA MET D 122 47.56 -100.31 53.03
C MET D 122 48.77 -99.40 52.89
N GLN D 123 49.54 -99.30 53.97
CA GLN D 123 50.74 -98.48 54.01
C GLN D 123 51.68 -98.73 52.84
N ASP D 124 51.79 -99.99 52.45
CA ASP D 124 52.63 -100.38 51.32
C ASP D 124 52.15 -99.68 50.04
N SER D 125 50.86 -99.81 49.76
CA SER D 125 50.26 -99.19 48.58
C SER D 125 50.50 -97.69 48.58
N LYS D 126 50.17 -97.05 49.70
CA LYS D 126 50.34 -95.60 49.83
C LYS D 126 51.71 -95.12 49.43
N GLU D 127 52.76 -95.76 49.93
CA GLU D 127 54.12 -95.34 49.59
C GLU D 127 54.48 -95.52 48.12
N GLU D 128 54.10 -96.65 47.54
CA GLU D 128 54.40 -96.88 46.12
C GLU D 128 53.68 -95.83 45.28
N VAL D 129 52.38 -95.69 45.50
CA VAL D 129 51.57 -94.73 44.78
C VAL D 129 52.09 -93.29 44.91
N SER D 130 52.59 -92.94 46.09
CA SER D 130 53.10 -91.59 46.32
C SER D 130 54.35 -91.28 45.49
N LYS D 131 55.01 -92.31 44.97
CA LYS D 131 56.22 -92.13 44.16
C LYS D 131 55.92 -91.89 42.69
N ILE D 132 54.74 -92.32 42.25
CA ILE D 132 54.35 -92.16 40.86
C ILE D 132 54.37 -90.69 40.45
N ASP D 133 55.20 -90.37 39.46
CA ASP D 133 55.30 -88.99 38.99
C ASP D 133 55.13 -88.81 37.49
N LYS D 134 54.50 -89.78 36.84
CA LYS D 134 54.23 -89.68 35.41
C LYS D 134 52.73 -89.49 35.25
N ASP D 135 52.29 -88.90 34.15
CA ASP D 135 50.87 -88.69 33.93
C ASP D 135 50.20 -90.04 33.71
N VAL D 136 49.37 -90.44 34.65
CA VAL D 136 48.67 -91.70 34.59
C VAL D 136 47.16 -91.51 34.53
N ARG D 137 46.52 -92.20 33.58
CA ARG D 137 45.08 -92.13 33.45
C ARG D 137 44.54 -93.57 33.49
N ILE D 138 43.76 -93.86 34.52
CA ILE D 138 43.18 -95.18 34.66
C ILE D 138 41.70 -95.14 34.25
N LEU D 139 41.36 -95.82 33.17
CA LEU D 139 39.97 -95.86 32.70
C LEU D 139 39.28 -97.11 33.24
N ILE D 140 38.11 -96.94 33.84
CA ILE D 140 37.35 -98.08 34.36
C ILE D 140 35.97 -98.10 33.71
N PHE D 141 35.84 -98.90 32.65
CA PHE D 141 34.56 -99.01 31.94
C PHE D 141 33.62 -99.87 32.76
N VAL D 142 32.38 -99.40 32.91
CA VAL D 142 31.41 -100.12 33.71
C VAL D 142 30.00 -99.94 33.19
N THR D 143 29.06 -100.64 33.82
CA THR D 143 27.65 -100.54 33.49
C THR D 143 27.01 -100.38 34.86
N PRO D 144 25.80 -99.81 34.93
CA PRO D 144 25.10 -99.62 36.21
C PRO D 144 24.71 -100.91 36.96
N THR D 145 24.59 -102.02 36.24
CA THR D 145 24.17 -103.27 36.86
C THR D 145 25.29 -104.18 37.38
N CYS D 146 26.52 -103.90 36.99
CA CYS D 146 27.67 -104.67 37.42
C CYS D 146 28.02 -104.35 38.88
N PRO D 147 27.84 -105.33 39.79
CA PRO D 147 28.13 -105.13 41.21
C PRO D 147 29.61 -105.11 41.60
N TYR D 148 30.47 -105.64 40.75
CA TYR D 148 31.90 -105.62 41.04
C TYR D 148 32.57 -104.34 40.51
N CYS D 149 31.97 -103.72 39.50
CA CYS D 149 32.50 -102.50 38.91
C CYS D 149 32.83 -101.36 39.91
N PRO D 150 31.99 -101.18 40.95
CA PRO D 150 32.26 -100.11 41.93
C PRO D 150 33.61 -100.32 42.63
N LEU D 151 33.96 -101.58 42.86
CA LEU D 151 35.23 -101.92 43.52
C LEU D 151 36.43 -101.47 42.69
N ALA D 152 36.33 -101.59 41.38
CA ALA D 152 37.45 -101.20 40.53
C ALA D 152 37.51 -99.68 40.42
N VAL D 153 36.35 -99.04 40.36
CA VAL D 153 36.26 -97.59 40.26
C VAL D 153 36.86 -96.98 41.53
N ARG D 154 36.46 -97.52 42.67
CA ARG D 154 36.93 -97.05 43.97
C ARG D 154 38.43 -97.28 44.22
N MET D 155 38.98 -98.33 43.63
CA MET D 155 40.40 -98.63 43.81
C MET D 155 41.21 -97.60 43.03
N ALA D 156 40.78 -97.33 41.81
CA ALA D 156 41.45 -96.37 40.95
C ALA D 156 41.36 -94.97 41.58
N HIS D 157 40.21 -94.68 42.19
CA HIS D 157 40.02 -93.38 42.81
C HIS D 157 40.85 -93.19 44.07
N LYS D 158 41.07 -94.28 44.81
CA LYS D 158 41.88 -94.19 46.01
C LYS D 158 43.32 -93.95 45.60
N PHE D 159 43.73 -94.55 44.47
CA PHE D 159 45.10 -94.35 43.98
C PHE D 159 45.26 -92.87 43.62
N ALA D 160 44.23 -92.29 43.00
CA ALA D 160 44.28 -90.89 42.62
C ALA D 160 44.35 -89.97 43.83
N ILE D 161 43.56 -90.29 44.87
CA ILE D 161 43.56 -89.49 46.09
C ILE D 161 44.91 -89.50 46.81
N GLU D 162 45.48 -90.68 46.99
CA GLU D 162 46.77 -90.79 47.66
C GLU D 162 47.85 -90.05 46.88
N ASN D 163 47.83 -90.20 45.57
CA ASN D 163 48.81 -89.55 44.73
C ASN D 163 48.69 -88.03 44.80
N THR D 164 47.47 -87.54 44.97
CA THR D 164 47.23 -86.10 45.09
C THR D 164 47.76 -85.67 46.45
N LYS D 165 47.49 -86.50 47.45
CA LYS D 165 47.92 -86.25 48.82
C LYS D 165 49.44 -86.30 48.96
N ALA D 166 50.10 -87.00 48.05
CA ALA D 166 51.55 -87.13 48.07
C ALA D 166 52.24 -85.92 47.45
N GLY D 167 51.45 -84.99 46.91
CA GLY D 167 52.01 -83.82 46.29
C GLY D 167 52.26 -83.98 44.81
N LYS D 168 51.98 -85.16 44.28
CA LYS D 168 52.17 -85.45 42.86
C LYS D 168 50.94 -85.07 42.04
N GLY D 169 49.80 -85.64 42.42
CA GLY D 169 48.56 -85.34 41.71
C GLY D 169 48.64 -85.66 40.23
N LYS D 170 49.29 -86.78 39.90
CA LYS D 170 49.43 -87.16 38.50
C LYS D 170 48.54 -88.32 38.04
N ILE D 171 47.81 -88.93 38.97
CA ILE D 171 46.94 -90.04 38.62
C ILE D 171 45.49 -89.59 38.46
N LEU D 172 44.89 -89.97 37.33
CA LEU D 172 43.50 -89.64 37.04
C LEU D 172 42.68 -90.94 37.09
N GLY D 173 41.68 -90.98 37.98
CA GLY D 173 40.85 -92.16 38.10
C GLY D 173 39.56 -91.89 37.36
N ASP D 174 39.40 -92.53 36.20
CA ASP D 174 38.22 -92.28 35.38
C ASP D 174 37.19 -93.39 35.19
N MET D 175 36.12 -93.31 35.96
CA MET D 175 35.04 -94.28 35.81
C MET D 175 34.38 -93.86 34.50
N VAL D 176 34.17 -94.80 33.59
CA VAL D 176 33.52 -94.49 32.31
C VAL D 176 32.28 -95.35 32.17
N GLU D 177 31.12 -94.71 32.13
CA GLU D 177 29.86 -95.40 31.99
C GLU D 177 29.67 -95.83 30.54
N ALA D 178 29.88 -97.13 30.29
CA ALA D 178 29.78 -97.73 28.97
C ALA D 178 28.51 -97.41 28.16
N ILE D 179 27.35 -97.43 28.81
CA ILE D 179 26.10 -97.14 28.12
C ILE D 179 26.04 -95.72 27.57
N GLU D 180 26.71 -94.79 28.25
CA GLU D 180 26.74 -93.39 27.82
C GLU D 180 27.92 -93.13 26.88
N TYR D 181 28.96 -93.94 27.01
CA TYR D 181 30.15 -93.79 26.18
C TYR D 181 30.41 -95.04 25.37
N PRO D 182 29.42 -95.47 24.57
CA PRO D 182 29.54 -96.68 23.73
C PRO D 182 30.73 -96.67 22.79
N GLU D 183 30.97 -95.55 22.12
CA GLU D 183 32.08 -95.42 21.18
C GLU D 183 33.40 -95.64 21.90
N TRP D 184 33.55 -95.01 23.07
CA TRP D 184 34.78 -95.14 23.84
C TRP D 184 34.97 -96.59 24.26
N ALA D 185 33.89 -97.21 24.73
CA ALA D 185 33.95 -98.60 25.17
C ALA D 185 34.34 -99.49 24.00
N ASP D 186 33.76 -99.25 22.83
CA ASP D 186 34.05 -100.03 21.64
C ASP D 186 35.52 -99.87 21.24
N GLN D 187 36.08 -98.69 21.48
CA GLN D 187 37.48 -98.45 21.16
C GLN D 187 38.36 -99.47 21.86
N TYR D 188 37.90 -99.94 23.02
CA TYR D 188 38.65 -100.92 23.79
C TYR D 188 37.94 -102.26 23.83
N ASN D 189 37.09 -102.50 22.83
CA ASN D 189 36.34 -103.73 22.72
C ASN D 189 35.90 -104.23 24.09
N VAL D 190 35.20 -103.34 24.81
CA VAL D 190 34.70 -103.68 26.14
C VAL D 190 33.49 -104.57 26.00
N MET D 191 33.48 -105.65 26.77
CA MET D 191 32.36 -106.59 26.76
C MET D 191 32.10 -106.93 28.23
N ALA D 192 33.00 -107.68 28.84
CA ALA D 192 32.84 -108.03 30.24
C ALA D 192 33.28 -106.82 31.05
N VAL D 193 32.57 -106.53 32.14
CA VAL D 193 32.92 -105.40 32.98
C VAL D 193 33.19 -105.83 34.42
N PRO D 194 34.00 -105.05 35.14
CA PRO D 194 34.61 -103.82 34.61
C PRO D 194 35.87 -104.10 33.79
N LYS D 195 36.22 -103.16 32.91
CA LYS D 195 37.44 -103.30 32.11
C LYS D 195 38.34 -102.11 32.42
N ILE D 196 39.55 -102.41 32.84
CA ILE D 196 40.51 -101.36 33.20
C ILE D 196 41.59 -101.14 32.15
N VAL D 197 41.84 -99.87 31.85
CA VAL D 197 42.87 -99.48 30.87
C VAL D 197 43.79 -98.47 31.54
N ILE D 198 45.07 -98.81 31.65
CA ILE D 198 46.02 -97.90 32.27
C ILE D 198 46.90 -97.21 31.23
N GLN D 199 46.73 -95.89 31.12
CA GLN D 199 47.50 -95.11 30.17
C GLN D 199 48.59 -94.35 30.92
N VAL D 200 49.70 -94.11 30.23
CA VAL D 200 50.83 -93.37 30.77
C VAL D 200 51.22 -92.40 29.66
N ASN D 201 51.35 -91.12 30.01
CA ASN D 201 51.67 -90.08 29.03
C ASN D 201 50.76 -90.22 27.83
N GLY D 202 49.49 -90.52 28.09
CA GLY D 202 48.51 -90.66 27.02
C GLY D 202 48.51 -91.95 26.23
N GLU D 203 49.47 -92.83 26.47
CA GLU D 203 49.56 -94.09 25.74
C GLU D 203 49.13 -95.32 26.55
N ASP D 204 48.24 -96.12 25.97
CA ASP D 204 47.75 -97.33 26.62
C ASP D 204 48.93 -98.25 26.88
N LYS D 205 49.02 -98.78 28.10
CA LYS D 205 50.12 -99.67 28.45
C LYS D 205 49.61 -101.01 28.98
N VAL D 206 48.52 -100.98 29.73
CA VAL D 206 47.97 -102.21 30.28
C VAL D 206 46.44 -102.23 30.29
N GLN D 207 45.90 -103.43 30.11
CA GLN D 207 44.47 -103.64 30.09
C GLN D 207 44.14 -104.95 30.80
N PHE D 208 43.04 -104.96 31.53
CA PHE D 208 42.58 -106.17 32.22
C PHE D 208 41.11 -106.06 32.57
N GLU D 209 40.51 -107.20 32.94
CA GLU D 209 39.10 -107.21 33.28
C GLU D 209 38.88 -107.72 34.70
N GLY D 210 37.85 -107.20 35.37
CA GLY D 210 37.55 -107.63 36.72
C GLY D 210 38.09 -106.69 37.79
N ALA D 211 37.47 -106.72 38.96
CA ALA D 211 37.86 -105.89 40.08
C ALA D 211 39.01 -106.52 40.89
N TYR D 212 40.24 -106.32 40.42
CA TYR D 212 41.43 -106.85 41.08
C TYR D 212 41.60 -106.28 42.49
N PRO D 213 41.98 -107.14 43.45
CA PRO D 213 42.18 -106.67 44.83
C PRO D 213 43.29 -105.60 44.83
N GLU D 214 43.37 -104.82 45.91
CA GLU D 214 44.36 -103.75 46.04
C GLU D 214 45.76 -104.10 45.52
N LYS D 215 46.43 -105.05 46.18
CA LYS D 215 47.78 -105.45 45.79
C LYS D 215 47.89 -105.82 44.32
N MET D 216 46.93 -106.63 43.84
CA MET D 216 46.93 -107.06 42.46
C MET D 216 46.72 -105.90 41.49
N PHE D 217 45.84 -104.96 41.86
CA PHE D 217 45.56 -103.81 41.01
C PHE D 217 46.81 -102.92 40.93
N LEU D 218 47.50 -102.77 42.07
CA LEU D 218 48.70 -101.97 42.19
C LEU D 218 49.84 -102.47 41.30
N GLU D 219 50.06 -103.77 41.30
CA GLU D 219 51.11 -104.37 40.47
C GLU D 219 50.87 -104.02 39.00
N LYS D 220 49.60 -104.01 38.61
CA LYS D 220 49.24 -103.66 37.24
C LYS D 220 49.65 -102.23 36.96
N LEU D 221 49.34 -101.34 37.90
CA LEU D 221 49.69 -99.93 37.75
C LEU D 221 51.21 -99.78 37.67
N LEU D 222 51.91 -100.45 38.58
CA LEU D 222 53.36 -100.37 38.60
C LEU D 222 53.95 -100.91 37.31
N SER D 223 53.38 -102.01 36.82
CA SER D 223 53.84 -102.61 35.58
C SER D 223 53.67 -101.65 34.42
N ALA D 224 52.57 -100.90 34.44
CA ALA D 224 52.26 -99.94 33.37
C ALA D 224 53.34 -98.88 33.26
N LEU D 225 53.88 -98.47 34.40
CA LEU D 225 54.94 -97.48 34.44
C LEU D 225 56.25 -98.19 34.10
N SER D 226 56.12 -99.28 33.35
CA SER D 226 57.24 -100.10 32.93
C SER D 226 57.91 -100.78 34.11
N GLY E 2 29.33 85.80 -14.15
CA GLY E 2 28.57 84.70 -13.49
C GLY E 2 28.75 84.70 -11.99
N LEU E 3 28.40 85.82 -11.35
CA LEU E 3 28.52 85.96 -9.90
C LEU E 3 27.26 85.45 -9.20
N ILE E 4 26.14 85.48 -9.91
CA ILE E 4 24.86 85.01 -9.37
C ILE E 4 24.35 83.84 -10.20
N SER E 5 24.06 82.72 -9.56
CA SER E 5 23.56 81.55 -10.28
C SER E 5 22.28 81.87 -11.04
N GLU E 6 21.97 81.06 -12.04
CA GLU E 6 20.77 81.26 -12.84
C GLU E 6 19.52 81.09 -11.99
N GLU E 7 19.62 80.22 -10.99
CA GLU E 7 18.52 79.96 -10.07
C GLU E 7 18.22 81.18 -9.21
N ASP E 8 19.25 81.75 -8.62
CA ASP E 8 19.08 82.92 -7.77
C ASP E 8 18.58 84.12 -8.59
N LYS E 9 19.07 84.24 -9.82
CA LYS E 9 18.67 85.34 -10.69
C LYS E 9 17.17 85.26 -10.96
N ARG E 10 16.65 84.05 -11.01
CA ARG E 10 15.22 83.86 -11.24
C ARG E 10 14.46 84.29 -9.99
N ILE E 11 14.98 83.92 -8.83
CA ILE E 11 14.37 84.27 -7.55
C ILE E 11 14.33 85.78 -7.38
N ILE E 12 15.47 86.43 -7.66
CA ILE E 12 15.58 87.88 -7.53
C ILE E 12 14.56 88.64 -8.36
N LYS E 13 14.45 88.30 -9.64
CA LYS E 13 13.50 88.99 -10.51
C LYS E 13 12.05 88.73 -10.16
N GLU E 14 11.78 87.52 -9.65
CA GLU E 14 10.42 87.14 -9.29
C GLU E 14 9.96 87.54 -7.89
N GLU E 15 10.81 87.34 -6.89
CA GLU E 15 10.44 87.66 -5.52
C GLU E 15 10.94 89.00 -4.97
N PHE E 16 11.82 89.67 -5.71
CA PHE E 16 12.34 90.95 -5.24
C PHE E 16 12.10 92.12 -6.18
N PHE E 17 12.87 92.17 -7.27
CA PHE E 17 12.77 93.26 -8.24
C PHE E 17 11.41 93.43 -8.90
N SER E 18 10.57 92.39 -8.81
CA SER E 18 9.24 92.48 -9.40
C SER E 18 8.39 93.44 -8.55
N LYS E 19 8.84 93.70 -7.33
CA LYS E 19 8.13 94.58 -6.39
C LYS E 19 8.59 96.03 -6.52
N MET E 20 9.61 96.27 -7.33
CA MET E 20 10.11 97.62 -7.50
C MET E 20 9.08 98.52 -8.16
N VAL E 21 8.97 99.75 -7.67
CA VAL E 21 8.05 100.72 -8.23
C VAL E 21 8.88 101.84 -8.86
N ASN E 22 9.61 102.58 -8.03
CA ASN E 22 10.42 103.67 -8.54
C ASN E 22 11.83 103.20 -8.90
N PRO E 23 12.46 103.87 -9.87
CA PRO E 23 13.82 103.41 -10.22
C PRO E 23 14.78 103.59 -9.05
N VAL E 24 15.82 102.76 -9.03
CA VAL E 24 16.84 102.83 -7.99
C VAL E 24 18.19 102.95 -8.65
N LYS E 25 19.05 103.78 -8.08
CA LYS E 25 20.38 103.95 -8.62
C LYS E 25 21.41 103.66 -7.54
N LEU E 26 22.15 102.58 -7.73
CA LEU E 26 23.19 102.18 -6.79
C LEU E 26 24.45 103.01 -7.09
N ILE E 27 24.82 103.90 -6.17
CA ILE E 27 26.01 104.73 -6.35
C ILE E 27 27.18 104.15 -5.55
N VAL E 28 28.13 103.54 -6.26
CA VAL E 28 29.30 102.93 -5.64
C VAL E 28 30.55 103.80 -5.71
N PHE E 29 31.14 104.05 -4.55
CA PHE E 29 32.36 104.84 -4.47
C PHE E 29 33.56 103.93 -4.25
N ILE E 30 34.56 104.07 -5.12
CA ILE E 30 35.77 103.26 -5.03
C ILE E 30 37.04 104.12 -5.06
N GLY E 31 37.99 103.78 -4.19
CA GLY E 31 39.24 104.52 -4.13
C GLY E 31 40.44 103.66 -4.45
N LYS E 32 41.62 104.29 -4.44
CA LYS E 32 42.89 103.63 -4.73
C LYS E 32 43.42 102.80 -3.56
N GLU E 33 42.91 103.05 -2.36
CA GLU E 33 43.35 102.33 -1.19
C GLU E 33 43.11 100.83 -1.31
N HIS E 34 43.32 100.11 -0.22
CA HIS E 34 43.15 98.66 -0.19
C HIS E 34 41.67 98.25 -0.23
N CYS E 35 41.35 97.37 -1.15
CA CYS E 35 39.98 96.88 -1.30
C CYS E 35 40.01 95.54 -2.01
N GLN E 36 40.03 94.47 -1.23
CA GLN E 36 40.09 93.11 -1.75
C GLN E 36 38.79 92.62 -2.42
N TYR E 37 37.76 93.46 -2.45
CA TYR E 37 36.50 93.04 -3.06
C TYR E 37 35.79 94.11 -3.89
N CYS E 38 36.50 95.15 -4.28
CA CYS E 38 35.92 96.22 -5.07
C CYS E 38 35.49 95.79 -6.47
N ASP E 39 36.28 94.92 -7.10
CA ASP E 39 35.94 94.46 -8.45
C ASP E 39 34.69 93.61 -8.40
N GLN E 40 34.52 92.84 -7.32
CA GLN E 40 33.34 92.00 -7.14
C GLN E 40 32.13 92.92 -6.95
N LEU E 41 32.33 93.99 -6.18
CA LEU E 41 31.28 94.94 -5.90
C LEU E 41 30.80 95.56 -7.22
N LYS E 42 31.75 95.91 -8.08
CA LYS E 42 31.41 96.49 -9.38
C LYS E 42 30.71 95.49 -10.28
N GLN E 43 31.16 94.24 -10.26
CA GLN E 43 30.53 93.21 -11.09
C GLN E 43 29.12 92.93 -10.59
N LEU E 44 28.99 92.82 -9.27
CA LEU E 44 27.71 92.56 -8.63
C LEU E 44 26.63 93.60 -8.95
N VAL E 45 26.95 94.87 -8.77
CA VAL E 45 25.98 95.91 -9.05
C VAL E 45 25.63 95.95 -10.53
N GLN E 46 26.58 95.55 -11.37
CA GLN E 46 26.36 95.54 -12.81
C GLN E 46 25.40 94.41 -13.18
N GLU E 47 25.67 93.20 -12.66
CA GLU E 47 24.81 92.06 -12.94
C GLU E 47 23.37 92.32 -12.47
N LEU E 48 23.23 92.83 -11.25
CA LEU E 48 21.90 93.13 -10.71
C LEU E 48 21.16 94.12 -11.60
N SER E 49 21.88 95.10 -12.12
CA SER E 49 21.28 96.11 -12.98
C SER E 49 20.76 95.52 -14.28
N GLU E 50 21.24 94.33 -14.63
CA GLU E 50 20.81 93.67 -15.85
C GLU E 50 19.50 92.91 -15.66
N LEU E 51 19.14 92.67 -14.40
CA LEU E 51 17.92 91.92 -14.08
C LEU E 51 16.64 92.74 -14.15
N THR E 52 16.75 94.06 -14.24
CA THR E 52 15.57 94.92 -14.32
C THR E 52 15.91 96.30 -14.86
N ASP E 53 15.00 96.85 -15.65
CA ASP E 53 15.18 98.17 -16.24
C ASP E 53 15.04 99.28 -15.20
N LYS E 54 14.54 98.93 -14.02
CA LYS E 54 14.36 99.91 -12.96
C LYS E 54 15.60 100.08 -12.09
N LEU E 55 16.61 99.25 -12.33
CA LEU E 55 17.85 99.30 -11.55
C LEU E 55 19.07 99.73 -12.35
N SER E 56 19.72 100.79 -11.89
CA SER E 56 20.93 101.30 -12.54
C SER E 56 22.01 101.49 -11.48
N TYR E 57 23.22 101.78 -11.92
CA TYR E 57 24.34 102.01 -11.00
C TYR E 57 25.27 103.05 -11.57
N GLU E 58 26.27 103.43 -10.77
CA GLU E 58 27.24 104.43 -11.18
C GLU E 58 28.47 104.26 -10.32
N ILE E 59 29.62 104.04 -10.96
CA ILE E 59 30.86 103.86 -10.23
C ILE E 59 31.57 105.21 -10.12
N VAL E 60 31.87 105.62 -8.90
CA VAL E 60 32.54 106.89 -8.67
C VAL E 60 33.91 106.64 -8.06
N ASP E 61 34.93 107.33 -8.59
CA ASP E 61 36.29 107.20 -8.08
C ASP E 61 36.38 108.15 -6.91
N PHE E 62 36.40 107.60 -5.70
CA PHE E 62 36.45 108.40 -4.48
C PHE E 62 37.67 109.31 -4.37
N ASP E 63 38.81 108.86 -4.87
CA ASP E 63 40.03 109.65 -4.76
C ASP E 63 40.26 110.78 -5.77
N THR E 64 39.29 111.02 -6.64
CA THR E 64 39.42 112.11 -7.62
C THR E 64 38.68 113.33 -7.06
N PRO E 65 38.95 114.52 -7.62
CA PRO E 65 38.28 115.72 -7.13
C PRO E 65 36.77 115.70 -7.36
N GLU E 66 36.33 115.12 -8.47
CA GLU E 66 34.90 115.05 -8.76
C GLU E 66 34.23 113.96 -7.93
N GLY E 67 34.97 112.89 -7.65
CA GLY E 67 34.43 111.81 -6.85
C GLY E 67 34.07 112.28 -5.46
N LYS E 68 34.99 113.01 -4.83
CA LYS E 68 34.77 113.53 -3.48
C LYS E 68 33.65 114.55 -3.43
N GLU E 69 33.48 115.31 -4.50
CA GLU E 69 32.41 116.30 -4.55
C GLU E 69 31.09 115.53 -4.53
N LEU E 70 31.05 114.41 -5.25
CA LEU E 70 29.88 113.57 -5.33
C LEU E 70 29.72 112.84 -4.00
N ALA E 71 30.85 112.50 -3.38
CA ALA E 71 30.85 111.81 -2.10
C ALA E 71 30.31 112.72 -1.00
N GLU E 72 30.66 114.00 -1.05
CA GLU E 72 30.17 114.93 -0.04
C GLU E 72 28.66 115.11 -0.20
N LYS E 73 28.19 115.08 -1.44
CA LYS E 73 26.78 115.26 -1.72
C LYS E 73 25.98 114.12 -1.10
N TYR E 74 26.56 112.91 -1.11
CA TYR E 74 25.89 111.75 -0.57
C TYR E 74 26.34 111.36 0.82
N ARG E 75 27.03 112.29 1.49
CA ARG E 75 27.49 112.07 2.85
C ARG E 75 28.35 110.82 3.03
N ILE E 76 29.23 110.57 2.06
CA ILE E 76 30.13 109.41 2.09
C ILE E 76 31.52 109.91 2.50
N ASP E 77 31.98 109.49 3.68
CA ASP E 77 33.27 109.92 4.20
C ASP E 77 34.44 108.97 3.91
N ARG E 78 34.16 107.82 3.29
CA ARG E 78 35.20 106.86 2.98
C ARG E 78 34.72 105.81 1.97
N ALA E 79 35.66 105.12 1.33
CA ALA E 79 35.33 104.11 0.34
C ALA E 79 36.03 102.80 0.67
N PRO E 80 35.50 101.66 0.18
CA PRO E 80 34.33 101.47 -0.66
C PRO E 80 33.00 101.70 0.05
N ALA E 81 32.07 102.37 -0.62
CA ALA E 81 30.76 102.64 -0.03
C ALA E 81 29.70 102.65 -1.10
N THR E 82 28.56 102.03 -0.83
CA THR E 82 27.46 102.00 -1.77
C THR E 82 26.24 102.63 -1.12
N THR E 83 25.61 103.58 -1.80
CA THR E 83 24.41 104.20 -1.25
C THR E 83 23.23 103.89 -2.17
N ILE E 84 22.20 103.27 -1.60
CA ILE E 84 21.03 102.90 -2.37
C ILE E 84 20.04 104.06 -2.45
N THR E 85 20.00 104.71 -3.61
CA THR E 85 19.13 105.88 -3.80
C THR E 85 17.90 105.63 -4.67
N GLN E 86 16.91 106.48 -4.48
CA GLN E 86 15.68 106.40 -5.26
C GLN E 86 15.88 107.37 -6.42
N ASP E 87 16.28 106.82 -7.56
CA ASP E 87 16.51 107.63 -8.75
C ASP E 87 17.45 108.80 -8.44
N GLY E 88 18.46 108.53 -7.62
CA GLY E 88 19.43 109.56 -7.27
C GLY E 88 19.18 110.25 -5.94
N LYS E 89 18.00 110.04 -5.37
CA LYS E 89 17.66 110.67 -4.10
C LYS E 89 18.25 109.89 -2.92
N ASP E 90 19.05 110.59 -2.12
CA ASP E 90 19.71 110.00 -0.96
C ASP E 90 18.67 109.61 0.10
N PHE E 91 18.65 108.33 0.47
CA PHE E 91 17.73 107.84 1.48
C PHE E 91 18.45 107.43 2.76
N GLY E 92 19.77 107.66 2.78
CA GLY E 92 20.57 107.32 3.95
C GLY E 92 20.74 105.83 4.15
N VAL E 93 20.59 105.06 3.07
CA VAL E 93 20.72 103.62 3.11
C VAL E 93 22.05 103.26 2.46
N ARG E 94 23.06 102.97 3.28
CA ARG E 94 24.39 102.67 2.75
C ARG E 94 25.05 101.39 3.26
N TYR E 95 25.95 100.87 2.43
CA TYR E 95 26.72 99.68 2.73
C TYR E 95 28.19 100.02 2.51
N PHE E 96 29.02 99.81 3.53
CA PHE E 96 30.44 100.08 3.38
C PHE E 96 31.13 98.73 3.30
N GLY E 97 31.48 98.34 2.08
CA GLY E 97 32.07 97.04 1.84
C GLY E 97 31.09 96.28 0.98
N ILE E 98 31.42 95.05 0.61
CA ILE E 98 30.53 94.27 -0.24
C ILE E 98 29.48 93.49 0.53
N PRO E 99 28.23 93.45 0.01
CA PRO E 99 27.11 92.75 0.63
C PRO E 99 27.15 91.26 0.32
N ALA E 100 28.21 90.60 0.77
CA ALA E 100 28.37 89.17 0.54
C ALA E 100 27.63 88.32 1.57
N GLY E 101 27.51 87.04 1.29
CA GLY E 101 26.86 86.12 2.20
C GLY E 101 25.47 86.49 2.66
N HIS E 102 25.23 86.37 3.96
CA HIS E 102 23.94 86.68 4.55
C HIS E 102 23.45 88.10 4.31
N GLU E 103 24.39 89.01 4.05
CA GLU E 103 24.03 90.40 3.80
C GLU E 103 23.45 90.63 2.42
N PHE E 104 23.66 89.69 1.50
CA PHE E 104 23.16 89.85 0.14
C PHE E 104 21.63 90.02 0.10
N ALA E 105 20.92 89.22 0.89
CA ALA E 105 19.46 89.31 0.93
C ALA E 105 19.02 90.69 1.45
N ALA E 106 19.75 91.21 2.43
CA ALA E 106 19.45 92.53 3.01
C ALA E 106 19.59 93.58 1.92
N PHE E 107 20.66 93.48 1.15
CA PHE E 107 20.95 94.43 0.07
C PHE E 107 19.78 94.47 -0.92
N LEU E 108 19.29 93.29 -1.29
CA LEU E 108 18.16 93.20 -2.22
C LEU E 108 16.89 93.80 -1.63
N GLU E 109 16.58 93.46 -0.39
CA GLU E 109 15.38 94.00 0.28
C GLU E 109 15.47 95.52 0.39
N ASP E 110 16.69 96.02 0.61
CA ASP E 110 16.92 97.45 0.71
C ASP E 110 16.63 98.12 -0.63
N ILE E 111 16.99 97.45 -1.72
CA ILE E 111 16.73 98.01 -3.05
C ILE E 111 15.23 98.16 -3.23
N VAL E 112 14.48 97.15 -2.76
CA VAL E 112 13.02 97.17 -2.86
C VAL E 112 12.38 98.27 -2.01
N ASP E 113 12.80 98.40 -0.75
CA ASP E 113 12.21 99.42 0.11
C ASP E 113 12.55 100.85 -0.32
N VAL E 114 13.75 101.06 -0.84
CA VAL E 114 14.11 102.39 -1.30
C VAL E 114 13.33 102.67 -2.57
N SER E 115 13.10 101.62 -3.36
CA SER E 115 12.34 101.74 -4.59
C SER E 115 10.90 102.13 -4.29
N LYS E 116 10.36 101.59 -3.20
CA LYS E 116 8.99 101.87 -2.80
C LYS E 116 8.89 103.12 -1.93
N GLY E 117 9.94 103.41 -1.17
CA GLY E 117 9.94 104.57 -0.29
C GLY E 117 9.08 104.33 0.92
N ASP E 118 8.86 103.06 1.25
CA ASP E 118 8.03 102.68 2.39
C ASP E 118 8.66 101.54 3.16
N THR E 119 8.23 101.34 4.41
CA THR E 119 8.75 100.24 5.22
C THR E 119 7.60 99.56 5.93
N ASP E 120 7.88 98.40 6.52
CA ASP E 120 6.83 97.68 7.24
C ASP E 120 6.97 97.80 8.75
N LEU E 121 7.70 98.82 9.18
CA LEU E 121 7.88 99.09 10.61
C LEU E 121 6.52 99.28 11.27
N MET E 122 6.48 99.16 12.59
CA MET E 122 5.23 99.37 13.31
C MET E 122 4.87 100.84 13.13
N GLN E 123 3.59 101.11 13.06
CA GLN E 123 3.07 102.45 12.86
C GLN E 123 3.61 103.46 13.89
N ASP E 124 3.66 103.08 15.16
CA ASP E 124 4.16 104.02 16.16
C ASP E 124 5.65 104.25 15.98
N SER E 125 6.35 103.26 15.43
CA SER E 125 7.78 103.39 15.18
C SER E 125 7.98 104.46 14.10
N LYS E 126 7.17 104.38 13.05
CA LYS E 126 7.24 105.35 11.95
C LYS E 126 6.95 106.75 12.48
N GLU E 127 5.95 106.86 13.34
CA GLU E 127 5.60 108.14 13.94
C GLU E 127 6.81 108.72 14.70
N GLU E 128 7.40 107.92 15.58
CA GLU E 128 8.57 108.38 16.34
C GLU E 128 9.73 108.79 15.45
N VAL E 129 10.08 107.94 14.50
CA VAL E 129 11.20 108.21 13.61
C VAL E 129 10.97 109.44 12.73
N SER E 130 9.71 109.69 12.38
CA SER E 130 9.41 110.84 11.54
C SER E 130 9.69 112.17 12.26
N LYS E 131 9.82 112.11 13.58
CA LYS E 131 10.10 113.31 14.36
C LYS E 131 11.59 113.60 14.53
N ILE E 132 12.43 112.59 14.39
CA ILE E 132 13.87 112.79 14.57
C ILE E 132 14.39 113.86 13.61
N ASP E 133 14.91 114.94 14.19
CA ASP E 133 15.43 116.05 13.40
C ASP E 133 16.87 116.40 13.73
N LYS E 134 17.64 115.41 14.17
CA LYS E 134 19.04 115.63 14.50
C LYS E 134 19.88 114.68 13.65
N ASP E 135 21.10 115.08 13.35
CA ASP E 135 21.99 114.25 12.55
C ASP E 135 22.32 112.95 13.28
N VAL E 136 21.87 111.85 12.72
CA VAL E 136 22.14 110.55 13.32
C VAL E 136 22.86 109.62 12.33
N ARG E 137 23.88 108.94 12.83
CA ARG E 137 24.60 107.98 12.01
C ARG E 137 24.56 106.70 12.83
N ILE E 138 24.06 105.63 12.21
CA ILE E 138 24.00 104.35 12.87
C ILE E 138 24.95 103.40 12.18
N LEU E 139 25.93 102.92 12.94
CA LEU E 139 26.91 101.99 12.41
C LEU E 139 26.54 100.58 12.85
N ILE E 140 26.53 99.66 11.88
CA ILE E 140 26.26 98.27 12.18
C ILE E 140 27.43 97.50 11.59
N PHE E 141 28.33 97.04 12.46
CA PHE E 141 29.49 96.28 12.02
C PHE E 141 29.07 94.82 11.85
N VAL E 142 29.38 94.25 10.68
CA VAL E 142 29.00 92.87 10.39
C VAL E 142 30.08 92.09 9.66
N THR E 143 29.76 90.84 9.34
CA THR E 143 30.64 89.95 8.60
C THR E 143 29.70 89.19 7.67
N PRO E 144 30.22 88.62 6.57
CA PRO E 144 29.38 87.88 5.63
C PRO E 144 28.82 86.57 6.18
N THR E 145 29.49 85.99 7.17
CA THR E 145 29.07 84.72 7.75
C THR E 145 28.18 84.84 8.98
N CYS E 146 27.68 86.04 9.22
CA CYS E 146 26.82 86.31 10.37
C CYS E 146 25.37 86.32 9.90
N PRO E 147 24.60 85.27 10.22
CA PRO E 147 23.19 85.13 9.82
C PRO E 147 22.18 86.16 10.32
N TYR E 148 22.40 86.72 11.50
CA TYR E 148 21.45 87.68 12.04
C TYR E 148 21.85 89.15 11.93
N CYS E 149 23.09 89.38 11.48
CA CYS E 149 23.56 90.74 11.28
C CYS E 149 22.63 91.51 10.33
N PRO E 150 22.06 90.84 9.31
CA PRO E 150 21.16 91.54 8.38
C PRO E 150 19.96 92.17 9.04
N LEU E 151 19.49 91.58 10.13
CA LEU E 151 18.36 92.11 10.87
C LEU E 151 18.67 93.51 11.39
N ALA E 152 19.88 93.67 11.92
CA ALA E 152 20.31 94.95 12.47
C ALA E 152 20.51 95.97 11.36
N VAL E 153 21.13 95.52 10.27
CA VAL E 153 21.38 96.38 9.12
C VAL E 153 20.04 96.87 8.58
N ARG E 154 19.12 95.93 8.39
CA ARG E 154 17.79 96.26 7.87
C ARG E 154 16.95 97.14 8.79
N MET E 155 17.10 96.95 10.11
CA MET E 155 16.32 97.75 11.05
C MET E 155 16.77 99.21 10.92
N ALA E 156 18.09 99.40 10.88
CA ALA E 156 18.66 100.73 10.75
C ALA E 156 18.25 101.39 9.42
N HIS E 157 18.29 100.63 8.34
CA HIS E 157 17.93 101.15 7.02
C HIS E 157 16.46 101.55 6.91
N LYS E 158 15.61 100.86 7.66
CA LYS E 158 14.19 101.20 7.63
C LYS E 158 14.00 102.51 8.38
N PHE E 159 14.77 102.71 9.45
CA PHE E 159 14.68 103.95 10.21
C PHE E 159 15.08 105.09 9.26
N ALA E 160 16.16 104.88 8.52
CA ALA E 160 16.66 105.89 7.58
C ALA E 160 15.61 106.19 6.51
N ILE E 161 15.05 105.13 5.92
CA ILE E 161 14.03 105.30 4.89
C ILE E 161 12.85 106.11 5.41
N GLU E 162 12.27 105.71 6.54
CA GLU E 162 11.14 106.43 7.13
C GLU E 162 11.48 107.89 7.40
N ASN E 163 12.67 108.14 7.93
CA ASN E 163 13.07 109.50 8.23
C ASN E 163 13.25 110.33 6.96
N THR E 164 13.52 109.67 5.84
CA THR E 164 13.69 110.36 4.56
C THR E 164 12.29 110.67 4.03
N LYS E 165 11.41 109.67 4.13
CA LYS E 165 10.02 109.79 3.69
C LYS E 165 9.30 110.94 4.41
N ALA E 166 9.70 111.17 5.66
CA ALA E 166 9.10 112.21 6.48
C ALA E 166 9.61 113.62 6.14
N GLY E 167 10.59 113.71 5.27
CA GLY E 167 11.13 115.02 4.90
C GLY E 167 12.30 115.48 5.76
N LYS E 168 12.70 114.63 6.71
CA LYS E 168 13.81 114.95 7.59
C LYS E 168 15.11 114.55 6.89
N GLY E 169 15.24 113.26 6.58
CA GLY E 169 16.43 112.77 5.91
C GLY E 169 17.70 112.98 6.72
N LYS E 170 17.57 112.89 8.04
CA LYS E 170 18.70 113.10 8.95
C LYS E 170 19.38 111.81 9.41
N ILE E 171 18.76 110.66 9.14
CA ILE E 171 19.31 109.39 9.60
C ILE E 171 20.10 108.56 8.60
N LEU E 172 21.35 108.27 8.95
CA LEU E 172 22.24 107.47 8.12
C LEU E 172 22.39 106.06 8.70
N GLY E 173 21.95 105.07 7.95
CA GLY E 173 22.06 103.68 8.38
C GLY E 173 23.23 103.10 7.62
N ASP E 174 24.33 102.86 8.33
CA ASP E 174 25.54 102.36 7.69
C ASP E 174 26.00 100.95 8.03
N MET E 175 25.80 100.05 7.08
CA MET E 175 26.25 98.67 7.24
C MET E 175 27.77 98.76 7.06
N VAL E 176 28.53 98.15 7.97
CA VAL E 176 29.98 98.17 7.85
C VAL E 176 30.52 96.74 7.88
N GLU E 177 31.11 96.31 6.79
CA GLU E 177 31.66 94.98 6.69
C GLU E 177 33.04 94.99 7.37
N ALA E 178 33.08 94.42 8.57
CA ALA E 178 34.28 94.37 9.41
C ALA E 178 35.57 93.90 8.73
N ILE E 179 35.47 92.86 7.92
CA ILE E 179 36.64 92.32 7.24
C ILE E 179 37.30 93.36 6.33
N GLU E 180 36.49 94.15 5.64
CA GLU E 180 37.02 95.16 4.74
C GLU E 180 37.44 96.44 5.47
N TYR E 181 36.88 96.66 6.65
CA TYR E 181 37.22 97.84 7.44
C TYR E 181 37.73 97.43 8.82
N PRO E 182 38.86 96.71 8.86
CA PRO E 182 39.44 96.25 10.14
C PRO E 182 39.82 97.38 11.10
N GLU E 183 40.27 98.51 10.56
CA GLU E 183 40.65 99.66 11.40
C GLU E 183 39.42 100.29 12.05
N TRP E 184 38.34 100.41 11.28
CA TRP E 184 37.12 101.00 11.79
C TRP E 184 36.52 100.10 12.88
N ALA E 185 36.61 98.79 12.66
CA ALA E 185 36.08 97.84 13.63
C ALA E 185 36.94 97.87 14.89
N ASP E 186 38.25 97.99 14.73
CA ASP E 186 39.14 98.03 15.88
C ASP E 186 38.84 99.26 16.72
N GLN E 187 38.55 100.38 16.06
CA GLN E 187 38.21 101.61 16.77
C GLN E 187 37.14 101.36 17.83
N TYR E 188 36.17 100.51 17.50
CA TYR E 188 35.07 100.20 18.40
C TYR E 188 35.23 98.87 19.08
N ASN E 189 36.44 98.32 19.02
CA ASN E 189 36.74 97.03 19.60
C ASN E 189 35.66 96.00 19.24
N VAL E 190 35.28 95.98 17.97
CA VAL E 190 34.26 95.04 17.50
C VAL E 190 34.72 93.58 17.71
N MET E 191 33.95 92.83 18.47
CA MET E 191 34.25 91.42 18.70
C MET E 191 33.10 90.62 18.10
N ALA E 192 32.04 90.40 18.87
CA ALA E 192 30.88 89.69 18.37
C ALA E 192 30.09 90.65 17.46
N VAL E 193 29.41 90.10 16.46
CA VAL E 193 28.62 90.91 15.55
C VAL E 193 27.15 90.46 15.58
N PRO E 194 26.21 91.36 15.26
CA PRO E 194 26.46 92.75 14.87
C PRO E 194 26.69 93.69 16.04
N LYS E 195 27.49 94.72 15.83
CA LYS E 195 27.69 95.71 16.87
C LYS E 195 27.15 97.02 16.33
N ILE E 196 26.26 97.64 17.09
CA ILE E 196 25.66 98.89 16.67
C ILE E 196 26.19 100.08 17.47
N VAL E 197 26.54 101.14 16.75
CA VAL E 197 27.01 102.36 17.38
C VAL E 197 26.09 103.45 16.88
N ILE E 198 25.41 104.15 17.78
CA ILE E 198 24.54 105.23 17.37
C ILE E 198 25.20 106.57 17.65
N GLN E 199 25.42 107.33 16.60
CA GLN E 199 26.02 108.66 16.72
C GLN E 199 24.99 109.74 16.50
N VAL E 200 25.07 110.80 17.30
CA VAL E 200 24.17 111.93 17.16
C VAL E 200 25.05 113.16 16.96
N ASN E 201 24.74 113.93 15.93
CA ASN E 201 25.50 115.13 15.60
C ASN E 201 26.99 114.83 15.67
N GLY E 202 27.38 113.67 15.15
CA GLY E 202 28.79 113.30 15.13
C GLY E 202 29.39 112.49 16.28
N GLU E 203 28.83 112.59 17.48
CA GLU E 203 29.38 111.88 18.64
C GLU E 203 28.71 110.53 18.99
N ASP E 204 29.53 109.61 19.48
CA ASP E 204 29.06 108.29 19.91
C ASP E 204 28.22 108.47 21.17
N LYS E 205 26.99 107.95 21.13
CA LYS E 205 26.08 108.07 22.27
C LYS E 205 25.73 106.72 22.94
N VAL E 206 25.57 105.67 22.15
CA VAL E 206 25.23 104.36 22.71
C VAL E 206 25.80 103.24 21.86
N GLN E 207 25.96 102.08 22.48
CA GLN E 207 26.49 100.90 21.81
C GLN E 207 25.79 99.67 22.34
N PHE E 208 25.63 98.66 21.49
CA PHE E 208 25.05 97.40 21.89
C PHE E 208 25.37 96.35 20.84
N GLU E 209 25.18 95.09 21.18
CA GLU E 209 25.47 94.02 20.24
C GLU E 209 24.25 93.13 20.11
N GLY E 210 24.08 92.54 18.92
CA GLY E 210 22.94 91.68 18.67
C GLY E 210 21.86 92.35 17.86
N ALA E 211 20.91 91.58 17.38
CA ALA E 211 19.80 92.12 16.60
C ALA E 211 18.66 92.44 17.55
N TYR E 212 18.67 93.66 18.07
CA TYR E 212 17.62 94.08 19.00
C TYR E 212 16.27 94.16 18.31
N PRO E 213 15.19 93.81 19.02
CA PRO E 213 13.85 93.87 18.44
C PRO E 213 13.53 95.33 18.11
N GLU E 214 12.61 95.55 17.17
CA GLU E 214 12.22 96.90 16.74
C GLU E 214 12.08 97.93 17.86
N LYS E 215 11.21 97.65 18.83
CA LYS E 215 10.97 98.57 19.95
C LYS E 215 12.23 98.87 20.74
N MET E 216 13.01 97.85 21.03
CA MET E 216 14.23 98.04 21.79
C MET E 216 15.27 98.84 21.01
N PHE E 217 15.40 98.52 19.73
CA PHE E 217 16.36 99.22 18.86
C PHE E 217 15.93 100.69 18.83
N LEU E 218 14.64 100.93 18.64
CA LEU E 218 14.11 102.28 18.60
C LEU E 218 14.33 103.02 19.92
N GLU E 219 14.23 102.29 21.03
CA GLU E 219 14.43 102.90 22.34
C GLU E 219 15.89 103.34 22.50
N LYS E 220 16.82 102.55 21.96
CA LYS E 220 18.23 102.93 22.03
C LYS E 220 18.47 104.20 21.22
N LEU E 221 17.81 104.29 20.07
CA LEU E 221 17.94 105.45 19.22
C LEU E 221 17.39 106.69 19.91
N LEU E 222 16.21 106.56 20.51
CA LEU E 222 15.59 107.68 21.19
C LEU E 222 16.40 108.18 22.39
N SER E 223 16.94 107.25 23.16
CA SER E 223 17.73 107.64 24.32
C SER E 223 19.03 108.32 23.86
N ALA E 224 19.53 107.91 22.70
CA ALA E 224 20.75 108.51 22.15
C ALA E 224 20.47 109.98 21.84
N LEU E 225 19.24 110.26 21.44
CA LEU E 225 18.83 111.62 21.13
C LEU E 225 18.43 112.28 22.45
N SER E 226 18.67 111.55 23.55
CA SER E 226 18.36 112.00 24.90
C SER E 226 16.85 112.03 25.13
N GLY F 2 -20.83 -50.17 -34.16
CA GLY F 2 -21.73 -51.10 -33.42
C GLY F 2 -21.32 -51.27 -31.98
N LEU F 3 -21.02 -50.15 -31.31
CA LEU F 3 -20.61 -50.20 -29.91
C LEU F 3 -21.74 -50.80 -29.06
N ILE F 4 -22.98 -50.50 -29.45
CA ILE F 4 -24.15 -51.01 -28.74
C ILE F 4 -24.88 -51.98 -29.68
N SER F 5 -25.21 -53.16 -29.18
CA SER F 5 -25.91 -54.16 -29.99
C SER F 5 -27.36 -53.73 -30.26
N GLU F 6 -27.95 -54.27 -31.33
CA GLU F 6 -29.31 -53.95 -31.70
C GLU F 6 -30.27 -54.28 -30.57
N GLU F 7 -30.02 -55.41 -29.92
CA GLU F 7 -30.86 -55.83 -28.82
C GLU F 7 -30.84 -54.82 -27.67
N ASP F 8 -29.65 -54.32 -27.34
CA ASP F 8 -29.53 -53.35 -26.25
C ASP F 8 -30.12 -52.02 -26.64
N LYS F 9 -30.03 -51.68 -27.92
CA LYS F 9 -30.60 -50.43 -28.41
C LYS F 9 -32.12 -50.47 -28.15
N ARG F 10 -32.73 -51.63 -28.29
CA ARG F 10 -34.17 -51.74 -28.06
C ARG F 10 -34.48 -51.59 -26.58
N ILE F 11 -33.66 -52.21 -25.73
CA ILE F 11 -33.86 -52.11 -24.29
C ILE F 11 -33.76 -50.64 -23.89
N ILE F 12 -32.80 -49.96 -24.51
CA ILE F 12 -32.57 -48.54 -24.23
C ILE F 12 -33.79 -47.70 -24.61
N LYS F 13 -34.36 -47.95 -25.78
CA LYS F 13 -35.55 -47.19 -26.20
C LYS F 13 -36.73 -47.56 -25.31
N GLU F 14 -36.88 -48.86 -25.05
CA GLU F 14 -37.97 -49.38 -24.23
C GLU F 14 -37.96 -48.84 -22.80
N GLU F 15 -36.81 -48.99 -22.14
CA GLU F 15 -36.64 -48.58 -20.75
C GLU F 15 -36.33 -47.11 -20.48
N PHE F 16 -35.74 -46.40 -21.42
CA PHE F 16 -35.40 -45.01 -21.14
C PHE F 16 -35.90 -43.94 -22.11
N PHE F 17 -35.46 -44.00 -23.36
CA PHE F 17 -35.83 -43.00 -24.34
C PHE F 17 -37.30 -42.86 -24.71
N SER F 18 -38.12 -43.86 -24.38
CA SER F 18 -39.54 -43.76 -24.70
C SER F 18 -40.22 -42.87 -23.67
N LYS F 19 -39.50 -42.56 -22.59
CA LYS F 19 -40.03 -41.72 -21.52
C LYS F 19 -39.56 -40.27 -21.62
N MET F 20 -38.82 -39.93 -22.67
CA MET F 20 -38.33 -38.57 -22.81
C MET F 20 -39.41 -37.58 -23.18
N VAL F 21 -39.22 -36.33 -22.77
CA VAL F 21 -40.18 -35.27 -23.05
C VAL F 21 -39.51 -34.14 -23.84
N ASN F 22 -38.62 -33.40 -23.21
CA ASN F 22 -37.92 -32.30 -23.89
C ASN F 22 -36.60 -32.79 -24.49
N PRO F 23 -36.12 -32.11 -25.54
CA PRO F 23 -34.86 -32.53 -26.16
C PRO F 23 -33.66 -32.36 -25.23
N VAL F 24 -32.72 -33.29 -25.31
CA VAL F 24 -31.52 -33.25 -24.49
C VAL F 24 -30.28 -33.13 -25.36
N LYS F 25 -29.36 -32.25 -24.96
CA LYS F 25 -28.13 -32.09 -25.72
C LYS F 25 -26.94 -32.44 -24.85
N LEU F 26 -26.16 -33.41 -25.30
CA LEU F 26 -24.97 -33.84 -24.57
C LEU F 26 -23.79 -33.01 -25.08
N ILE F 27 -23.28 -32.12 -24.25
CA ILE F 27 -22.13 -31.29 -24.63
C ILE F 27 -20.90 -31.95 -24.02
N VAL F 28 -20.10 -32.58 -24.88
CA VAL F 28 -18.89 -33.29 -24.48
C VAL F 28 -17.61 -32.49 -24.71
N PHE F 29 -16.83 -32.31 -23.65
CA PHE F 29 -15.57 -31.58 -23.74
C PHE F 29 -14.39 -32.54 -23.76
N ILE F 30 -13.59 -32.46 -24.81
CA ILE F 30 -12.42 -33.32 -24.96
C ILE F 30 -11.15 -32.49 -25.09
N GLY F 31 -10.09 -32.92 -24.42
CA GLY F 31 -8.85 -32.16 -24.46
C GLY F 31 -7.66 -32.85 -25.10
N LYS F 32 -6.52 -32.19 -25.06
CA LYS F 32 -5.29 -32.71 -25.65
C LYS F 32 -4.64 -33.75 -24.75
N GLU F 33 -5.00 -33.76 -23.47
CA GLU F 33 -4.44 -34.71 -22.53
C GLU F 33 -4.74 -36.12 -23.02
N HIS F 34 -4.10 -37.12 -22.41
CA HIS F 34 -4.36 -38.50 -22.80
C HIS F 34 -5.73 -38.89 -22.28
N CYS F 35 -6.44 -39.71 -23.05
CA CYS F 35 -7.77 -40.14 -22.66
C CYS F 35 -8.10 -41.43 -23.41
N GLN F 36 -7.82 -42.55 -22.76
CA GLN F 36 -8.03 -43.88 -23.34
C GLN F 36 -9.39 -44.12 -23.98
N TYR F 37 -10.47 -43.70 -23.31
CA TYR F 37 -11.81 -43.95 -23.84
C TYR F 37 -12.56 -42.75 -24.38
N CYS F 38 -11.86 -41.72 -24.81
CA CYS F 38 -12.53 -40.54 -25.37
C CYS F 38 -13.18 -40.87 -26.71
N ASP F 39 -12.51 -41.69 -27.51
CA ASP F 39 -13.06 -42.05 -28.81
C ASP F 39 -14.35 -42.83 -28.62
N GLN F 40 -14.35 -43.73 -27.64
CA GLN F 40 -15.53 -44.53 -27.35
C GLN F 40 -16.68 -43.61 -26.91
N LEU F 41 -16.33 -42.58 -26.16
CA LEU F 41 -17.32 -41.63 -25.68
C LEU F 41 -18.00 -40.93 -26.85
N LYS F 42 -17.20 -40.36 -27.75
CA LYS F 42 -17.77 -39.68 -28.92
C LYS F 42 -18.65 -40.67 -29.66
N GLN F 43 -18.16 -41.90 -29.77
CA GLN F 43 -18.90 -42.95 -30.47
C GLN F 43 -20.20 -43.29 -29.72
N LEU F 44 -20.14 -43.24 -28.40
CA LEU F 44 -21.31 -43.54 -27.57
C LEU F 44 -22.45 -42.53 -27.72
N VAL F 45 -22.13 -41.24 -27.65
CA VAL F 45 -23.15 -40.21 -27.77
C VAL F 45 -23.74 -40.13 -29.17
N GLN F 46 -23.01 -40.65 -30.16
CA GLN F 46 -23.52 -40.65 -31.53
C GLN F 46 -24.55 -41.76 -31.69
N GLU F 47 -24.19 -42.97 -31.26
CA GLU F 47 -25.11 -44.10 -31.36
C GLU F 47 -26.39 -43.84 -30.57
N LEU F 48 -26.25 -43.28 -29.37
CA LEU F 48 -27.42 -42.99 -28.54
C LEU F 48 -28.34 -41.98 -29.23
N SER F 49 -27.74 -41.01 -29.93
CA SER F 49 -28.53 -39.98 -30.62
C SER F 49 -29.32 -40.51 -31.81
N GLU F 50 -28.98 -41.71 -32.24
CA GLU F 50 -29.66 -42.33 -33.37
C GLU F 50 -30.90 -43.07 -32.89
N LEU F 51 -31.05 -43.19 -31.58
CA LEU F 51 -32.19 -43.92 -31.02
C LEU F 51 -33.44 -43.09 -30.76
N THR F 52 -33.33 -41.77 -30.86
CA THR F 52 -34.47 -40.90 -30.63
C THR F 52 -34.24 -39.52 -31.23
N ASP F 53 -35.32 -38.80 -31.51
CA ASP F 53 -35.21 -37.47 -32.09
C ASP F 53 -35.02 -36.41 -31.01
N LYS F 54 -35.06 -36.83 -29.75
CA LYS F 54 -34.90 -35.90 -28.62
C LYS F 54 -33.50 -35.88 -28.02
N LEU F 55 -32.53 -36.44 -28.74
CA LEU F 55 -31.17 -36.46 -28.22
C LEU F 55 -30.12 -36.03 -29.25
N SER F 56 -29.21 -35.17 -28.82
CA SER F 56 -28.14 -34.70 -29.70
C SER F 56 -26.89 -34.42 -28.86
N TYR F 57 -25.75 -34.26 -29.53
CA TYR F 57 -24.51 -34.00 -28.82
C TYR F 57 -23.65 -32.96 -29.53
N GLU F 58 -22.63 -32.48 -28.82
CA GLU F 58 -21.71 -31.49 -29.35
C GLU F 58 -20.36 -31.77 -28.72
N ILE F 59 -19.38 -32.10 -29.57
CA ILE F 59 -18.02 -32.37 -29.12
C ILE F 59 -17.29 -31.04 -29.13
N VAL F 60 -16.70 -30.69 -27.99
CA VAL F 60 -15.97 -29.43 -27.84
C VAL F 60 -14.49 -29.65 -27.52
N ASP F 61 -13.63 -29.01 -28.31
CA ASP F 61 -12.19 -29.11 -28.14
C ASP F 61 -11.82 -28.22 -26.95
N PHE F 62 -11.67 -28.83 -25.79
CA PHE F 62 -11.35 -28.11 -24.56
C PHE F 62 -10.07 -27.28 -24.65
N ASP F 63 -9.08 -27.78 -25.37
CA ASP F 63 -7.83 -27.05 -25.46
C ASP F 63 -7.69 -26.09 -26.64
N THR F 64 -8.63 -25.16 -26.71
CA THR F 64 -8.66 -24.11 -27.73
C THR F 64 -9.32 -22.92 -27.04
N PRO F 65 -9.07 -21.71 -27.53
CA PRO F 65 -9.68 -20.53 -26.89
C PRO F 65 -11.21 -20.59 -26.89
N GLU F 66 -11.79 -20.98 -28.02
CA GLU F 66 -13.24 -21.06 -28.13
C GLU F 66 -13.77 -22.17 -27.22
N GLY F 67 -13.02 -23.27 -27.14
CA GLY F 67 -13.43 -24.38 -26.31
C GLY F 67 -13.52 -24.03 -24.83
N LYS F 68 -12.51 -23.33 -24.32
CA LYS F 68 -12.47 -22.96 -22.91
C LYS F 68 -13.52 -21.90 -22.57
N GLU F 69 -13.89 -21.10 -23.55
CA GLU F 69 -14.90 -20.07 -23.32
C GLU F 69 -16.24 -20.78 -23.13
N LEU F 70 -16.51 -21.76 -23.99
CA LEU F 70 -17.74 -22.52 -23.92
C LEU F 70 -17.77 -23.32 -22.61
N ALA F 71 -16.64 -23.89 -22.23
CA ALA F 71 -16.55 -24.65 -20.99
C ALA F 71 -16.85 -23.74 -19.81
N GLU F 72 -16.41 -22.50 -19.89
CA GLU F 72 -16.64 -21.53 -18.83
C GLU F 72 -18.14 -21.31 -18.67
N LYS F 73 -18.85 -21.23 -19.79
CA LYS F 73 -20.29 -21.03 -19.78
C LYS F 73 -21.06 -22.18 -19.13
N TYR F 74 -20.51 -23.38 -19.20
CA TYR F 74 -21.14 -24.56 -18.62
C TYR F 74 -20.46 -25.00 -17.34
N ARG F 75 -19.62 -24.12 -16.81
CA ARG F 75 -18.91 -24.36 -15.56
C ARG F 75 -18.10 -25.66 -15.57
N ILE F 76 -17.33 -25.85 -16.64
CA ILE F 76 -16.48 -27.02 -16.81
C ILE F 76 -15.02 -26.59 -16.67
N ASP F 77 -14.32 -27.12 -15.65
CA ASP F 77 -12.94 -26.74 -15.39
C ASP F 77 -11.86 -27.72 -15.86
N ARG F 78 -12.25 -28.78 -16.54
CA ARG F 78 -11.30 -29.78 -17.02
C ARG F 78 -11.97 -30.80 -17.93
N ALA F 79 -11.19 -31.44 -18.78
CA ALA F 79 -11.70 -32.45 -19.70
C ALA F 79 -10.98 -33.76 -19.45
N PRO F 80 -11.58 -34.90 -19.85
CA PRO F 80 -12.88 -35.01 -20.51
C PRO F 80 -14.05 -34.77 -19.56
N ALA F 81 -15.16 -34.28 -20.10
CA ALA F 81 -16.34 -34.02 -19.28
C ALA F 81 -17.56 -33.86 -20.15
N THR F 82 -18.69 -34.33 -19.63
CA THR F 82 -19.95 -34.23 -20.35
C THR F 82 -21.02 -33.63 -19.45
N THR F 83 -21.74 -32.64 -19.98
CA THR F 83 -22.79 -32.01 -19.23
C THR F 83 -24.10 -32.34 -19.95
N ILE F 84 -25.05 -32.90 -19.21
CA ILE F 84 -26.34 -33.29 -19.78
C ILE F 84 -27.31 -32.12 -19.70
N THR F 85 -27.48 -31.41 -20.81
CA THR F 85 -28.36 -30.23 -20.82
C THR F 85 -29.75 -30.44 -21.42
N GLN F 86 -30.68 -29.56 -21.07
CA GLN F 86 -32.02 -29.64 -21.61
C GLN F 86 -32.07 -28.62 -22.74
N ASP F 87 -31.92 -29.11 -23.97
CA ASP F 87 -31.95 -28.25 -25.14
C ASP F 87 -30.93 -27.13 -24.98
N GLY F 88 -29.79 -27.45 -24.38
CA GLY F 88 -28.75 -26.47 -24.18
C GLY F 88 -28.73 -25.86 -22.79
N LYS F 89 -29.81 -26.03 -22.04
CA LYS F 89 -29.89 -25.47 -20.69
C LYS F 89 -29.12 -26.33 -19.68
N ASP F 90 -28.17 -25.69 -18.99
CA ASP F 90 -27.32 -26.34 -17.99
C ASP F 90 -28.10 -26.74 -16.74
N PHE F 91 -28.05 -28.03 -16.39
CA PHE F 91 -28.76 -28.52 -15.20
C PHE F 91 -27.82 -28.97 -14.08
N GLY F 92 -26.53 -28.74 -14.23
CA GLY F 92 -25.57 -29.15 -13.22
C GLY F 92 -25.34 -30.65 -13.14
N VAL F 93 -25.73 -31.37 -14.19
CA VAL F 93 -25.58 -32.82 -14.23
C VAL F 93 -24.36 -33.17 -15.09
N ARG F 94 -23.26 -33.50 -14.45
CA ARG F 94 -22.05 -33.78 -15.20
C ARG F 94 -21.31 -35.08 -14.92
N TYR F 95 -20.59 -35.54 -15.95
CA TYR F 95 -19.80 -36.75 -15.85
C TYR F 95 -18.37 -36.41 -16.28
N PHE F 96 -17.44 -36.57 -15.35
CA PHE F 96 -16.03 -36.32 -15.66
C PHE F 96 -15.38 -37.67 -15.88
N GLY F 97 -15.19 -38.00 -17.16
CA GLY F 97 -14.62 -39.27 -17.56
C GLY F 97 -15.68 -39.99 -18.37
N ILE F 98 -15.47 -41.25 -18.72
CA ILE F 98 -16.46 -41.98 -19.51
C ILE F 98 -17.41 -42.79 -18.62
N PRO F 99 -18.71 -42.78 -18.93
CA PRO F 99 -19.76 -43.51 -18.18
C PRO F 99 -19.74 -44.99 -18.50
N ALA F 100 -18.61 -45.65 -18.26
CA ALA F 100 -18.48 -47.07 -18.55
C ALA F 100 -18.99 -47.93 -17.39
N GLY F 101 -19.07 -49.23 -17.65
CA GLY F 101 -19.53 -50.16 -16.63
C GLY F 101 -20.89 -49.84 -16.05
N HIS F 102 -20.99 -49.93 -14.73
CA HIS F 102 -22.23 -49.69 -14.02
C HIS F 102 -22.69 -48.24 -14.09
N GLU F 103 -21.82 -47.36 -14.57
CA GLU F 103 -22.16 -45.96 -14.68
C GLU F 103 -23.02 -45.66 -15.90
N PHE F 104 -23.09 -46.59 -16.85
CA PHE F 104 -23.87 -46.35 -18.06
C PHE F 104 -25.36 -46.19 -17.81
N ALA F 105 -25.95 -47.08 -17.03
CA ALA F 105 -27.37 -47.00 -16.73
C ALA F 105 -27.69 -45.65 -16.06
N ALA F 106 -26.78 -45.17 -15.22
CA ALA F 106 -26.97 -43.89 -14.53
C ALA F 106 -26.95 -42.76 -15.55
N PHE F 107 -26.07 -42.89 -16.55
CA PHE F 107 -25.95 -41.89 -17.60
C PHE F 107 -27.28 -41.80 -18.37
N LEU F 108 -27.86 -42.95 -18.72
CA LEU F 108 -29.12 -42.97 -19.46
C LEU F 108 -30.27 -42.42 -18.62
N GLU F 109 -30.28 -42.77 -17.33
CA GLU F 109 -31.31 -42.30 -16.41
C GLU F 109 -31.27 -40.78 -16.29
N ASP F 110 -30.06 -40.22 -16.25
CA ASP F 110 -29.90 -38.78 -16.14
C ASP F 110 -30.43 -38.09 -17.39
N ILE F 111 -30.21 -38.71 -18.55
CA ILE F 111 -30.70 -38.17 -19.81
C ILE F 111 -32.23 -38.05 -19.73
N VAL F 112 -32.89 -39.07 -19.18
CA VAL F 112 -34.35 -39.04 -19.06
C VAL F 112 -34.82 -37.97 -18.07
N ASP F 113 -34.19 -37.89 -16.90
CA ASP F 113 -34.57 -36.91 -15.89
C ASP F 113 -34.40 -35.47 -16.40
N VAL F 114 -33.28 -35.20 -17.07
CA VAL F 114 -33.04 -33.86 -17.61
C VAL F 114 -34.08 -33.57 -18.70
N SER F 115 -34.42 -34.59 -19.49
CA SER F 115 -35.41 -34.43 -20.55
C SER F 115 -36.77 -34.06 -19.95
N LYS F 116 -37.06 -34.63 -18.78
CA LYS F 116 -38.32 -34.37 -18.09
C LYS F 116 -38.22 -33.12 -17.22
N GLY F 117 -37.00 -32.76 -16.86
CA GLY F 117 -36.78 -31.60 -16.01
C GLY F 117 -37.35 -31.86 -14.63
N ASP F 118 -37.27 -33.10 -14.16
CA ASP F 118 -37.79 -33.44 -12.85
C ASP F 118 -37.15 -34.72 -12.32
N THR F 119 -37.45 -35.08 -11.07
CA THR F 119 -36.89 -36.27 -10.46
C THR F 119 -37.92 -36.95 -9.58
N ASP F 120 -37.58 -38.14 -9.08
CA ASP F 120 -38.49 -38.86 -8.21
C ASP F 120 -38.12 -38.67 -6.74
N LEU F 121 -37.44 -37.57 -6.42
CA LEU F 121 -37.07 -37.28 -5.04
C LEU F 121 -38.33 -37.09 -4.20
N MET F 122 -38.21 -37.34 -2.90
CA MET F 122 -39.34 -37.18 -1.99
C MET F 122 -39.72 -35.71 -1.93
N GLN F 123 -40.99 -35.44 -1.62
CA GLN F 123 -41.48 -34.08 -1.53
C GLN F 123 -40.64 -33.21 -0.60
N ASP F 124 -40.35 -33.71 0.60
CA ASP F 124 -39.54 -32.96 1.57
C ASP F 124 -38.18 -32.62 0.98
N SER F 125 -37.62 -33.54 0.21
CA SER F 125 -36.32 -33.35 -0.40
C SER F 125 -36.36 -32.22 -1.43
N LYS F 126 -37.36 -32.26 -2.32
CA LYS F 126 -37.48 -31.23 -3.34
C LYS F 126 -37.67 -29.88 -2.69
N GLU F 127 -38.55 -29.82 -1.70
CA GLU F 127 -38.81 -28.58 -0.98
C GLU F 127 -37.50 -27.99 -0.44
N GLU F 128 -36.70 -28.81 0.23
CA GLU F 128 -35.43 -28.33 0.78
C GLU F 128 -34.43 -27.89 -0.30
N VAL F 129 -34.19 -28.78 -1.26
CA VAL F 129 -33.24 -28.50 -2.34
C VAL F 129 -33.61 -27.25 -3.13
N SER F 130 -34.91 -27.00 -3.31
CA SER F 130 -35.35 -25.83 -4.06
C SER F 130 -34.96 -24.53 -3.38
N LYS F 131 -34.58 -24.60 -2.11
CA LYS F 131 -34.20 -23.41 -1.36
C LYS F 131 -32.70 -23.13 -1.39
N ILE F 132 -31.90 -24.17 -1.58
CA ILE F 132 -30.45 -24.01 -1.58
C ILE F 132 -30.08 -22.88 -2.54
N ASP F 133 -29.47 -21.84 -2.00
CA ASP F 133 -29.12 -20.66 -2.78
C ASP F 133 -27.63 -20.32 -2.87
N LYS F 134 -26.78 -21.25 -2.44
CA LYS F 134 -25.34 -21.01 -2.50
C LYS F 134 -24.73 -21.94 -3.55
N ASP F 135 -23.52 -21.63 -3.98
CA ASP F 135 -22.81 -22.44 -4.96
C ASP F 135 -22.33 -23.74 -4.34
N VAL F 136 -22.83 -24.86 -4.86
CA VAL F 136 -22.46 -26.16 -4.34
C VAL F 136 -21.91 -27.06 -5.44
N ARG F 137 -20.83 -27.78 -5.12
CA ARG F 137 -20.24 -28.72 -6.05
C ARG F 137 -20.14 -30.05 -5.31
N ILE F 138 -20.80 -31.07 -5.85
CA ILE F 138 -20.82 -32.40 -5.26
C ILE F 138 -19.96 -33.32 -6.12
N LEU F 139 -18.86 -33.80 -5.54
CA LEU F 139 -17.97 -34.72 -6.25
C LEU F 139 -18.28 -36.15 -5.85
N ILE F 140 -18.45 -37.02 -6.83
CA ILE F 140 -18.71 -38.43 -6.56
C ILE F 140 -17.65 -39.25 -7.28
N PHE F 141 -16.62 -39.65 -6.55
CA PHE F 141 -15.53 -40.45 -7.11
C PHE F 141 -15.95 -41.91 -7.28
N VAL F 142 -15.84 -42.42 -8.51
CA VAL F 142 -16.24 -43.80 -8.80
C VAL F 142 -15.30 -44.52 -9.76
N THR F 143 -15.60 -45.79 -10.00
CA THR F 143 -14.86 -46.64 -10.94
C THR F 143 -15.96 -47.36 -11.71
N PRO F 144 -15.68 -47.76 -12.96
CA PRO F 144 -16.67 -48.46 -13.79
C PRO F 144 -17.17 -49.78 -13.22
N THR F 145 -16.31 -50.46 -12.45
CA THR F 145 -16.66 -51.75 -11.88
C THR F 145 -17.41 -51.72 -10.54
N CYS F 146 -17.61 -50.52 -10.01
CA CYS F 146 -18.31 -50.35 -8.74
C CYS F 146 -19.83 -50.35 -8.99
N PRO F 147 -20.52 -51.40 -8.52
CA PRO F 147 -21.96 -51.53 -8.70
C PRO F 147 -22.88 -50.54 -7.97
N TYR F 148 -22.45 -50.00 -6.85
CA TYR F 148 -23.32 -49.09 -6.13
C TYR F 148 -22.98 -47.60 -6.26
N CYS F 149 -21.87 -47.33 -6.93
CA CYS F 149 -21.45 -45.96 -7.18
C CYS F 149 -22.50 -45.15 -7.96
N PRO F 150 -23.19 -45.78 -8.95
CA PRO F 150 -24.20 -45.08 -9.75
C PRO F 150 -25.30 -44.44 -8.90
N LEU F 151 -25.63 -45.08 -7.78
CA LEU F 151 -26.66 -44.58 -6.88
C LEU F 151 -26.27 -43.22 -6.32
N ALA F 152 -25.01 -43.09 -5.89
CA ALA F 152 -24.52 -41.82 -5.34
C ALA F 152 -24.53 -40.76 -6.44
N VAL F 153 -24.01 -41.12 -7.61
CA VAL F 153 -23.98 -40.19 -8.74
C VAL F 153 -25.39 -39.68 -9.02
N ARG F 154 -26.33 -40.63 -9.10
CA ARG F 154 -27.72 -40.29 -9.37
C ARG F 154 -28.38 -39.44 -8.30
N MET F 155 -28.07 -39.70 -7.04
CA MET F 155 -28.63 -38.90 -5.97
C MET F 155 -28.15 -37.44 -6.13
N ALA F 156 -26.85 -37.26 -6.34
CA ALA F 156 -26.30 -35.92 -6.51
C ALA F 156 -26.91 -35.22 -7.73
N HIS F 157 -27.09 -35.95 -8.82
CA HIS F 157 -27.65 -35.39 -10.03
C HIS F 157 -29.11 -34.98 -9.89
N LYS F 158 -29.85 -35.71 -9.06
CA LYS F 158 -31.24 -35.38 -8.84
C LYS F 158 -31.33 -34.07 -8.08
N PHE F 159 -30.41 -33.86 -7.15
CA PHE F 159 -30.40 -32.62 -6.38
C PHE F 159 -30.16 -31.45 -7.33
N ALA F 160 -29.20 -31.63 -8.24
CA ALA F 160 -28.87 -30.58 -9.20
C ALA F 160 -30.07 -30.26 -10.10
N ILE F 161 -30.74 -31.30 -10.58
CA ILE F 161 -31.90 -31.12 -11.44
C ILE F 161 -32.98 -30.34 -10.71
N GLU F 162 -33.27 -30.71 -9.46
CA GLU F 162 -34.29 -30.02 -8.67
C GLU F 162 -33.91 -28.57 -8.42
N ASN F 163 -32.64 -28.33 -8.10
CA ASN F 163 -32.19 -26.99 -7.84
C ASN F 163 -32.29 -26.14 -9.10
N THR F 164 -32.17 -26.78 -10.25
CA THR F 164 -32.27 -26.09 -11.52
C THR F 164 -33.75 -25.75 -11.75
N LYS F 165 -34.60 -26.78 -11.67
CA LYS F 165 -36.04 -26.62 -11.86
C LYS F 165 -36.60 -25.58 -10.90
N ALA F 166 -35.97 -25.45 -9.73
CA ALA F 166 -36.42 -24.49 -8.72
C ALA F 166 -36.12 -23.06 -9.14
N GLY F 167 -35.28 -22.90 -10.16
CA GLY F 167 -34.94 -21.57 -10.64
C GLY F 167 -33.70 -21.02 -9.96
N LYS F 168 -32.98 -21.89 -9.28
CA LYS F 168 -31.77 -21.49 -8.58
C LYS F 168 -30.50 -21.92 -9.32
N GLY F 169 -30.45 -23.17 -9.74
CA GLY F 169 -29.30 -23.68 -10.47
C GLY F 169 -27.87 -23.45 -9.99
N LYS F 170 -27.59 -23.64 -8.70
CA LYS F 170 -26.22 -23.47 -8.23
C LYS F 170 -25.62 -24.78 -7.72
N ILE F 171 -26.31 -25.90 -7.95
CA ILE F 171 -25.80 -27.19 -7.51
C ILE F 171 -25.20 -27.97 -8.68
N LEU F 172 -23.95 -28.36 -8.52
CA LEU F 172 -23.24 -29.12 -9.54
C LEU F 172 -22.99 -30.53 -9.03
N GLY F 173 -23.52 -31.51 -9.76
CA GLY F 173 -23.32 -32.91 -9.38
C GLY F 173 -22.33 -33.47 -10.38
N ASP F 174 -21.11 -33.73 -9.92
CA ASP F 174 -20.05 -34.23 -10.78
C ASP F 174 -19.58 -35.63 -10.50
N MET F 175 -19.82 -36.53 -11.45
CA MET F 175 -19.38 -37.90 -11.35
C MET F 175 -17.92 -37.81 -11.81
N VAL F 176 -16.99 -38.37 -11.03
CA VAL F 176 -15.58 -38.34 -11.39
C VAL F 176 -15.03 -39.75 -11.52
N GLU F 177 -14.63 -40.11 -12.73
CA GLU F 177 -14.09 -41.45 -12.99
C GLU F 177 -12.64 -41.48 -12.47
N ALA F 178 -12.47 -42.09 -11.30
CA ALA F 178 -11.17 -42.19 -10.62
C ALA F 178 -10.01 -42.72 -11.45
N ILE F 179 -10.28 -43.65 -12.37
CA ILE F 179 -9.21 -44.20 -13.19
C ILE F 179 -8.72 -43.16 -14.19
N GLU F 180 -9.63 -42.30 -14.65
CA GLU F 180 -9.26 -41.24 -15.60
C GLU F 180 -8.68 -40.03 -14.88
N TYR F 181 -9.05 -39.84 -13.62
CA TYR F 181 -8.57 -38.71 -12.82
C TYR F 181 -7.93 -39.18 -11.51
N PRO F 182 -6.85 -39.98 -11.60
CA PRO F 182 -6.18 -40.48 -10.40
C PRO F 182 -5.60 -39.41 -9.48
N GLU F 183 -5.11 -38.30 -10.05
CA GLU F 183 -4.55 -37.23 -9.23
C GLU F 183 -5.64 -36.58 -8.40
N TRP F 184 -6.76 -36.27 -9.04
CA TRP F 184 -7.91 -35.66 -8.38
C TRP F 184 -8.37 -36.59 -7.26
N ALA F 185 -8.39 -37.89 -7.55
CA ALA F 185 -8.80 -38.89 -6.57
C ALA F 185 -7.78 -39.01 -5.44
N ASP F 186 -6.50 -38.96 -5.80
CA ASP F 186 -5.44 -39.04 -4.81
C ASP F 186 -5.55 -37.88 -3.84
N GLN F 187 -5.88 -36.71 -4.38
CA GLN F 187 -6.04 -35.50 -3.56
C GLN F 187 -6.92 -35.80 -2.36
N TYR F 188 -7.91 -36.65 -2.56
CA TYR F 188 -8.85 -37.00 -1.51
C TYR F 188 -8.61 -38.38 -0.92
N ASN F 189 -7.48 -38.98 -1.28
CA ASN F 189 -7.14 -40.31 -0.79
C ASN F 189 -8.32 -41.27 -1.03
N VAL F 190 -8.82 -41.30 -2.25
CA VAL F 190 -9.92 -42.19 -2.57
C VAL F 190 -9.48 -43.65 -2.53
N MET F 191 -10.12 -44.43 -1.68
CA MET F 191 -9.82 -45.86 -1.54
C MET F 191 -11.11 -46.58 -1.94
N ALA F 192 -12.04 -46.69 -1.00
CA ALA F 192 -13.31 -47.32 -1.28
C ALA F 192 -14.18 -46.33 -2.05
N VAL F 193 -14.98 -46.84 -3.00
CA VAL F 193 -15.87 -46.01 -3.78
C VAL F 193 -17.32 -46.44 -3.53
N PRO F 194 -18.26 -45.51 -3.66
CA PRO F 194 -18.03 -44.10 -4.02
C PRO F 194 -17.65 -43.23 -2.84
N LYS F 195 -16.90 -42.16 -3.11
CA LYS F 195 -16.54 -41.23 -2.07
C LYS F 195 -17.14 -39.91 -2.51
N ILE F 196 -17.88 -39.28 -1.60
CA ILE F 196 -18.54 -38.03 -1.88
C ILE F 196 -17.89 -36.87 -1.13
N VAL F 197 -17.64 -35.79 -1.86
CA VAL F 197 -17.06 -34.58 -1.29
C VAL F 197 -18.01 -33.44 -1.64
N ILE F 198 -18.51 -32.75 -0.62
CA ILE F 198 -19.40 -31.64 -0.87
C ILE F 198 -18.68 -30.32 -0.62
N GLN F 199 -18.62 -29.49 -1.64
CA GLN F 199 -17.98 -28.18 -1.54
C GLN F 199 -19.05 -27.10 -1.61
N VAL F 200 -18.79 -25.99 -0.95
CA VAL F 200 -19.69 -24.85 -0.94
C VAL F 200 -18.82 -23.62 -1.19
N ASN F 201 -19.11 -22.90 -2.28
CA ASN F 201 -18.31 -21.73 -2.63
C ASN F 201 -16.85 -22.13 -2.83
N GLY F 202 -16.63 -23.36 -3.30
CA GLY F 202 -15.29 -23.83 -3.56
C GLY F 202 -14.50 -24.44 -2.41
N GLU F 203 -15.07 -24.49 -1.21
CA GLU F 203 -14.37 -25.07 -0.08
C GLU F 203 -14.94 -26.44 0.27
N ASP F 204 -14.07 -27.40 0.60
CA ASP F 204 -14.55 -28.72 0.98
C ASP F 204 -15.22 -28.54 2.33
N LYS F 205 -16.43 -29.06 2.47
CA LYS F 205 -17.14 -28.93 3.73
C LYS F 205 -17.42 -30.27 4.39
N VAL F 206 -17.88 -31.24 3.59
CA VAL F 206 -18.19 -32.56 4.09
C VAL F 206 -17.60 -33.65 3.20
N GLN F 207 -17.42 -34.83 3.78
CA GLN F 207 -16.88 -36.00 3.07
C GLN F 207 -17.48 -37.27 3.65
N PHE F 208 -17.88 -38.19 2.77
CA PHE F 208 -18.41 -39.47 3.20
C PHE F 208 -18.31 -40.54 2.11
N GLU F 209 -18.37 -41.80 2.54
CA GLU F 209 -18.27 -42.93 1.63
C GLU F 209 -19.54 -43.77 1.60
N GLY F 210 -19.86 -44.30 0.42
CA GLY F 210 -21.05 -45.13 0.29
C GLY F 210 -22.23 -44.41 -0.35
N ALA F 211 -23.18 -45.20 -0.84
CA ALA F 211 -24.37 -44.64 -1.47
C ALA F 211 -25.43 -44.36 -0.41
N TYR F 212 -25.24 -43.27 0.33
CA TYR F 212 -26.18 -42.85 1.37
C TYR F 212 -27.62 -42.71 0.87
N PRO F 213 -28.60 -43.09 1.71
CA PRO F 213 -30.03 -42.99 1.34
C PRO F 213 -30.38 -41.52 1.13
N GLU F 214 -31.50 -41.26 0.45
CA GLU F 214 -31.95 -39.89 0.16
C GLU F 214 -31.86 -38.93 1.33
N LYS F 215 -32.70 -39.15 2.34
CA LYS F 215 -32.73 -38.30 3.53
C LYS F 215 -31.35 -38.00 4.13
N MET F 216 -30.54 -39.04 4.31
CA MET F 216 -29.21 -38.84 4.89
C MET F 216 -28.23 -38.13 3.96
N PHE F 217 -28.29 -38.42 2.67
CA PHE F 217 -27.41 -37.76 1.71
C PHE F 217 -27.77 -36.27 1.76
N LEU F 218 -29.07 -35.98 1.78
CA LEU F 218 -29.55 -34.61 1.85
C LEU F 218 -29.12 -33.93 3.15
N GLU F 219 -29.15 -34.69 4.25
CA GLU F 219 -28.73 -34.16 5.55
C GLU F 219 -27.30 -33.65 5.46
N LYS F 220 -26.43 -34.46 4.83
CA LYS F 220 -25.04 -34.10 4.66
C LYS F 220 -24.91 -32.79 3.89
N LEU F 221 -25.72 -32.65 2.84
CA LEU F 221 -25.70 -31.44 2.01
C LEU F 221 -26.11 -30.23 2.84
N LEU F 222 -27.24 -30.34 3.53
CA LEU F 222 -27.73 -29.23 4.35
C LEU F 222 -26.72 -28.89 5.43
N SER F 223 -26.02 -29.90 5.91
CA SER F 223 -25.01 -29.71 6.92
C SER F 223 -23.88 -28.86 6.35
N ALA F 224 -23.45 -29.20 5.13
CA ALA F 224 -22.37 -28.48 4.46
C ALA F 224 -22.71 -27.01 4.27
N LEU F 225 -23.99 -26.73 4.07
CA LEU F 225 -24.46 -25.36 3.89
C LEU F 225 -24.68 -24.75 5.27
N SER F 226 -24.41 -25.54 6.30
CA SER F 226 -24.58 -25.13 7.70
C SER F 226 -26.06 -25.13 8.09
N GLY G 2 -33.79 76.03 -57.51
CA GLY G 2 -34.19 77.26 -56.76
C GLY G 2 -34.23 77.03 -55.26
N LEU G 3 -34.16 78.12 -54.50
CA LEU G 3 -34.18 78.03 -53.04
C LEU G 3 -35.44 77.36 -52.48
N ILE G 4 -36.59 77.70 -53.05
CA ILE G 4 -37.85 77.12 -52.57
C ILE G 4 -38.44 76.13 -53.57
N SER G 5 -38.91 75.00 -53.06
CA SER G 5 -39.51 73.98 -53.91
C SER G 5 -40.88 74.44 -54.41
N GLU G 6 -41.29 73.88 -55.54
CA GLU G 6 -42.58 74.18 -56.12
C GLU G 6 -43.66 73.95 -55.06
N GLU G 7 -43.50 72.87 -54.30
CA GLU G 7 -44.45 72.51 -53.26
C GLU G 7 -44.50 73.53 -52.14
N ASP G 8 -43.34 73.84 -51.57
CA ASP G 8 -43.27 74.81 -50.47
C ASP G 8 -43.78 76.18 -50.94
N LYS G 9 -43.59 76.48 -52.21
CA LYS G 9 -44.06 77.76 -52.73
C LYS G 9 -45.59 77.76 -52.68
N ARG G 10 -46.19 76.67 -53.13
CA ARG G 10 -47.64 76.55 -53.10
C ARG G 10 -48.12 76.65 -51.66
N ILE G 11 -47.43 75.95 -50.76
CA ILE G 11 -47.78 75.95 -49.34
C ILE G 11 -47.65 77.35 -48.77
N ILE G 12 -46.56 78.03 -49.10
CA ILE G 12 -46.33 79.39 -48.61
C ILE G 12 -47.49 80.30 -48.99
N LYS G 13 -47.92 80.22 -50.24
CA LYS G 13 -49.02 81.05 -50.70
C LYS G 13 -50.32 80.66 -49.99
N GLU G 14 -50.47 79.37 -49.69
CA GLU G 14 -51.66 78.87 -49.02
C GLU G 14 -51.70 79.22 -47.53
N GLU G 15 -50.63 78.89 -46.82
CA GLU G 15 -50.58 79.16 -45.40
C GLU G 15 -50.32 80.62 -45.02
N PHE G 16 -49.70 81.38 -45.90
CA PHE G 16 -49.40 82.76 -45.55
C PHE G 16 -49.89 83.89 -46.44
N PHE G 17 -49.29 84.04 -47.62
CA PHE G 17 -49.65 85.15 -48.50
C PHE G 17 -51.11 85.31 -48.94
N SER G 18 -51.93 84.29 -48.71
CA SER G 18 -53.34 84.40 -49.09
C SER G 18 -54.08 85.23 -48.05
N LYS G 19 -53.49 85.36 -46.87
CA LYS G 19 -54.09 86.13 -45.78
C LYS G 19 -53.65 87.58 -45.81
N MET G 20 -52.86 87.96 -46.81
CA MET G 20 -52.38 89.32 -46.92
C MET G 20 -53.46 90.33 -47.28
N VAL G 21 -53.33 91.53 -46.73
CA VAL G 21 -54.29 92.60 -46.97
C VAL G 21 -53.61 93.76 -47.68
N ASN G 22 -52.70 94.44 -47.00
CA ASN G 22 -51.97 95.55 -47.58
C ASN G 22 -50.68 95.03 -48.18
N PRO G 23 -50.13 95.73 -49.18
CA PRO G 23 -48.88 95.29 -49.79
C PRO G 23 -47.70 95.47 -48.84
N VAL G 24 -46.75 94.55 -48.90
CA VAL G 24 -45.58 94.60 -48.05
C VAL G 24 -44.32 94.77 -48.91
N LYS G 25 -43.42 95.63 -48.45
CA LYS G 25 -42.18 95.87 -49.18
C LYS G 25 -41.00 95.54 -48.28
N LEU G 26 -40.23 94.53 -48.67
CA LEU G 26 -39.05 94.12 -47.92
C LEU G 26 -37.88 95.00 -48.34
N ILE G 27 -37.39 95.81 -47.40
CA ILE G 27 -36.26 96.67 -47.68
C ILE G 27 -35.02 96.02 -47.09
N VAL G 28 -34.17 95.52 -47.99
CA VAL G 28 -32.95 94.83 -47.61
C VAL G 28 -31.73 95.73 -47.73
N PHE G 29 -30.94 95.77 -46.67
CA PHE G 29 -29.72 96.56 -46.66
C PHE G 29 -28.50 95.66 -46.71
N ILE G 30 -27.73 95.79 -47.78
CA ILE G 30 -26.53 94.99 -47.96
C ILE G 30 -25.30 95.88 -48.04
N GLY G 31 -24.19 95.39 -47.51
CA GLY G 31 -22.96 96.16 -47.53
C GLY G 31 -21.83 95.34 -48.12
N LYS G 32 -20.69 96.00 -48.35
CA LYS G 32 -19.51 95.32 -48.92
C LYS G 32 -18.66 94.68 -47.83
N GLU G 33 -19.29 94.34 -46.71
CA GLU G 33 -18.59 93.72 -45.59
C GLU G 33 -18.78 92.21 -45.59
N HIS G 34 -18.72 91.62 -44.39
CA HIS G 34 -18.88 90.19 -44.24
C HIS G 34 -20.36 89.80 -44.29
N CYS G 35 -20.68 88.91 -45.22
CA CYS G 35 -22.04 88.43 -45.39
C CYS G 35 -22.03 87.29 -46.41
N GLN G 36 -21.76 86.08 -45.91
CA GLN G 36 -21.69 84.90 -46.76
C GLN G 36 -23.06 84.33 -47.10
N TYR G 37 -24.11 85.14 -46.98
CA TYR G 37 -25.46 84.69 -47.29
C TYR G 37 -26.32 85.83 -47.83
N CYS G 38 -25.68 86.93 -48.20
CA CYS G 38 -26.39 88.08 -48.74
C CYS G 38 -26.94 87.82 -50.13
N ASP G 39 -26.24 87.02 -50.93
CA ASP G 39 -26.71 86.71 -52.28
C ASP G 39 -28.00 85.91 -52.18
N GLN G 40 -28.02 84.91 -51.30
CA GLN G 40 -29.19 84.08 -51.11
C GLN G 40 -30.35 84.90 -50.55
N LEU G 41 -30.04 85.81 -49.62
CA LEU G 41 -31.06 86.66 -49.03
C LEU G 41 -31.82 87.40 -50.12
N LYS G 42 -31.07 87.99 -51.06
CA LYS G 42 -31.67 88.71 -52.18
C LYS G 42 -32.49 87.76 -53.03
N GLN G 43 -31.94 86.56 -53.25
CA GLN G 43 -32.61 85.54 -54.04
C GLN G 43 -33.92 85.17 -53.36
N LEU G 44 -33.89 85.12 -52.03
CA LEU G 44 -35.05 84.77 -51.24
C LEU G 44 -36.17 85.80 -51.34
N VAL G 45 -35.83 87.07 -51.15
CA VAL G 45 -36.84 88.14 -51.22
C VAL G 45 -37.43 88.25 -52.63
N GLN G 46 -36.67 87.82 -53.62
CA GLN G 46 -37.12 87.87 -55.01
C GLN G 46 -38.13 86.76 -55.27
N GLU G 47 -37.76 85.53 -54.92
CA GLU G 47 -38.64 84.40 -55.13
C GLU G 47 -39.98 84.62 -54.41
N LEU G 48 -39.92 85.09 -53.16
CA LEU G 48 -41.15 85.32 -52.41
C LEU G 48 -42.04 86.36 -53.08
N SER G 49 -41.43 87.36 -53.71
CA SER G 49 -42.19 88.41 -54.38
C SER G 49 -42.99 87.93 -55.58
N GLU G 50 -42.54 86.85 -56.20
CA GLU G 50 -43.23 86.30 -57.37
C GLU G 50 -44.44 85.47 -57.00
N LEU G 51 -44.64 85.23 -55.70
CA LEU G 51 -45.75 84.43 -55.24
C LEU G 51 -47.02 85.25 -54.94
N THR G 52 -46.94 86.56 -55.07
CA THR G 52 -48.08 87.40 -54.79
C THR G 52 -47.87 88.84 -55.25
N ASP G 53 -48.98 89.54 -55.48
CA ASP G 53 -48.92 90.93 -55.92
C ASP G 53 -48.83 91.87 -54.73
N LYS G 54 -48.88 91.31 -53.53
CA LYS G 54 -48.81 92.14 -52.33
C LYS G 54 -47.42 92.17 -51.69
N LEU G 55 -46.44 91.60 -52.36
CA LEU G 55 -45.10 91.56 -51.81
C LEU G 55 -44.01 91.99 -52.79
N SER G 56 -43.28 93.03 -52.43
CA SER G 56 -42.19 93.55 -53.24
C SER G 56 -40.95 93.70 -52.37
N TYR G 57 -39.81 93.97 -53.00
CA TYR G 57 -38.57 94.16 -52.26
C TYR G 57 -37.69 95.21 -52.93
N GLU G 58 -36.75 95.76 -52.16
CA GLU G 58 -35.82 96.77 -52.65
C GLU G 58 -34.45 96.53 -52.03
N ILE G 59 -33.45 96.28 -52.87
CA ILE G 59 -32.10 96.06 -52.37
C ILE G 59 -31.40 97.40 -52.25
N VAL G 60 -30.89 97.70 -51.06
CA VAL G 60 -30.21 98.96 -50.80
C VAL G 60 -28.75 98.76 -50.42
N ASP G 61 -27.86 99.45 -51.13
CA ASP G 61 -26.43 99.36 -50.84
C ASP G 61 -26.18 100.25 -49.63
N PHE G 62 -25.90 99.61 -48.50
CA PHE G 62 -25.64 100.32 -47.25
C PHE G 62 -24.47 101.29 -47.32
N ASP G 63 -23.39 100.86 -47.95
CA ASP G 63 -22.18 101.68 -48.08
C ASP G 63 -22.23 102.73 -49.18
N THR G 64 -23.22 103.62 -49.11
CA THR G 64 -23.36 104.70 -50.08
C THR G 64 -24.10 105.84 -49.38
N PRO G 65 -23.74 107.09 -49.66
CA PRO G 65 -24.43 108.21 -49.01
C PRO G 65 -25.94 108.10 -49.20
N GLU G 66 -26.33 107.51 -50.32
CA GLU G 66 -27.74 107.32 -50.64
C GLU G 66 -28.30 106.15 -49.83
N GLY G 67 -27.47 105.13 -49.62
CA GLY G 67 -27.90 103.98 -48.86
C GLY G 67 -28.01 104.28 -47.38
N LYS G 68 -26.99 104.90 -46.81
CA LYS G 68 -27.00 105.26 -45.40
C LYS G 68 -28.11 106.26 -45.10
N GLU G 69 -28.46 107.06 -46.11
CA GLU G 69 -29.53 108.03 -45.94
C GLU G 69 -30.83 107.24 -46.00
N LEU G 70 -30.87 106.26 -46.89
CA LEU G 70 -32.05 105.42 -47.03
C LEU G 70 -31.97 104.30 -46.00
N ALA G 71 -31.15 104.51 -44.98
CA ALA G 71 -30.97 103.54 -43.90
C ALA G 71 -31.27 104.21 -42.57
N GLU G 72 -31.05 105.53 -42.52
CA GLU G 72 -31.29 106.31 -41.31
C GLU G 72 -32.78 106.52 -41.01
N LYS G 73 -33.58 106.79 -42.03
CA LYS G 73 -35.00 107.00 -41.77
C LYS G 73 -35.71 105.70 -41.41
N TYR G 74 -35.11 104.56 -41.78
CA TYR G 74 -35.71 103.27 -41.44
C TYR G 74 -35.05 102.69 -40.19
N ARG G 75 -34.32 103.54 -39.49
CA ARG G 75 -33.62 103.17 -38.26
C ARG G 75 -32.70 101.96 -38.35
N ILE G 76 -31.90 101.91 -39.40
CA ILE G 76 -30.96 100.81 -39.61
C ILE G 76 -29.53 101.28 -39.35
N ASP G 77 -28.88 100.69 -38.35
CA ASP G 77 -27.52 101.05 -37.97
C ASP G 77 -26.44 100.12 -38.52
N ARG G 78 -26.83 99.12 -39.30
CA ARG G 78 -25.85 98.20 -39.85
C ARG G 78 -26.45 97.28 -40.89
N ALA G 79 -25.59 96.56 -41.60
CA ALA G 79 -26.02 95.62 -42.63
C ALA G 79 -25.27 94.31 -42.41
N PRO G 80 -25.85 93.19 -42.87
CA PRO G 80 -27.14 93.10 -43.56
C PRO G 80 -28.33 93.25 -42.62
N ALA G 81 -29.43 93.78 -43.15
CA ALA G 81 -30.63 93.95 -42.36
C ALA G 81 -31.84 94.16 -43.26
N THR G 82 -32.95 93.55 -42.87
CA THR G 82 -34.18 93.67 -43.62
C THR G 82 -35.29 94.19 -42.73
N THR G 83 -36.01 95.19 -43.19
CA THR G 83 -37.12 95.73 -42.42
C THR G 83 -38.39 95.45 -43.21
N ILE G 84 -39.36 94.84 -42.56
CA ILE G 84 -40.63 94.48 -43.18
C ILE G 84 -41.62 95.62 -43.07
N THR G 85 -41.74 96.40 -44.13
CA THR G 85 -42.62 97.56 -44.15
C THR G 85 -43.98 97.30 -44.78
N GLN G 86 -44.95 98.11 -44.38
CA GLN G 86 -46.29 98.02 -44.94
C GLN G 86 -46.35 99.09 -46.02
N ASP G 87 -46.06 98.70 -47.25
CA ASP G 87 -46.08 99.62 -48.38
C ASP G 87 -45.23 100.85 -48.07
N GLY G 88 -44.02 100.60 -47.58
CA GLY G 88 -43.11 101.69 -47.25
C GLY G 88 -43.11 102.14 -45.81
N LYS G 89 -44.21 101.91 -45.10
CA LYS G 89 -44.30 102.31 -43.70
C LYS G 89 -43.52 101.38 -42.77
N ASP G 90 -42.69 101.97 -41.91
CA ASP G 90 -41.85 101.26 -40.95
C ASP G 90 -42.68 100.74 -39.77
N PHE G 91 -42.59 99.44 -39.49
CA PHE G 91 -43.34 98.87 -38.37
C PHE G 91 -42.41 98.39 -37.26
N GLY G 92 -41.13 98.67 -37.39
CA GLY G 92 -40.17 98.25 -36.38
C GLY G 92 -39.93 96.75 -36.40
N VAL G 93 -40.26 96.11 -37.51
CA VAL G 93 -40.10 94.67 -37.67
C VAL G 93 -38.87 94.42 -38.52
N ARG G 94 -37.77 94.04 -37.87
CA ARG G 94 -36.53 93.83 -38.60
C ARG G 94 -35.79 92.53 -38.33
N TYR G 95 -34.99 92.14 -39.31
CA TYR G 95 -34.17 90.95 -39.24
C TYR G 95 -32.75 91.35 -39.63
N PHE G 96 -31.80 91.14 -38.71
CA PHE G 96 -30.40 91.45 -39.00
C PHE G 96 -29.73 90.11 -39.28
N GLY G 97 -29.56 89.83 -40.56
CA GLY G 97 -28.98 88.57 -40.99
C GLY G 97 -30.03 87.91 -41.87
N ILE G 98 -29.74 86.73 -42.39
CA ILE G 98 -30.71 86.05 -43.24
C ILE G 98 -31.65 85.16 -42.41
N PRO G 99 -32.95 85.18 -42.72
CA PRO G 99 -33.97 84.39 -42.02
C PRO G 99 -33.94 82.90 -42.37
N ALA G 100 -32.76 82.29 -42.32
CA ALA G 100 -32.63 80.87 -42.63
C ALA G 100 -33.05 79.96 -41.48
N GLY G 101 -33.13 78.66 -41.76
CA GLY G 101 -33.52 77.68 -40.76
C GLY G 101 -34.91 77.89 -40.20
N HIS G 102 -35.05 77.76 -38.89
CA HIS G 102 -36.36 77.93 -38.28
C HIS G 102 -36.88 79.38 -38.26
N GLU G 103 -36.01 80.33 -38.62
CA GLU G 103 -36.41 81.73 -38.64
C GLU G 103 -37.21 82.05 -39.91
N PHE G 104 -37.13 81.18 -40.91
CA PHE G 104 -37.85 81.40 -42.17
C PHE G 104 -39.35 81.50 -41.95
N ALA G 105 -39.91 80.59 -41.16
CA ALA G 105 -41.34 80.59 -40.87
C ALA G 105 -41.74 81.86 -40.13
N ALA G 106 -40.87 82.36 -39.25
CA ALA G 106 -41.17 83.57 -38.50
C ALA G 106 -41.21 84.77 -39.46
N PHE G 107 -40.31 84.75 -40.43
CA PHE G 107 -40.19 85.80 -41.44
C PHE G 107 -41.49 85.89 -42.26
N LEU G 108 -42.03 84.74 -42.64
CA LEU G 108 -43.26 84.67 -43.43
C LEU G 108 -44.44 85.17 -42.62
N GLU G 109 -44.49 84.79 -41.34
CA GLU G 109 -45.57 85.22 -40.45
C GLU G 109 -45.56 86.73 -40.23
N ASP G 110 -44.36 87.31 -40.11
CA ASP G 110 -44.25 88.76 -39.92
C ASP G 110 -44.75 89.49 -41.17
N ILE G 111 -44.46 88.94 -42.34
CA ILE G 111 -44.92 89.56 -43.59
C ILE G 111 -46.45 89.66 -43.57
N VAL G 112 -47.10 88.63 -43.04
CA VAL G 112 -48.56 88.61 -42.96
C VAL G 112 -49.08 89.57 -41.90
N ASP G 113 -48.42 89.61 -40.74
CA ASP G 113 -48.85 90.50 -39.67
C ASP G 113 -48.67 91.97 -40.07
N VAL G 114 -47.56 92.27 -40.75
CA VAL G 114 -47.32 93.63 -41.19
C VAL G 114 -48.33 93.99 -42.27
N SER G 115 -48.64 93.02 -43.11
CA SER G 115 -49.62 93.21 -44.18
C SER G 115 -50.98 93.57 -43.58
N LYS G 116 -51.37 92.85 -42.53
CA LYS G 116 -52.64 93.07 -41.88
C LYS G 116 -52.68 94.25 -40.93
N GLY G 117 -51.53 94.62 -40.38
CA GLY G 117 -51.49 95.73 -39.46
C GLY G 117 -52.01 95.41 -38.07
N ASP G 118 -51.88 94.15 -37.65
CA ASP G 118 -52.31 93.75 -36.31
C ASP G 118 -51.81 92.37 -35.90
N THR G 119 -51.99 92.03 -34.64
CA THR G 119 -51.51 90.76 -34.11
C THR G 119 -52.57 89.96 -33.35
N ASP G 120 -52.17 88.79 -32.85
CA ASP G 120 -53.06 87.95 -32.09
C ASP G 120 -52.72 88.02 -30.60
N LEU G 121 -52.04 89.09 -30.19
CA LEU G 121 -51.68 89.30 -28.79
C LEU G 121 -52.95 89.46 -27.96
N MET G 122 -52.87 89.18 -26.67
CA MET G 122 -54.02 89.31 -25.80
C MET G 122 -54.40 90.79 -25.68
N GLN G 123 -55.69 91.05 -25.44
CA GLN G 123 -56.18 92.41 -25.31
C GLN G 123 -55.34 93.14 -24.28
N ASP G 124 -55.12 92.48 -23.16
CA ASP G 124 -54.32 93.04 -22.06
C ASP G 124 -53.00 93.57 -22.61
N SER G 125 -52.31 92.74 -23.39
CA SER G 125 -51.03 93.11 -23.98
C SER G 125 -51.15 94.26 -24.96
N LYS G 126 -52.10 94.14 -25.89
CA LYS G 126 -52.29 95.21 -26.87
C LYS G 126 -52.40 96.54 -26.15
N GLU G 127 -53.21 96.56 -25.09
CA GLU G 127 -53.42 97.77 -24.31
C GLU G 127 -52.13 98.32 -23.69
N GLU G 128 -51.31 97.44 -23.12
CA GLU G 128 -50.06 97.90 -22.50
C GLU G 128 -49.07 98.43 -23.54
N VAL G 129 -48.88 97.66 -24.60
CA VAL G 129 -47.96 98.03 -25.68
C VAL G 129 -48.33 99.35 -26.35
N SER G 130 -49.63 99.61 -26.48
CA SER G 130 -50.11 100.83 -27.10
C SER G 130 -49.84 102.07 -26.25
N LYS G 131 -49.44 101.84 -25.00
CA LYS G 131 -49.15 102.95 -24.08
C LYS G 131 -47.66 103.23 -23.97
N ILE G 132 -46.84 102.38 -24.58
CA ILE G 132 -45.39 102.59 -24.53
C ILE G 132 -45.00 103.77 -25.40
N ASP G 133 -44.32 104.75 -24.81
CA ASP G 133 -43.96 105.94 -25.55
C ASP G 133 -42.48 106.31 -25.50
N LYS G 134 -41.63 105.36 -25.11
CA LYS G 134 -40.19 105.61 -25.05
C LYS G 134 -39.51 104.77 -26.14
N ASP G 135 -38.32 105.18 -26.57
CA ASP G 135 -37.59 104.43 -27.60
C ASP G 135 -37.16 103.08 -27.02
N VAL G 136 -37.61 102.01 -27.67
CA VAL G 136 -37.28 100.66 -27.22
C VAL G 136 -36.69 99.82 -28.34
N ARG G 137 -35.57 99.15 -28.07
CA ARG G 137 -34.97 98.27 -29.05
C ARG G 137 -34.80 96.90 -28.42
N ILE G 138 -35.57 95.94 -28.91
CA ILE G 138 -35.51 94.59 -28.39
C ILE G 138 -34.66 93.74 -29.31
N LEU G 139 -33.51 93.29 -28.80
CA LEU G 139 -32.60 92.45 -29.57
C LEU G 139 -32.87 90.98 -29.25
N ILE G 140 -32.98 90.15 -30.28
CA ILE G 140 -33.20 88.72 -30.09
C ILE G 140 -32.12 87.99 -30.88
N PHE G 141 -31.06 87.56 -30.18
CA PHE G 141 -29.96 86.84 -30.82
C PHE G 141 -30.39 85.40 -31.07
N VAL G 142 -30.18 84.93 -32.29
CA VAL G 142 -30.59 83.59 -32.66
C VAL G 142 -29.62 82.89 -33.63
N THR G 143 -29.91 81.64 -33.94
CA THR G 143 -29.14 80.84 -34.90
C THR G 143 -30.19 80.12 -35.74
N PRO G 144 -29.86 79.76 -36.98
CA PRO G 144 -30.81 79.07 -37.87
C PRO G 144 -31.30 77.71 -37.34
N THR G 145 -30.47 77.04 -36.56
CA THR G 145 -30.82 75.72 -36.03
C THR G 145 -31.64 75.73 -34.75
N CYS G 146 -31.74 76.89 -34.11
CA CYS G 146 -32.50 77.03 -32.87
C CYS G 146 -33.99 76.97 -33.19
N PRO G 147 -34.67 75.90 -32.75
CA PRO G 147 -36.10 75.67 -32.98
C PRO G 147 -37.09 76.59 -32.27
N TYR G 148 -36.68 77.20 -31.17
CA TYR G 148 -37.59 78.06 -30.44
C TYR G 148 -37.30 79.55 -30.52
N CYS G 149 -36.15 79.90 -31.08
CA CYS G 149 -35.78 81.30 -31.24
C CYS G 149 -36.84 82.07 -32.03
N PRO G 150 -37.45 81.45 -33.05
CA PRO G 150 -38.47 82.13 -33.84
C PRO G 150 -39.65 82.62 -33.00
N LEU G 151 -39.93 81.91 -31.90
CA LEU G 151 -41.03 82.27 -31.01
C LEU G 151 -40.74 83.60 -30.30
N ALA G 152 -39.50 83.79 -29.90
CA ALA G 152 -39.09 85.01 -29.21
C ALA G 152 -39.05 86.18 -30.18
N VAL G 153 -38.57 85.92 -31.39
CA VAL G 153 -38.48 86.94 -32.42
C VAL G 153 -39.89 87.46 -32.73
N ARG G 154 -40.81 86.52 -32.90
CA ARG G 154 -42.20 86.85 -33.20
C ARG G 154 -42.88 87.61 -32.06
N MET G 155 -42.54 87.29 -30.82
CA MET G 155 -43.11 87.98 -29.69
C MET G 155 -42.69 89.46 -29.73
N ALA G 156 -41.41 89.69 -29.99
CA ALA G 156 -40.90 91.06 -30.07
C ALA G 156 -41.53 91.80 -31.26
N HIS G 157 -41.58 91.13 -32.41
CA HIS G 157 -42.18 91.74 -33.58
C HIS G 157 -43.64 92.10 -33.40
N LYS G 158 -44.40 91.27 -32.68
CA LYS G 158 -45.81 91.58 -32.44
C LYS G 158 -45.92 92.85 -31.60
N PHE G 159 -45.00 93.02 -30.64
CA PHE G 159 -45.01 94.21 -29.81
C PHE G 159 -44.74 95.44 -30.69
N ALA G 160 -43.83 95.27 -31.64
CA ALA G 160 -43.47 96.37 -32.55
C ALA G 160 -44.65 96.70 -33.45
N ILE G 161 -45.31 95.67 -33.98
CA ILE G 161 -46.44 95.87 -34.86
C ILE G 161 -47.59 96.57 -34.13
N GLU G 162 -47.91 96.11 -32.92
CA GLU G 162 -48.98 96.69 -32.12
C GLU G 162 -48.71 98.14 -31.75
N ASN G 163 -47.49 98.41 -31.28
CA ASN G 163 -47.11 99.76 -30.90
C ASN G 163 -47.11 100.71 -32.09
N THR G 164 -46.84 100.18 -33.29
CA THR G 164 -46.86 101.03 -34.49
C THR G 164 -48.33 101.32 -34.81
N LYS G 165 -49.14 100.29 -34.74
CA LYS G 165 -50.57 100.40 -35.01
C LYS G 165 -51.24 101.41 -34.09
N ALA G 166 -50.72 101.55 -32.86
CA ALA G 166 -51.28 102.47 -31.89
C ALA G 166 -50.89 103.93 -32.12
N GLY G 167 -50.06 104.18 -33.13
CA GLY G 167 -49.65 105.53 -33.43
C GLY G 167 -48.31 105.93 -32.82
N LYS G 168 -47.73 105.08 -31.99
CA LYS G 168 -46.44 105.38 -31.36
C LYS G 168 -45.27 105.01 -32.28
N GLY G 169 -45.19 103.73 -32.64
CA GLY G 169 -44.11 103.27 -33.51
C GLY G 169 -42.75 103.52 -32.90
N LYS G 170 -42.61 103.25 -31.61
CA LYS G 170 -41.34 103.47 -30.91
C LYS G 170 -40.59 102.19 -30.53
N ILE G 171 -41.17 101.04 -30.84
CA ILE G 171 -40.53 99.78 -30.51
C ILE G 171 -39.91 99.11 -31.72
N LEU G 172 -38.65 98.72 -31.58
CA LEU G 172 -37.93 98.06 -32.65
C LEU G 172 -37.69 96.63 -32.19
N GLY G 173 -38.14 95.67 -33.00
CA GLY G 173 -37.95 94.26 -32.69
C GLY G 173 -36.92 93.75 -33.67
N ASP G 174 -35.69 93.53 -33.18
CA ASP G 174 -34.61 93.09 -34.04
C ASP G 174 -34.07 91.68 -33.82
N MET G 175 -34.32 90.82 -34.80
CA MET G 175 -33.81 89.45 -34.78
C MET G 175 -32.34 89.59 -35.21
N VAL G 176 -31.43 88.94 -34.47
CA VAL G 176 -30.02 89.01 -34.80
C VAL G 176 -29.45 87.62 -35.00
N GLU G 177 -29.09 87.31 -36.24
CA GLU G 177 -28.54 86.00 -36.56
C GLU G 177 -27.10 86.01 -36.02
N ALA G 178 -26.90 85.30 -34.91
CA ALA G 178 -25.61 85.21 -34.23
C ALA G 178 -24.42 84.82 -35.09
N ILE G 179 -24.63 83.90 -36.03
CA ILE G 179 -23.54 83.45 -36.90
C ILE G 179 -23.01 84.61 -37.76
N GLU G 180 -23.92 85.40 -38.30
CA GLU G 180 -23.55 86.53 -39.14
C GLU G 180 -23.01 87.70 -38.33
N TYR G 181 -23.40 87.78 -37.05
CA TYR G 181 -22.96 88.87 -36.18
C TYR G 181 -22.29 88.36 -34.90
N PRO G 182 -21.19 87.61 -35.03
CA PRO G 182 -20.49 87.08 -33.86
C PRO G 182 -19.98 88.13 -32.87
N GLU G 183 -19.53 89.28 -33.37
CA GLU G 183 -19.03 90.34 -32.50
C GLU G 183 -20.16 90.93 -31.67
N TRP G 184 -21.31 91.13 -32.33
CA TRP G 184 -22.47 91.69 -31.65
C TRP G 184 -22.92 90.69 -30.58
N ALA G 185 -22.95 89.41 -30.95
CA ALA G 185 -23.35 88.35 -30.04
C ALA G 185 -22.35 88.20 -28.88
N ASP G 186 -21.06 88.38 -29.18
CA ASP G 186 -20.03 88.26 -28.18
C ASP G 186 -20.14 89.41 -27.18
N GLN G 187 -20.55 90.57 -27.66
CA GLN G 187 -20.72 91.74 -26.81
C GLN G 187 -21.59 91.38 -25.62
N TYR G 188 -22.56 90.51 -25.86
CA TYR G 188 -23.48 90.07 -24.82
C TYR G 188 -23.22 88.65 -24.35
N ASN G 189 -22.05 88.12 -24.70
CA ASN G 189 -21.66 86.77 -24.31
C ASN G 189 -22.78 85.77 -24.61
N VAL G 190 -23.41 85.91 -25.77
CA VAL G 190 -24.49 85.00 -26.14
C VAL G 190 -23.99 83.57 -26.21
N MET G 191 -24.61 82.69 -25.45
CA MET G 191 -24.25 81.29 -25.46
C MET G 191 -25.52 80.56 -25.89
N ALA G 192 -26.43 80.33 -24.94
CA ALA G 192 -27.68 79.68 -25.27
C ALA G 192 -28.58 80.70 -25.97
N VAL G 193 -29.41 80.23 -26.89
CA VAL G 193 -30.31 81.11 -27.60
C VAL G 193 -31.74 80.60 -27.49
N PRO G 194 -32.73 81.47 -27.66
CA PRO G 194 -32.54 82.90 -27.96
C PRO G 194 -32.16 83.71 -26.75
N LYS G 195 -31.43 84.81 -26.96
CA LYS G 195 -31.08 85.68 -25.86
C LYS G 195 -31.69 87.04 -26.16
N ILE G 196 -32.47 87.55 -25.21
CA ILE G 196 -33.15 88.81 -25.39
C ILE G 196 -32.53 89.95 -24.58
N VAL G 197 -32.30 91.08 -25.22
CA VAL G 197 -31.75 92.25 -24.57
C VAL G 197 -32.70 93.40 -24.87
N ILE G 198 -33.23 94.03 -23.83
CA ILE G 198 -34.17 95.13 -24.02
C ILE G 198 -33.52 96.48 -23.70
N GLN G 199 -33.44 97.34 -24.70
CA GLN G 199 -32.85 98.67 -24.53
C GLN G 199 -33.94 99.75 -24.52
N VAL G 200 -33.91 100.58 -23.48
CA VAL G 200 -34.87 101.68 -23.37
C VAL G 200 -34.05 102.96 -23.53
N ASN G 201 -34.47 103.79 -24.47
CA ASN G 201 -33.78 105.04 -24.77
C ASN G 201 -32.29 104.84 -25.04
N GLY G 202 -31.97 103.79 -25.80
CA GLY G 202 -30.58 103.53 -26.16
C GLY G 202 -29.68 102.74 -25.22
N GLU G 203 -30.13 102.45 -24.01
CA GLU G 203 -29.29 101.70 -23.09
C GLU G 203 -29.89 100.38 -22.64
N ASP G 204 -29.02 99.38 -22.45
CA ASP G 204 -29.43 98.06 -22.00
C ASP G 204 -30.07 98.16 -20.63
N LYS G 205 -31.27 97.60 -20.49
CA LYS G 205 -31.98 97.63 -19.22
C LYS G 205 -32.23 96.23 -18.66
N VAL G 206 -32.56 95.28 -19.53
CA VAL G 206 -32.85 93.92 -19.09
C VAL G 206 -32.33 92.88 -20.06
N GLN G 207 -32.07 91.68 -19.54
CA GLN G 207 -31.58 90.56 -20.32
C GLN G 207 -32.21 89.27 -19.80
N PHE G 208 -32.40 88.31 -20.69
CA PHE G 208 -32.92 87.01 -20.32
C PHE G 208 -32.81 86.08 -21.51
N GLU G 209 -32.95 84.77 -21.26
CA GLU G 209 -32.83 83.77 -22.32
C GLU G 209 -34.05 82.86 -22.33
N GLY G 210 -34.41 82.38 -23.52
CA GLY G 210 -35.55 81.48 -23.66
C GLY G 210 -36.77 82.17 -24.23
N ALA G 211 -37.63 81.40 -24.90
CA ALA G 211 -38.84 81.95 -25.49
C ALA G 211 -39.89 82.15 -24.40
N TYR G 212 -39.82 83.29 -23.73
CA TYR G 212 -40.75 83.63 -22.65
C TYR G 212 -42.20 83.77 -23.11
N PRO G 213 -43.15 83.31 -22.28
CA PRO G 213 -44.57 83.41 -22.63
C PRO G 213 -44.96 84.90 -22.68
N GLU G 214 -45.97 85.21 -23.49
CA GLU G 214 -46.43 86.58 -23.65
C GLU G 214 -46.44 87.44 -22.38
N LYS G 215 -47.23 87.05 -21.39
CA LYS G 215 -47.33 87.78 -20.13
C LYS G 215 -45.96 88.09 -19.55
N MET G 216 -45.14 87.06 -19.43
CA MET G 216 -43.80 87.19 -18.88
C MET G 216 -42.84 88.00 -19.74
N PHE G 217 -42.95 87.87 -21.06
CA PHE G 217 -42.08 88.63 -21.96
C PHE G 217 -42.50 90.09 -21.78
N LEU G 218 -43.82 90.31 -21.74
CA LEU G 218 -44.37 91.64 -21.57
C LEU G 218 -43.90 92.26 -20.26
N GLU G 219 -43.97 91.49 -19.18
CA GLU G 219 -43.55 91.98 -17.87
C GLU G 219 -42.11 92.48 -17.91
N LYS G 220 -41.24 91.73 -18.60
CA LYS G 220 -39.83 92.10 -18.72
C LYS G 220 -39.69 93.45 -19.41
N LEU G 221 -40.50 93.66 -20.43
CA LEU G 221 -40.47 94.90 -21.19
C LEU G 221 -40.94 96.09 -20.36
N LEU G 222 -42.06 95.91 -19.64
CA LEU G 222 -42.61 96.98 -18.83
C LEU G 222 -41.70 97.36 -17.66
N SER G 223 -41.01 96.37 -17.09
CA SER G 223 -40.11 96.64 -15.98
C SER G 223 -38.90 97.41 -16.52
N ALA G 224 -38.54 97.12 -17.76
CA ALA G 224 -37.41 97.80 -18.39
C ALA G 224 -37.79 99.26 -18.61
N LEU G 225 -39.10 99.53 -18.65
CA LEU G 225 -39.59 100.88 -18.84
C LEU G 225 -39.87 101.53 -17.48
N SER G 226 -39.35 100.92 -16.42
CA SER G 226 -39.54 101.41 -15.06
C SER G 226 -40.95 101.16 -14.58
N GLY H 2 45.07 -38.28 7.52
CA GLY H 2 43.73 -38.17 8.16
C GLY H 2 43.82 -38.16 9.68
N LEU H 3 42.73 -37.77 10.33
CA LEU H 3 42.69 -37.72 11.79
C LEU H 3 41.40 -38.35 12.31
N ILE H 4 40.31 -38.14 11.59
CA ILE H 4 39.01 -38.68 11.99
C ILE H 4 38.54 -39.69 10.95
N SER H 5 38.12 -40.87 11.41
CA SER H 5 37.66 -41.92 10.50
C SER H 5 36.32 -41.55 9.86
N GLU H 6 35.89 -42.39 8.92
CA GLU H 6 34.63 -42.16 8.21
C GLU H 6 33.43 -42.41 9.12
N GLU H 7 33.51 -43.48 9.91
CA GLU H 7 32.41 -43.81 10.82
C GLU H 7 32.19 -42.73 11.87
N ASP H 8 33.27 -42.09 12.30
CA ASP H 8 33.17 -41.04 13.32
C ASP H 8 32.65 -39.74 12.74
N LYS H 9 33.03 -39.43 11.49
CA LYS H 9 32.56 -38.21 10.86
C LYS H 9 31.04 -38.26 10.75
N ARG H 10 30.51 -39.47 10.57
CA ARG H 10 29.07 -39.69 10.45
C ARG H 10 28.43 -39.50 11.81
N ILE H 11 29.09 -40.02 12.85
CA ILE H 11 28.59 -39.91 14.21
C ILE H 11 28.58 -38.43 14.63
N ILE H 12 29.64 -37.72 14.29
CA ILE H 12 29.76 -36.31 14.63
C ILE H 12 28.64 -35.49 13.97
N LYS H 13 28.47 -35.68 12.66
CA LYS H 13 27.45 -34.95 11.93
C LYS H 13 26.03 -35.23 12.39
N GLU H 14 25.70 -36.51 12.57
CA GLU H 14 24.36 -36.88 13.01
C GLU H 14 24.07 -36.70 14.49
N GLU H 15 25.07 -36.96 15.33
CA GLU H 15 24.91 -36.84 16.77
C GLU H 15 25.07 -35.43 17.31
N PHE H 16 26.05 -34.69 16.81
CA PHE H 16 26.30 -33.34 17.32
C PHE H 16 26.01 -32.19 16.36
N PHE H 17 26.86 -32.01 15.36
CA PHE H 17 26.72 -30.93 14.39
C PHE H 17 25.33 -30.72 13.81
N SER H 18 24.54 -31.80 13.70
CA SER H 18 23.20 -31.70 13.15
C SER H 18 22.26 -30.93 14.10
N LYS H 19 22.65 -30.83 15.37
CA LYS H 19 21.86 -30.12 16.36
C LYS H 19 22.18 -28.63 16.45
N MET H 20 23.26 -28.20 15.79
CA MET H 20 23.66 -26.81 15.81
C MET H 20 22.61 -25.84 15.29
N VAL H 21 22.70 -24.60 15.74
CA VAL H 21 21.77 -23.55 15.33
C VAL H 21 22.59 -22.39 14.77
N ASN H 22 23.17 -21.59 15.66
CA ASN H 22 23.99 -20.46 15.22
C ASN H 22 25.37 -20.95 14.83
N PRO H 23 26.04 -20.25 13.90
CA PRO H 23 27.37 -20.68 13.48
C PRO H 23 28.37 -20.58 14.62
N VAL H 24 29.40 -21.41 14.59
CA VAL H 24 30.43 -21.42 15.61
C VAL H 24 31.79 -21.27 14.96
N LYS H 25 32.65 -20.46 15.57
CA LYS H 25 33.98 -20.25 15.01
C LYS H 25 35.04 -20.62 16.03
N LEU H 26 35.91 -21.55 15.65
CA LEU H 26 36.99 -21.99 16.52
C LEU H 26 38.24 -21.14 16.28
N ILE H 27 38.49 -20.21 17.20
CA ILE H 27 39.66 -19.34 17.09
C ILE H 27 40.82 -19.97 17.84
N VAL H 28 41.82 -20.40 17.07
CA VAL H 28 43.00 -21.08 17.59
C VAL H 28 44.27 -20.23 17.59
N PHE H 29 44.93 -20.18 18.74
CA PHE H 29 46.17 -19.43 18.89
C PHE H 29 47.33 -20.40 19.02
N ILE H 30 48.36 -20.19 18.20
CA ILE H 30 49.52 -21.06 18.21
C ILE H 30 50.83 -20.26 18.18
N GLY H 31 51.81 -20.73 18.95
CA GLY H 31 53.09 -20.05 19.02
C GLY H 31 54.23 -20.99 18.64
N LYS H 32 55.44 -20.46 18.62
CA LYS H 32 56.61 -21.25 18.26
C LYS H 32 57.23 -22.00 19.46
N GLU H 33 56.73 -21.71 20.66
CA GLU H 33 57.23 -22.36 21.87
C GLU H 33 57.03 -23.88 21.79
N HIS H 34 57.37 -24.58 22.87
CA HIS H 34 57.23 -26.02 22.91
C HIS H 34 55.76 -26.44 22.86
N CYS H 35 55.28 -26.79 21.67
CA CYS H 35 53.91 -27.22 21.50
C CYS H 35 53.93 -28.52 20.70
N GLN H 36 54.04 -29.63 21.42
CA GLN H 36 54.11 -30.96 20.83
C GLN H 36 52.98 -31.33 19.88
N TYR H 37 51.78 -30.80 20.11
CA TYR H 37 50.64 -31.15 19.25
C TYR H 37 49.94 -30.00 18.56
N CYS H 38 50.67 -28.94 18.23
CA CYS H 38 50.06 -27.80 17.55
C CYS H 38 49.64 -28.08 16.12
N ASP H 39 50.36 -28.98 15.45
CA ASP H 39 50.01 -29.32 14.06
C ASP H 39 48.73 -30.13 14.04
N GLN H 40 48.61 -31.09 14.96
CA GLN H 40 47.42 -31.92 15.04
C GLN H 40 46.21 -31.08 15.43
N LEU H 41 46.45 -30.04 16.23
CA LEU H 41 45.38 -29.17 16.66
C LEU H 41 44.76 -28.49 15.43
N LYS H 42 45.63 -27.91 14.59
CA LYS H 42 45.17 -27.25 13.37
C LYS H 42 44.44 -28.23 12.47
N GLN H 43 45.01 -29.42 12.31
CA GLN H 43 44.41 -30.45 11.47
C GLN H 43 43.00 -30.74 11.96
N LEU H 44 42.87 -30.89 13.27
CA LEU H 44 41.60 -31.20 13.89
C LEU H 44 40.51 -30.17 13.57
N VAL H 45 40.73 -28.91 13.93
CA VAL H 45 39.75 -27.87 13.66
C VAL H 45 39.41 -27.78 12.18
N GLN H 46 40.37 -28.15 11.34
CA GLN H 46 40.16 -28.13 9.89
C GLN H 46 39.19 -29.25 9.50
N GLU H 47 39.55 -30.49 9.84
CA GLU H 47 38.73 -31.64 9.52
C GLU H 47 37.31 -31.52 10.06
N LEU H 48 37.16 -30.92 11.24
CA LEU H 48 35.83 -30.75 11.83
C LEU H 48 35.02 -29.69 11.09
N SER H 49 35.70 -28.67 10.59
CA SER H 49 35.03 -27.60 9.86
C SER H 49 34.45 -28.04 8.52
N GLU H 50 34.90 -29.19 8.02
CA GLU H 50 34.41 -29.70 6.74
C GLU H 50 33.17 -30.56 6.92
N LEU H 51 32.74 -30.74 8.16
CA LEU H 51 31.58 -31.57 8.45
C LEU H 51 30.28 -30.79 8.44
N THR H 52 30.38 -29.47 8.37
CA THR H 52 29.20 -28.61 8.35
C THR H 52 29.58 -27.18 8.01
N ASP H 53 28.64 -26.45 7.42
CA ASP H 53 28.87 -25.07 7.04
C ASP H 53 28.69 -24.11 8.20
N LYS H 54 28.14 -24.61 9.30
CA LYS H 54 27.90 -23.77 10.47
C LYS H 54 29.14 -23.62 11.36
N LEU H 55 30.17 -24.40 11.06
CA LEU H 55 31.41 -24.35 11.83
C LEU H 55 32.59 -23.89 10.98
N SER H 56 33.31 -22.89 11.48
CA SER H 56 34.48 -22.35 10.79
C SER H 56 35.60 -22.18 11.81
N TYR H 57 36.82 -21.95 11.33
CA TYR H 57 37.95 -21.77 12.24
C TYR H 57 38.88 -20.67 11.76
N GLU H 58 39.86 -20.35 12.59
CA GLU H 58 40.85 -19.31 12.28
C GLU H 58 42.10 -19.59 13.09
N ILE H 59 43.24 -19.68 12.40
CA ILE H 59 44.51 -19.95 13.06
C ILE H 59 45.24 -18.63 13.30
N VAL H 60 45.51 -18.31 14.56
CA VAL H 60 46.19 -17.07 14.90
C VAL H 60 47.62 -17.30 15.39
N ASP H 61 48.56 -16.52 14.87
CA ASP H 61 49.95 -16.64 15.27
C ASP H 61 50.13 -15.80 16.54
N PHE H 62 50.06 -16.48 17.69
CA PHE H 62 50.19 -15.86 19.00
C PHE H 62 51.45 -15.02 19.20
N ASP H 63 52.51 -15.33 18.47
CA ASP H 63 53.76 -14.60 18.62
C ASP H 63 53.78 -13.21 17.99
N THR H 64 53.06 -13.03 16.88
CA THR H 64 53.03 -11.74 16.20
C THR H 64 52.20 -10.71 16.97
N PRO H 65 52.55 -9.43 16.83
CA PRO H 65 51.83 -8.38 17.54
C PRO H 65 50.34 -8.35 17.14
N GLU H 66 50.08 -8.63 15.87
CA GLU H 66 48.71 -8.65 15.38
C GLU H 66 47.94 -9.74 16.11
N GLY H 67 48.57 -10.90 16.26
CA GLY H 67 47.93 -12.01 16.95
C GLY H 67 47.66 -11.72 18.42
N LYS H 68 48.62 -11.08 19.08
CA LYS H 68 48.47 -10.75 20.49
C LYS H 68 47.32 -9.79 20.74
N GLU H 69 47.14 -8.84 19.83
CA GLU H 69 46.02 -7.90 19.97
C GLU H 69 44.74 -8.73 19.99
N LEU H 70 44.71 -9.73 19.11
CA LEU H 70 43.57 -10.62 18.99
C LEU H 70 43.47 -11.51 20.24
N ALA H 71 44.62 -11.98 20.72
CA ALA H 71 44.65 -12.80 21.93
C ALA H 71 44.03 -12.01 23.07
N GLU H 72 44.50 -10.78 23.24
CA GLU H 72 44.00 -9.91 24.30
C GLU H 72 42.49 -9.71 24.23
N LYS H 73 41.96 -9.52 23.02
CA LYS H 73 40.52 -9.32 22.86
C LYS H 73 39.71 -10.56 23.27
N TYR H 74 40.30 -11.73 23.13
CA TYR H 74 39.63 -12.97 23.50
C TYR H 74 40.10 -13.50 24.85
N ARG H 75 40.88 -12.69 25.55
CA ARG H 75 41.39 -13.04 26.87
C ARG H 75 42.20 -14.34 26.88
N ILE H 76 43.13 -14.46 25.95
CA ILE H 76 44.00 -15.62 25.85
C ILE H 76 45.39 -15.14 26.22
N ASP H 77 45.98 -15.73 27.27
CA ASP H 77 47.30 -15.31 27.73
C ASP H 77 48.43 -16.22 27.32
N ARG H 78 48.10 -17.37 26.75
CA ARG H 78 49.14 -18.32 26.33
C ARG H 78 48.65 -19.23 25.22
N ALA H 79 49.60 -19.84 24.52
CA ALA H 79 49.28 -20.74 23.42
C ALA H 79 49.98 -22.08 23.61
N PRO H 80 49.43 -23.16 23.05
CA PRO H 80 48.19 -23.20 22.26
C PRO H 80 46.89 -23.04 23.06
N ALA H 81 45.92 -22.37 22.45
CA ALA H 81 44.63 -22.15 23.08
C ALA H 81 43.54 -22.06 22.01
N THR H 82 42.36 -22.59 22.33
CA THR H 82 41.24 -22.59 21.42
C THR H 82 40.00 -22.04 22.12
N THR H 83 39.38 -21.01 21.55
CA THR H 83 38.17 -20.46 22.15
C THR H 83 37.02 -20.75 21.20
N ILE H 84 35.96 -21.35 21.73
CA ILE H 84 34.77 -21.71 20.95
C ILE H 84 33.74 -20.58 21.00
N THR H 85 33.77 -19.74 19.96
CA THR H 85 32.89 -18.58 19.86
C THR H 85 31.66 -18.79 18.97
N GLN H 86 30.59 -18.09 19.30
CA GLN H 86 29.35 -18.13 18.51
C GLN H 86 29.52 -17.06 17.44
N ASP H 87 29.92 -17.48 16.25
CA ASP H 87 30.15 -16.55 15.15
C ASP H 87 30.95 -15.34 15.63
N GLY H 88 32.04 -15.62 16.34
CA GLY H 88 32.89 -14.55 16.85
C GLY H 88 32.64 -14.10 18.27
N LYS H 89 31.41 -14.25 18.76
CA LYS H 89 31.09 -13.83 20.12
C LYS H 89 31.75 -14.72 21.16
N ASP H 90 32.62 -14.13 21.99
CA ASP H 90 33.33 -14.84 23.04
C ASP H 90 32.39 -15.34 24.12
N PHE H 91 32.43 -16.64 24.40
CA PHE H 91 31.58 -17.23 25.42
C PHE H 91 32.36 -17.76 26.61
N GLY H 92 33.67 -17.52 26.62
CA GLY H 92 34.50 -17.98 27.72
C GLY H 92 34.65 -19.49 27.75
N VAL H 93 34.52 -20.13 26.60
CA VAL H 93 34.67 -21.58 26.49
C VAL H 93 35.99 -21.84 25.77
N ARG H 94 37.02 -22.16 26.56
CA ARG H 94 38.33 -22.38 25.99
C ARG H 94 39.00 -23.71 26.34
N TYR H 95 39.94 -24.10 25.49
CA TYR H 95 40.71 -25.32 25.64
C TYR H 95 42.17 -24.95 25.43
N PHE H 96 43.01 -25.16 26.43
CA PHE H 96 44.44 -24.89 26.31
C PHE H 96 45.10 -26.25 26.13
N GLY H 97 45.41 -26.57 24.88
CA GLY H 97 46.00 -27.86 24.54
C GLY H 97 45.00 -28.54 23.61
N ILE H 98 45.38 -29.66 23.01
CA ILE H 98 44.47 -30.35 22.10
C ILE H 98 43.42 -31.19 22.82
N PRO H 99 42.16 -31.15 22.36
CA PRO H 99 41.04 -31.89 22.94
C PRO H 99 41.09 -33.37 22.56
N ALA H 100 42.16 -34.06 22.95
CA ALA H 100 42.31 -35.46 22.61
C ALA H 100 41.68 -36.40 23.65
N GLY H 101 41.61 -37.68 23.29
CA GLY H 101 41.06 -38.69 24.17
C GLY H 101 39.63 -38.45 24.59
N HIS H 102 39.36 -38.64 25.88
CA HIS H 102 38.03 -38.43 26.43
C HIS H 102 37.58 -36.97 26.33
N GLU H 103 38.54 -36.06 26.16
CA GLU H 103 38.23 -34.64 26.05
C GLU H 103 37.57 -34.29 24.70
N PHE H 104 37.77 -35.14 23.70
CA PHE H 104 37.21 -34.90 22.38
C PHE H 104 35.68 -34.75 22.40
N ALA H 105 34.99 -35.63 23.11
CA ALA H 105 33.54 -35.55 23.17
C ALA H 105 33.09 -34.25 23.82
N ALA H 106 33.78 -33.84 24.89
CA ALA H 106 33.46 -32.60 25.58
C ALA H 106 33.56 -31.44 24.60
N PHE H 107 34.60 -31.48 23.76
CA PHE H 107 34.84 -30.45 22.77
C PHE H 107 33.63 -30.36 21.85
N LEU H 108 33.21 -31.50 21.31
CA LEU H 108 32.07 -31.56 20.40
C LEU H 108 30.80 -31.04 21.07
N GLU H 109 30.61 -31.41 22.33
CA GLU H 109 29.43 -30.97 23.06
C GLU H 109 29.45 -29.46 23.29
N ASP H 110 30.64 -28.89 23.53
CA ASP H 110 30.75 -27.46 23.76
C ASP H 110 30.45 -26.70 22.47
N ILE H 111 30.79 -27.30 21.33
CA ILE H 111 30.52 -26.66 20.05
C ILE H 111 29.01 -26.52 19.86
N VAL H 112 28.27 -27.58 20.16
CA VAL H 112 26.82 -27.55 20.04
C VAL H 112 26.20 -26.59 21.05
N ASP H 113 26.69 -26.61 22.29
CA ASP H 113 26.18 -25.74 23.34
C ASP H 113 26.44 -24.25 23.08
N VAL H 114 27.61 -23.93 22.52
CA VAL H 114 27.91 -22.54 22.23
C VAL H 114 27.10 -22.15 20.98
N SER H 115 26.82 -23.14 20.15
CA SER H 115 26.04 -22.92 18.93
C SER H 115 24.62 -22.55 19.31
N LYS H 116 24.10 -23.20 20.35
CA LYS H 116 22.74 -22.95 20.81
C LYS H 116 22.70 -21.79 21.80
N GLY H 117 23.78 -21.62 22.56
CA GLY H 117 23.83 -20.54 23.53
C GLY H 117 22.98 -20.85 24.75
N ASP H 118 22.74 -22.13 25.02
CA ASP H 118 21.95 -22.56 26.16
C ASP H 118 22.53 -23.85 26.76
N THR H 119 22.12 -24.19 27.97
CA THR H 119 22.64 -25.40 28.62
C THR H 119 21.52 -26.15 29.36
N ASP H 120 21.83 -27.35 29.86
CA ASP H 120 20.86 -28.15 30.59
C ASP H 120 21.07 -28.11 32.10
N LEU H 121 21.75 -27.08 32.58
CA LEU H 121 21.98 -26.91 34.01
C LEU H 121 20.63 -26.69 34.67
N MET H 122 20.57 -26.88 35.98
CA MET H 122 19.33 -26.66 36.72
C MET H 122 19.01 -25.16 36.63
N GLN H 123 17.72 -24.84 36.49
CA GLN H 123 17.29 -23.45 36.39
C GLN H 123 17.84 -22.61 37.56
N ASP H 124 17.89 -23.21 38.74
CA ASP H 124 18.40 -22.51 39.93
C ASP H 124 19.86 -22.12 39.70
N SER H 125 20.61 -23.01 39.07
CA SER H 125 22.02 -22.76 38.79
C SER H 125 22.18 -21.64 37.77
N LYS H 126 21.34 -21.66 36.74
CA LYS H 126 21.38 -20.64 35.69
C LYS H 126 21.11 -19.27 36.30
N GLU H 127 20.19 -19.21 37.25
CA GLU H 127 19.86 -17.95 37.88
C GLU H 127 20.99 -17.45 38.77
N GLU H 128 21.64 -18.35 39.49
CA GLU H 128 22.76 -17.96 40.34
C GLU H 128 23.93 -17.47 39.51
N VAL H 129 24.26 -18.21 38.46
CA VAL H 129 25.37 -17.87 37.58
C VAL H 129 25.14 -16.58 36.79
N SER H 130 23.89 -16.29 36.49
CA SER H 130 23.57 -15.08 35.72
C SER H 130 23.78 -13.83 36.56
N LYS H 131 23.93 -13.99 37.86
CA LYS H 131 24.15 -12.86 38.77
C LYS H 131 25.64 -12.62 39.01
N ILE H 132 26.47 -13.59 38.68
CA ILE H 132 27.91 -13.46 38.87
C ILE H 132 28.42 -12.28 38.07
N ASP H 133 28.97 -11.29 38.76
CA ASP H 133 29.44 -10.07 38.13
C ASP H 133 30.93 -9.77 38.36
N LYS H 134 31.69 -10.76 38.79
CA LYS H 134 33.11 -10.59 39.01
C LYS H 134 33.88 -11.43 38.00
N ASP H 135 35.10 -11.01 37.68
CA ASP H 135 35.93 -11.75 36.73
C ASP H 135 36.34 -13.08 37.31
N VAL H 136 35.87 -14.16 36.69
CA VAL H 136 36.17 -15.50 37.16
C VAL H 136 36.90 -16.34 36.13
N ARG H 137 37.90 -17.09 36.61
CA ARG H 137 38.64 -17.98 35.73
C ARG H 137 38.70 -19.35 36.40
N ILE H 138 38.08 -20.34 35.77
CA ILE H 138 38.06 -21.69 36.29
C ILE H 138 39.03 -22.54 35.47
N LEU H 139 40.06 -23.05 36.14
CA LEU H 139 41.05 -23.89 35.47
C LEU H 139 40.69 -25.33 35.78
N ILE H 140 40.67 -26.18 34.75
CA ILE H 140 40.39 -27.60 34.93
C ILE H 140 41.56 -28.37 34.29
N PHE H 141 42.50 -28.81 35.11
CA PHE H 141 43.66 -29.56 34.64
C PHE H 141 43.25 -30.99 34.33
N VAL H 142 43.58 -31.44 33.12
CA VAL H 142 43.22 -32.78 32.70
C VAL H 142 44.27 -33.46 31.83
N THR H 143 44.03 -34.73 31.53
CA THR H 143 44.88 -35.52 30.65
C THR H 143 43.90 -36.21 29.71
N PRO H 144 44.38 -36.64 28.54
CA PRO H 144 43.54 -37.31 27.54
C PRO H 144 42.92 -38.64 27.98
N THR H 145 43.63 -39.37 28.83
CA THR H 145 43.18 -40.68 29.30
C THR H 145 42.25 -40.67 30.52
N CYS H 146 42.07 -39.49 31.11
CA CYS H 146 41.21 -39.34 32.27
C CYS H 146 39.75 -39.36 31.80
N PRO H 147 39.01 -40.43 32.15
CA PRO H 147 37.61 -40.61 31.77
C PRO H 147 36.59 -39.64 32.33
N TYR H 148 36.81 -39.16 33.54
CA TYR H 148 35.85 -38.26 34.16
C TYR H 148 36.19 -36.78 34.10
N CYS H 149 37.39 -36.45 33.60
CA CYS H 149 37.80 -35.07 33.45
C CYS H 149 36.80 -34.25 32.61
N PRO H 150 36.21 -34.86 31.57
CA PRO H 150 35.25 -34.14 30.72
C PRO H 150 34.06 -33.57 31.49
N LEU H 151 33.62 -34.27 32.52
CA LEU H 151 32.49 -33.81 33.32
C LEU H 151 32.79 -32.46 33.96
N ALA H 152 33.99 -32.31 34.52
CA ALA H 152 34.36 -31.06 35.17
C ALA H 152 34.54 -29.94 34.14
N VAL H 153 35.16 -30.25 33.02
CA VAL H 153 35.36 -29.27 31.97
C VAL H 153 34.00 -28.75 31.47
N ARG H 154 33.08 -29.68 31.25
CA ARG H 154 31.76 -29.35 30.77
C ARG H 154 30.95 -28.52 31.76
N MET H 155 31.12 -28.79 33.05
CA MET H 155 30.39 -28.05 34.08
C MET H 155 30.81 -26.59 34.06
N ALA H 156 32.12 -26.37 34.04
CA ALA H 156 32.67 -25.01 34.00
C ALA H 156 32.32 -24.29 32.70
N HIS H 157 32.29 -25.02 31.59
CA HIS H 157 31.96 -24.41 30.30
C HIS H 157 30.48 -24.00 30.23
N LYS H 158 29.63 -24.76 30.91
CA LYS H 158 28.20 -24.44 30.93
C LYS H 158 28.00 -23.19 31.79
N PHE H 159 28.79 -23.04 32.85
CA PHE H 159 28.69 -21.86 33.69
C PHE H 159 29.09 -20.66 32.84
N ALA H 160 30.17 -20.81 32.09
CA ALA H 160 30.64 -19.76 31.21
C ALA H 160 29.54 -19.35 30.25
N ILE H 161 28.94 -20.32 29.56
CA ILE H 161 27.87 -20.04 28.60
C ILE H 161 26.67 -19.32 29.24
N GLU H 162 26.18 -19.82 30.36
CA GLU H 162 25.05 -19.18 31.03
C GLU H 162 25.41 -17.76 31.46
N ASN H 163 26.64 -17.54 31.89
CA ASN H 163 27.06 -16.22 32.32
C ASN H 163 27.19 -15.26 31.13
N THR H 164 27.48 -15.81 29.96
CA THR H 164 27.60 -15.00 28.76
C THR H 164 26.20 -14.60 28.33
N LYS H 165 25.28 -15.56 28.37
CA LYS H 165 23.89 -15.34 27.99
C LYS H 165 23.20 -14.35 28.93
N ALA H 166 23.71 -14.25 30.15
CA ALA H 166 23.13 -13.34 31.13
C ALA H 166 23.57 -11.91 30.86
N GLY H 167 24.49 -11.75 29.92
CA GLY H 167 24.99 -10.42 29.58
C GLY H 167 26.21 -10.02 30.39
N LYS H 168 26.64 -10.90 31.29
CA LYS H 168 27.81 -10.64 32.13
C LYS H 168 29.10 -10.99 31.38
N GLY H 169 29.24 -12.25 30.98
CA GLY H 169 30.42 -12.68 30.26
C GLY H 169 31.73 -12.52 31.02
N LYS H 170 31.71 -12.80 32.32
CA LYS H 170 32.91 -12.66 33.15
C LYS H 170 33.51 -14.00 33.57
N ILE H 171 32.85 -15.09 33.21
CA ILE H 171 33.34 -16.42 33.57
C ILE H 171 34.12 -17.10 32.46
N LEU H 172 35.36 -17.45 32.77
CA LEU H 172 36.23 -18.13 31.82
C LEU H 172 36.40 -19.58 32.23
N GLY H 173 35.94 -20.49 31.39
CA GLY H 173 36.08 -21.91 31.67
C GLY H 173 37.27 -22.42 30.89
N ASP H 174 38.37 -22.69 31.58
CA ASP H 174 39.58 -23.13 30.89
C ASP H 174 40.04 -24.55 31.09
N MET H 175 39.84 -25.38 30.07
CA MET H 175 40.29 -26.76 30.12
C MET H 175 41.80 -26.65 29.91
N VAL H 176 42.57 -27.31 30.78
CA VAL H 176 44.02 -27.27 30.66
C VAL H 176 44.61 -28.67 30.55
N GLU H 177 45.17 -28.97 29.38
CA GLU H 177 45.78 -30.28 29.13
C GLU H 177 47.16 -30.30 29.78
N ALA H 178 47.26 -30.96 30.94
CA ALA H 178 48.49 -31.04 31.72
C ALA H 178 49.75 -31.52 30.99
N ILE H 179 49.60 -32.42 30.03
CA ILE H 179 50.77 -32.92 29.32
C ILE H 179 51.39 -31.82 28.46
N GLU H 180 50.53 -31.00 27.85
CA GLU H 180 51.00 -29.91 27.01
C GLU H 180 51.42 -28.73 27.89
N TYR H 181 50.88 -28.67 29.10
CA TYR H 181 51.19 -27.58 30.02
C TYR H 181 51.74 -28.07 31.37
N PRO H 182 52.90 -28.77 31.35
CA PRO H 182 53.48 -29.29 32.60
C PRO H 182 53.87 -28.24 33.64
N GLU H 183 54.45 -27.12 33.22
CA GLU H 183 54.85 -26.09 34.18
C GLU H 183 53.61 -25.54 34.90
N TRP H 184 52.58 -25.25 34.12
CA TRP H 184 51.34 -24.71 34.67
C TRP H 184 50.76 -25.72 35.67
N ALA H 185 50.76 -27.00 35.29
CA ALA H 185 50.26 -28.06 36.16
C ALA H 185 51.16 -28.16 37.40
N ASP H 186 52.47 -28.06 37.19
CA ASP H 186 53.42 -28.15 38.29
C ASP H 186 53.15 -27.04 39.30
N GLN H 187 52.78 -25.86 38.80
CA GLN H 187 52.48 -24.72 39.65
C GLN H 187 51.43 -25.07 40.70
N TYR H 188 50.46 -25.88 40.30
CA TYR H 188 49.39 -26.28 41.19
C TYR H 188 49.59 -27.69 41.72
N ASN H 189 50.80 -28.22 41.53
CA ASN H 189 51.13 -29.57 41.97
C ASN H 189 50.06 -30.57 41.53
N VAL H 190 49.70 -30.54 40.26
CA VAL H 190 48.68 -31.46 39.75
C VAL H 190 49.14 -32.91 39.75
N MET H 191 48.41 -33.76 40.47
CA MET H 191 48.72 -35.18 40.51
C MET H 191 47.55 -35.91 39.89
N ALA H 192 46.49 -36.10 40.68
CA ALA H 192 45.30 -36.77 40.16
C ALA H 192 44.43 -35.72 39.47
N VAL H 193 43.78 -36.12 38.37
CA VAL H 193 42.93 -35.22 37.63
C VAL H 193 41.50 -35.74 37.66
N PRO H 194 40.51 -34.86 37.43
CA PRO H 194 40.72 -33.44 37.17
C PRO H 194 40.94 -32.58 38.41
N LYS H 195 41.78 -31.56 38.29
CA LYS H 195 42.01 -30.65 39.39
C LYS H 195 41.44 -29.33 38.93
N ILE H 196 40.56 -28.75 39.75
CA ILE H 196 39.94 -27.48 39.42
C ILE H 196 40.44 -26.35 40.32
N VAL H 197 40.78 -25.23 39.70
CA VAL H 197 41.23 -24.06 40.43
C VAL H 197 40.31 -22.92 40.01
N ILE H 198 39.73 -22.23 40.99
CA ILE H 198 38.84 -21.13 40.70
C ILE H 198 39.48 -19.80 41.13
N GLN H 199 39.71 -18.92 40.15
CA GLN H 199 40.30 -17.63 40.43
C GLN H 199 39.28 -16.50 40.32
N VAL H 200 39.41 -15.52 41.22
CA VAL H 200 38.52 -14.37 41.21
C VAL H 200 39.43 -13.16 41.12
N ASN H 201 39.22 -12.35 40.09
CA ASN H 201 40.04 -11.16 39.88
C ASN H 201 41.52 -11.49 39.72
N GLY H 202 41.81 -12.73 39.35
CA GLY H 202 43.19 -13.12 39.15
C GLY H 202 43.86 -13.89 40.27
N GLU H 203 43.20 -14.07 41.40
CA GLU H 203 43.84 -14.81 42.48
C GLU H 203 43.12 -16.10 42.83
N ASP H 204 43.90 -17.13 43.13
CA ASP H 204 43.36 -18.43 43.50
C ASP H 204 42.56 -18.29 44.78
N LYS H 205 41.30 -18.70 44.73
CA LYS H 205 40.43 -18.62 45.89
C LYS H 205 40.02 -20.00 46.40
N VAL H 206 39.89 -20.96 45.49
CA VAL H 206 39.47 -22.31 45.82
C VAL H 206 40.10 -23.39 44.93
N GLN H 207 40.29 -24.58 45.48
CA GLN H 207 40.87 -25.71 44.76
C GLN H 207 40.19 -26.98 45.19
N PHE H 208 39.99 -27.90 44.25
CA PHE H 208 39.40 -29.19 44.55
C PHE H 208 39.69 -30.16 43.41
N GLU H 209 39.50 -31.44 43.67
CA GLU H 209 39.76 -32.49 42.68
C GLU H 209 38.56 -33.40 42.47
N GLY H 210 38.37 -33.85 41.24
CA GLY H 210 37.26 -34.73 40.94
C GLY H 210 36.09 -34.06 40.25
N ALA H 211 35.11 -34.87 39.87
CA ALA H 211 33.92 -34.37 39.19
C ALA H 211 32.84 -34.03 40.21
N TYR H 212 32.89 -32.81 40.73
CA TYR H 212 31.92 -32.36 41.72
C TYR H 212 30.54 -32.20 41.09
N PRO H 213 29.49 -32.64 41.80
CA PRO H 213 28.12 -32.52 41.29
C PRO H 213 27.82 -31.05 41.05
N GLU H 214 26.82 -30.77 40.23
CA GLU H 214 26.43 -29.41 39.90
C GLU H 214 26.27 -28.47 41.09
N LYS H 215 25.39 -28.81 42.02
CA LYS H 215 25.17 -27.97 43.21
C LYS H 215 26.47 -27.65 43.94
N MET H 216 27.28 -28.67 44.19
CA MET H 216 28.53 -28.48 44.91
C MET H 216 29.58 -27.72 44.11
N PHE H 217 29.65 -27.94 42.80
CA PHE H 217 30.63 -27.24 41.99
C PHE H 217 30.28 -25.74 42.04
N LEU H 218 28.99 -25.45 41.93
CA LEU H 218 28.47 -24.09 41.96
C LEU H 218 28.73 -23.48 43.33
N GLU H 219 28.57 -24.29 44.36
CA GLU H 219 28.78 -23.88 45.74
C GLU H 219 30.23 -23.44 45.93
N LYS H 220 31.14 -24.15 45.28
CA LYS H 220 32.56 -23.80 45.35
C LYS H 220 32.78 -22.45 44.68
N LEU H 221 32.17 -22.26 43.52
CA LEU H 221 32.29 -21.03 42.76
C LEU H 221 31.76 -19.84 43.54
N LEU H 222 30.56 -19.97 44.08
CA LEU H 222 29.95 -18.88 44.84
C LEU H 222 30.75 -18.55 46.10
N SER H 223 31.38 -19.56 46.69
CA SER H 223 32.16 -19.33 47.89
C SER H 223 33.40 -18.54 47.51
N ALA H 224 33.97 -18.88 46.36
CA ALA H 224 35.17 -18.20 45.85
C ALA H 224 34.86 -16.71 45.66
N LEU H 225 33.61 -16.41 45.35
CA LEU H 225 33.19 -15.03 45.14
C LEU H 225 32.88 -14.38 46.48
N SER H 226 33.18 -15.09 47.56
CA SER H 226 32.93 -14.61 48.91
C SER H 226 31.56 -13.97 48.98
#